data_2A02
#
_entry.id   2A02
#
_cell.length_a   1.000
_cell.length_b   1.000
_cell.length_c   1.000
_cell.angle_alpha   90.00
_cell.angle_beta   90.00
_cell.angle_gamma   90.00
#
_symmetry.space_group_name_H-M   'P 1'
#
_entity_poly.entity_id   1
_entity_poly.type   'polypeptide(L)'
_entity_poly.pdbx_seq_one_letter_code
;SQEWTLDIPAQSMNSALQALAKQTDTQLLYSPEDIGGLRSSALKGRHDLQSSLRILLQGTGLRYQIDGNTVTVTASAAAK
DG
;
_entity_poly.pdbx_strand_id   A
#
# COMPACT_ATOMS: atom_id res chain seq x y z
N SER A 1 -2.96 -1.94 20.86
CA SER A 1 -3.55 -2.96 19.97
C SER A 1 -4.27 -2.32 18.78
N GLN A 2 -3.73 -1.20 18.30
CA GLN A 2 -4.32 -0.51 17.16
C GLN A 2 -3.88 -1.18 15.86
N GLU A 3 -4.26 -2.43 15.72
CA GLU A 3 -3.94 -3.23 14.54
C GLU A 3 -5.20 -3.89 14.04
N TRP A 4 -5.16 -4.42 12.84
CA TRP A 4 -6.35 -4.95 12.20
C TRP A 4 -6.07 -6.30 11.60
N THR A 5 -7.13 -7.06 11.34
CA THR A 5 -7.01 -8.32 10.65
C THR A 5 -7.29 -8.09 9.18
N LEU A 6 -6.23 -7.99 8.40
CA LEU A 6 -6.34 -7.57 7.02
C LEU A 6 -6.63 -8.74 6.09
N ASP A 7 -7.26 -8.42 4.98
CA ASP A 7 -7.49 -9.36 3.91
C ASP A 7 -7.05 -8.70 2.60
N ILE A 8 -5.84 -9.01 2.17
CA ILE A 8 -5.23 -8.33 1.04
C ILE A 8 -4.96 -9.30 -0.11
N PRO A 9 -5.46 -8.97 -1.31
CA PRO A 9 -5.20 -9.77 -2.51
C PRO A 9 -3.73 -9.77 -2.91
N ALA A 10 -3.32 -10.82 -3.59
CA ALA A 10 -1.94 -10.98 -4.04
C ALA A 10 -1.88 -10.85 -5.55
N GLN A 11 -2.89 -10.21 -6.09
CA GLN A 11 -2.99 -9.98 -7.52
C GLN A 11 -2.48 -8.58 -7.84
N SER A 12 -3.02 -7.96 -8.88
CA SER A 12 -2.63 -6.60 -9.26
C SER A 12 -2.75 -5.64 -8.07
N MET A 13 -1.67 -4.88 -7.87
CA MET A 13 -1.52 -3.93 -6.77
C MET A 13 -2.72 -3.00 -6.62
N ASN A 14 -3.33 -2.65 -7.75
CA ASN A 14 -4.49 -1.74 -7.76
C ASN A 14 -5.62 -2.29 -6.90
N SER A 15 -5.73 -3.62 -6.87
CA SER A 15 -6.78 -4.28 -6.12
C SER A 15 -6.46 -4.31 -4.63
N ALA A 16 -5.22 -4.64 -4.32
CA ALA A 16 -4.78 -4.76 -2.93
C ALA A 16 -4.94 -3.45 -2.18
N LEU A 17 -4.48 -2.37 -2.80
CA LEU A 17 -4.55 -1.06 -2.17
C LEU A 17 -6.00 -0.60 -1.98
N GLN A 18 -6.83 -0.82 -3.00
CA GLN A 18 -8.24 -0.45 -2.94
C GLN A 18 -8.96 -1.28 -1.88
N ALA A 19 -8.60 -2.55 -1.77
CA ALA A 19 -9.19 -3.44 -0.77
C ALA A 19 -8.81 -2.98 0.62
N LEU A 20 -7.56 -2.55 0.78
CA LEU A 20 -7.06 -2.10 2.07
C LEU A 20 -7.78 -0.82 2.48
N ALA A 21 -8.09 0.00 1.48
CA ALA A 21 -8.70 1.30 1.70
C ALA A 21 -10.05 1.16 2.41
N LYS A 22 -10.93 0.38 1.79
CA LYS A 22 -12.27 0.16 2.33
C LYS A 22 -12.21 -0.55 3.68
N GLN A 23 -11.27 -1.47 3.82
CA GLN A 23 -11.23 -2.34 4.98
C GLN A 23 -10.60 -1.67 6.21
N THR A 24 -9.86 -0.58 6.01
CA THR A 24 -9.25 0.13 7.14
C THR A 24 -9.71 1.58 7.23
N ASP A 25 -10.72 1.91 6.42
CA ASP A 25 -11.31 3.26 6.41
C ASP A 25 -10.27 4.31 6.04
N THR A 26 -9.51 4.04 4.98
CA THR A 26 -8.46 4.94 4.55
C THR A 26 -8.58 5.28 3.06
N GLN A 27 -8.05 6.43 2.68
CA GLN A 27 -7.99 6.84 1.30
C GLN A 27 -6.59 6.65 0.76
N LEU A 28 -6.45 5.83 -0.27
CA LEU A 28 -5.15 5.52 -0.82
C LEU A 28 -5.03 6.10 -2.22
N LEU A 29 -3.99 6.89 -2.44
CA LEU A 29 -3.76 7.53 -3.72
C LEU A 29 -2.62 6.85 -4.45
N TYR A 30 -2.93 6.34 -5.63
CA TYR A 30 -1.95 5.63 -6.44
C TYR A 30 -2.38 5.67 -7.91
N SER A 31 -1.43 5.48 -8.80
CA SER A 31 -1.72 5.47 -10.21
C SER A 31 -1.74 4.04 -10.74
N PRO A 32 -2.93 3.56 -11.17
CA PRO A 32 -3.10 2.19 -11.68
C PRO A 32 -2.28 1.93 -12.94
N GLU A 33 -2.06 2.97 -13.73
CA GLU A 33 -1.29 2.85 -14.96
C GLU A 33 0.22 2.79 -14.65
N ASP A 34 0.63 3.46 -13.58
CA ASP A 34 2.05 3.64 -13.27
C ASP A 34 2.62 2.45 -12.51
N ILE A 35 1.75 1.54 -12.10
CA ILE A 35 2.19 0.38 -11.32
C ILE A 35 2.39 -0.83 -12.22
N GLY A 36 2.12 -0.66 -13.51
CA GLY A 36 2.41 -1.69 -14.50
C GLY A 36 1.72 -3.02 -14.25
N GLY A 37 0.68 -3.00 -13.41
CA GLY A 37 -0.01 -4.23 -13.07
C GLY A 37 0.85 -5.18 -12.27
N LEU A 38 1.61 -4.64 -11.34
CA LEU A 38 2.47 -5.45 -10.48
C LEU A 38 1.64 -6.18 -9.45
N ARG A 39 2.05 -7.40 -9.10
CA ARG A 39 1.37 -8.16 -8.07
C ARG A 39 1.80 -7.68 -6.69
N SER A 40 0.84 -7.53 -5.81
CA SER A 40 1.12 -7.04 -4.48
C SER A 40 1.55 -8.17 -3.54
N SER A 41 2.26 -7.79 -2.49
CA SER A 41 2.68 -8.75 -1.48
C SER A 41 1.58 -8.87 -0.43
N ALA A 42 0.74 -9.88 -0.60
CA ALA A 42 -0.44 -10.06 0.24
C ALA A 42 -0.08 -10.19 1.71
N LEU A 43 -0.52 -9.24 2.50
CA LEU A 43 -0.34 -9.30 3.94
C LEU A 43 -1.69 -9.43 4.61
N LYS A 44 -2.19 -10.65 4.69
CA LYS A 44 -3.45 -10.91 5.34
C LYS A 44 -3.20 -11.49 6.72
N GLY A 45 -3.37 -10.66 7.73
CA GLY A 45 -3.06 -11.03 9.09
C GLY A 45 -3.28 -9.85 10.00
N ARG A 46 -2.73 -9.91 11.20
CA ARG A 46 -2.89 -8.84 12.16
C ARG A 46 -1.66 -7.92 12.16
N HIS A 47 -1.86 -6.70 11.70
CA HIS A 47 -0.80 -5.70 11.66
C HIS A 47 -1.39 -4.30 11.66
N ASP A 48 -0.56 -3.34 12.02
CA ASP A 48 -0.94 -1.92 12.01
C ASP A 48 -0.89 -1.35 10.60
N LEU A 49 -1.62 -0.27 10.36
CA LEU A 49 -1.77 0.28 9.02
C LEU A 49 -0.41 0.63 8.41
N GLN A 50 0.34 1.50 9.09
CA GLN A 50 1.65 1.96 8.61
C GLN A 50 2.59 0.79 8.43
N SER A 51 2.56 -0.13 9.38
CA SER A 51 3.41 -1.31 9.33
C SER A 51 3.06 -2.17 8.12
N SER A 52 1.77 -2.38 7.90
CA SER A 52 1.30 -3.19 6.78
C SER A 52 1.70 -2.55 5.45
N LEU A 53 1.57 -1.22 5.37
CA LEU A 53 1.97 -0.49 4.18
C LEU A 53 3.43 -0.72 3.87
N ARG A 54 4.26 -0.64 4.91
CA ARG A 54 5.69 -0.79 4.77
C ARG A 54 6.05 -2.17 4.24
N ILE A 55 5.42 -3.20 4.80
CA ILE A 55 5.70 -4.58 4.40
C ILE A 55 5.23 -4.86 2.97
N LEU A 56 4.05 -4.36 2.64
CA LEU A 56 3.45 -4.61 1.33
C LEU A 56 4.19 -3.81 0.25
N LEU A 57 4.52 -2.56 0.57
CA LEU A 57 5.14 -1.65 -0.39
C LEU A 57 6.58 -2.05 -0.66
N GLN A 58 7.32 -2.37 0.41
CA GLN A 58 8.74 -2.74 0.32
C GLN A 58 8.99 -3.73 -0.81
N GLY A 59 9.71 -3.27 -1.83
CA GLY A 59 9.98 -4.11 -2.98
C GLY A 59 9.66 -3.40 -4.29
N THR A 60 8.95 -2.28 -4.18
CA THR A 60 8.58 -1.50 -5.36
C THR A 60 9.37 -0.19 -5.45
N GLY A 61 10.30 0.00 -4.51
CA GLY A 61 11.08 1.24 -4.47
C GLY A 61 10.24 2.51 -4.37
N LEU A 62 9.03 2.39 -3.83
CA LEU A 62 8.14 3.53 -3.71
C LEU A 62 8.18 4.09 -2.29
N ARG A 63 7.59 5.26 -2.11
CA ARG A 63 7.49 5.86 -0.79
C ARG A 63 6.03 6.10 -0.42
N TYR A 64 5.62 5.59 0.72
CA TYR A 64 4.25 5.74 1.17
C TYR A 64 4.12 6.86 2.20
N GLN A 65 3.23 7.80 1.92
CA GLN A 65 2.94 8.88 2.86
C GLN A 65 1.64 8.59 3.60
N ILE A 66 1.73 8.30 4.88
CA ILE A 66 0.55 8.03 5.68
C ILE A 66 0.23 9.22 6.57
N ASP A 67 -0.91 9.85 6.32
CA ASP A 67 -1.33 11.02 7.07
C ASP A 67 -2.81 10.91 7.43
N GLY A 68 -3.09 10.53 8.67
CA GLY A 68 -4.45 10.38 9.13
C GLY A 68 -5.21 9.32 8.35
N ASN A 69 -6.10 9.76 7.47
CA ASN A 69 -6.87 8.84 6.64
C ASN A 69 -6.37 8.87 5.21
N THR A 70 -5.27 9.56 4.98
CA THR A 70 -4.71 9.70 3.65
C THR A 70 -3.43 8.90 3.51
N VAL A 71 -3.39 8.06 2.49
CA VAL A 71 -2.20 7.29 2.16
C VAL A 71 -1.79 7.60 0.72
N THR A 72 -0.67 8.28 0.56
CA THR A 72 -0.22 8.68 -0.75
C THR A 72 1.03 7.90 -1.16
N VAL A 73 0.90 7.04 -2.16
CA VAL A 73 2.00 6.25 -2.65
C VAL A 73 2.69 6.97 -3.81
N THR A 74 3.85 7.55 -3.53
CA THR A 74 4.58 8.29 -4.52
C THR A 74 5.89 7.57 -4.87
N ALA A 75 6.40 7.83 -6.07
CA ALA A 75 7.64 7.23 -6.50
C ALA A 75 8.78 8.24 -6.39
N SER A 76 9.66 8.02 -5.42
CA SER A 76 10.78 8.91 -5.20
C SER A 76 12.06 8.29 -5.76
N ALA A 77 12.49 8.78 -6.92
CA ALA A 77 13.69 8.26 -7.57
C ALA A 77 14.95 8.88 -6.98
N ALA A 78 15.07 8.80 -5.66
CA ALA A 78 16.22 9.36 -4.98
C ALA A 78 16.65 8.45 -3.83
N ALA A 79 17.91 8.01 -3.86
CA ALA A 79 18.46 7.19 -2.79
C ALA A 79 18.82 8.07 -1.59
N LYS A 80 17.81 8.72 -1.03
CA LYS A 80 18.00 9.63 0.09
C LYS A 80 16.67 9.77 0.84
N ASP A 81 16.38 8.83 1.71
CA ASP A 81 15.11 8.83 2.43
C ASP A 81 15.21 9.64 3.71
N GLY A 82 14.12 10.30 4.06
CA GLY A 82 14.09 11.11 5.26
C GLY A 82 12.69 11.22 5.82
N SER A 1 0.06 -4.62 17.97
CA SER A 1 -0.42 -3.59 18.91
C SER A 1 -1.52 -2.74 18.29
N GLN A 2 -2.77 -2.98 18.71
CA GLN A 2 -3.93 -2.30 18.15
C GLN A 2 -3.99 -2.54 16.64
N GLU A 3 -4.48 -3.71 16.27
CA GLU A 3 -4.40 -4.18 14.90
C GLU A 3 -5.76 -4.66 14.41
N TRP A 4 -5.81 -5.07 13.16
CA TRP A 4 -7.05 -5.47 12.52
C TRP A 4 -6.86 -6.77 11.76
N THR A 5 -7.96 -7.41 11.41
CA THR A 5 -7.91 -8.61 10.60
C THR A 5 -8.01 -8.21 9.14
N LEU A 6 -6.85 -8.15 8.48
CA LEU A 6 -6.79 -7.64 7.12
C LEU A 6 -6.54 -8.76 6.12
N ASP A 7 -7.01 -8.56 4.90
CA ASP A 7 -6.83 -9.51 3.83
C ASP A 7 -6.36 -8.81 2.57
N ILE A 8 -5.08 -8.98 2.24
CA ILE A 8 -4.50 -8.32 1.08
C ILE A 8 -4.28 -9.34 -0.04
N PRO A 9 -4.91 -9.10 -1.20
CA PRO A 9 -4.79 -9.97 -2.39
C PRO A 9 -3.36 -10.02 -2.93
N ALA A 10 -3.01 -11.17 -3.52
CA ALA A 10 -1.71 -11.35 -4.16
C ALA A 10 -1.85 -11.11 -5.66
N GLN A 11 -2.79 -10.24 -6.00
CA GLN A 11 -3.07 -9.86 -7.37
C GLN A 11 -2.36 -8.55 -7.67
N SER A 12 -2.91 -7.77 -8.59
CA SER A 12 -2.39 -6.44 -8.84
C SER A 12 -2.39 -5.62 -7.55
N MET A 13 -1.32 -4.86 -7.34
CA MET A 13 -1.21 -3.95 -6.19
C MET A 13 -2.43 -3.04 -6.08
N ASN A 14 -3.06 -2.81 -7.23
CA ASN A 14 -4.30 -2.04 -7.31
C ASN A 14 -5.37 -2.63 -6.39
N SER A 15 -5.45 -3.95 -6.35
CA SER A 15 -6.46 -4.64 -5.54
C SER A 15 -6.08 -4.57 -4.06
N ALA A 16 -4.81 -4.77 -3.77
CA ALA A 16 -4.30 -4.76 -2.40
C ALA A 16 -4.57 -3.42 -1.71
N LEU A 17 -4.24 -2.33 -2.40
CA LEU A 17 -4.42 -1.00 -1.84
C LEU A 17 -5.91 -0.68 -1.67
N GLN A 18 -6.71 -1.06 -2.66
CA GLN A 18 -8.15 -0.85 -2.59
C GLN A 18 -8.76 -1.64 -1.44
N ALA A 19 -8.26 -2.85 -1.23
CA ALA A 19 -8.70 -3.70 -0.13
C ALA A 19 -8.36 -3.09 1.21
N LEU A 20 -7.15 -2.55 1.33
CA LEU A 20 -6.69 -1.97 2.57
C LEU A 20 -7.50 -0.71 2.89
N ALA A 21 -7.87 0.00 1.84
CA ALA A 21 -8.60 1.26 1.96
C ALA A 21 -9.94 1.03 2.66
N LYS A 22 -10.72 0.10 2.11
CA LYS A 22 -12.03 -0.22 2.66
C LYS A 22 -11.92 -0.80 4.07
N GLN A 23 -10.94 -1.68 4.26
CA GLN A 23 -10.76 -2.39 5.53
C GLN A 23 -10.46 -1.46 6.70
N THR A 24 -9.73 -0.38 6.44
CA THR A 24 -9.30 0.50 7.52
C THR A 24 -9.96 1.88 7.42
N ASP A 25 -10.84 2.01 6.43
CA ASP A 25 -11.51 3.28 6.13
C ASP A 25 -10.48 4.38 5.87
N THR A 26 -9.53 4.07 5.02
CA THR A 26 -8.49 5.00 4.65
C THR A 26 -8.63 5.37 3.18
N GLN A 27 -8.03 6.50 2.80
CA GLN A 27 -8.06 6.92 1.41
C GLN A 27 -6.73 6.61 0.74
N LEU A 28 -6.77 5.84 -0.33
CA LEU A 28 -5.56 5.43 -1.02
C LEU A 28 -5.36 6.27 -2.26
N LEU A 29 -4.22 6.93 -2.35
CA LEU A 29 -3.88 7.76 -3.48
C LEU A 29 -2.82 7.05 -4.32
N TYR A 30 -3.26 6.43 -5.39
CA TYR A 30 -2.37 5.64 -6.24
C TYR A 30 -2.94 5.52 -7.64
N SER A 31 -2.09 5.19 -8.58
CA SER A 31 -2.53 4.95 -9.95
C SER A 31 -1.83 3.71 -10.49
N PRO A 32 -2.56 2.90 -11.28
CA PRO A 32 -1.98 1.75 -11.98
C PRO A 32 -0.82 2.18 -12.89
N GLU A 33 -0.81 3.46 -13.22
CA GLU A 33 0.27 4.06 -13.98
C GLU A 33 1.57 4.06 -13.16
N ASP A 34 1.47 4.54 -11.92
CA ASP A 34 2.64 4.74 -11.09
C ASP A 34 3.19 3.42 -10.59
N ILE A 35 2.30 2.45 -10.36
CA ILE A 35 2.70 1.17 -9.80
C ILE A 35 2.96 0.14 -10.89
N GLY A 36 2.71 0.52 -12.14
CA GLY A 36 3.00 -0.34 -13.27
C GLY A 36 2.14 -1.61 -13.30
N GLY A 37 1.15 -1.66 -12.43
CA GLY A 37 0.27 -2.83 -12.37
C GLY A 37 1.01 -4.09 -11.97
N LEU A 38 1.89 -3.98 -10.97
CA LEU A 38 2.63 -5.14 -10.49
C LEU A 38 1.83 -5.86 -9.42
N ARG A 39 2.16 -7.14 -9.18
CA ARG A 39 1.46 -7.93 -8.18
C ARG A 39 1.99 -7.65 -6.78
N SER A 40 1.08 -7.63 -5.83
CA SER A 40 1.42 -7.41 -4.44
C SER A 40 1.69 -8.73 -3.73
N SER A 41 2.43 -8.68 -2.65
CA SER A 41 2.63 -9.84 -1.81
C SER A 41 1.54 -9.91 -0.75
N ALA A 42 0.86 -11.05 -0.71
CA ALA A 42 -0.28 -11.25 0.18
C ALA A 42 0.11 -11.02 1.63
N LEU A 43 -0.32 -9.89 2.18
CA LEU A 43 -0.06 -9.58 3.56
C LEU A 43 -1.38 -9.59 4.32
N LYS A 44 -1.80 -10.77 4.74
CA LYS A 44 -3.07 -10.92 5.43
C LYS A 44 -2.84 -11.53 6.81
N GLY A 45 -3.33 -10.83 7.81
CA GLY A 45 -3.14 -11.23 9.18
C GLY A 45 -3.64 -10.17 10.13
N ARG A 46 -3.20 -10.24 11.37
CA ARG A 46 -3.56 -9.22 12.35
C ARG A 46 -2.45 -8.19 12.46
N HIS A 47 -2.61 -7.09 11.73
CA HIS A 47 -1.64 -6.01 11.73
C HIS A 47 -2.31 -4.66 11.59
N ASP A 48 -1.60 -3.61 12.00
CA ASP A 48 -2.10 -2.25 11.90
C ASP A 48 -1.79 -1.67 10.51
N LEU A 49 -2.28 -0.45 10.28
CA LEU A 49 -2.14 0.19 8.97
C LEU A 49 -0.67 0.34 8.57
N GLN A 50 0.11 0.97 9.45
CA GLN A 50 1.52 1.26 9.15
C GLN A 50 2.32 0.00 8.91
N SER A 51 2.13 -1.00 9.76
CA SER A 51 2.84 -2.27 9.62
C SER A 51 2.51 -2.92 8.28
N SER A 52 1.23 -2.92 7.92
CA SER A 52 0.80 -3.49 6.66
C SER A 52 1.46 -2.77 5.48
N LEU A 53 1.42 -1.44 5.52
CA LEU A 53 2.03 -0.63 4.46
C LEU A 53 3.54 -0.86 4.38
N ARG A 54 4.18 -0.93 5.54
CA ARG A 54 5.62 -1.09 5.61
C ARG A 54 6.06 -2.40 4.98
N ILE A 55 5.41 -3.49 5.36
CA ILE A 55 5.77 -4.81 4.87
C ILE A 55 5.35 -4.98 3.42
N LEU A 56 4.23 -4.36 3.04
CA LEU A 56 3.73 -4.45 1.67
C LEU A 56 4.66 -3.76 0.69
N LEU A 57 5.18 -2.60 1.09
CA LEU A 57 6.07 -1.83 0.23
C LEU A 57 7.53 -2.00 0.67
N GLN A 58 7.76 -3.02 1.50
CA GLN A 58 9.10 -3.37 1.97
C GLN A 58 10.07 -3.58 0.81
N GLY A 59 10.78 -2.53 0.43
CA GLY A 59 11.78 -2.63 -0.62
C GLY A 59 11.20 -2.95 -1.98
N THR A 60 9.97 -2.49 -2.24
CA THR A 60 9.35 -2.71 -3.53
C THR A 60 9.66 -1.57 -4.50
N GLY A 61 10.44 -0.60 -4.02
CA GLY A 61 10.80 0.54 -4.85
C GLY A 61 9.76 1.64 -4.79
N LEU A 62 8.65 1.37 -4.11
CA LEU A 62 7.59 2.34 -3.96
C LEU A 62 7.74 3.05 -2.62
N ARG A 63 7.31 4.29 -2.56
CA ARG A 63 7.38 5.06 -1.34
C ARG A 63 5.97 5.53 -0.99
N TYR A 64 5.73 5.84 0.27
CA TYR A 64 4.40 6.27 0.68
C TYR A 64 4.46 7.38 1.72
N GLN A 65 3.73 8.45 1.44
CA GLN A 65 3.50 9.49 2.42
C GLN A 65 2.04 9.41 2.88
N ILE A 66 1.82 9.26 4.17
CA ILE A 66 0.47 9.15 4.70
C ILE A 66 0.05 10.47 5.35
N ASP A 67 -0.70 11.26 4.59
CA ASP A 67 -1.14 12.56 5.06
C ASP A 67 -2.58 12.48 5.53
N GLY A 68 -2.78 12.70 6.83
CA GLY A 68 -4.10 12.59 7.41
C GLY A 68 -4.64 11.18 7.35
N ASN A 69 -5.66 10.98 6.54
CA ASN A 69 -6.28 9.68 6.36
C ASN A 69 -6.01 9.18 4.95
N THR A 70 -5.09 9.84 4.27
CA THR A 70 -4.79 9.52 2.88
C THR A 70 -3.38 8.95 2.75
N VAL A 71 -3.27 7.85 2.04
CA VAL A 71 -2.01 7.17 1.84
C VAL A 71 -1.58 7.31 0.38
N THR A 72 -0.45 7.96 0.16
CA THR A 72 -0.02 8.24 -1.20
C THR A 72 1.09 7.28 -1.62
N VAL A 73 0.76 6.34 -2.48
CA VAL A 73 1.71 5.37 -2.98
C VAL A 73 2.36 5.89 -4.25
N THR A 74 3.64 6.18 -4.16
CA THR A 74 4.37 6.78 -5.27
C THR A 74 5.76 6.18 -5.41
N ALA A 75 6.06 5.63 -6.57
CA ALA A 75 7.38 5.10 -6.87
C ALA A 75 8.43 6.20 -6.79
N SER A 76 9.53 5.91 -6.09
CA SER A 76 10.59 6.89 -5.93
C SER A 76 11.95 6.21 -5.77
N ALA A 77 12.55 5.85 -6.90
CA ALA A 77 13.85 5.20 -6.90
C ALA A 77 14.73 5.78 -8.02
N ALA A 78 15.73 6.56 -7.61
CA ALA A 78 16.63 7.19 -8.56
C ALA A 78 17.87 7.68 -7.84
N ALA A 79 18.80 8.27 -8.60
CA ALA A 79 20.02 8.86 -8.04
C ALA A 79 20.87 7.82 -7.31
N LYS A 80 21.12 6.70 -7.97
CA LYS A 80 21.96 5.66 -7.40
C LYS A 80 23.37 5.76 -8.00
N ASP A 81 24.38 5.47 -7.18
CA ASP A 81 25.78 5.57 -7.58
C ASP A 81 26.15 7.02 -7.85
N GLY A 82 25.84 7.88 -6.90
CA GLY A 82 26.17 9.29 -7.03
C GLY A 82 27.46 9.63 -6.33
N SER A 1 -1.26 -2.54 19.37
CA SER A 1 -2.34 -2.19 20.31
C SER A 1 -3.61 -1.84 19.55
N GLN A 2 -3.44 -1.35 18.32
CA GLN A 2 -4.57 -0.95 17.49
C GLN A 2 -4.38 -1.49 16.07
N GLU A 3 -4.72 -2.77 15.88
CA GLU A 3 -4.53 -3.43 14.59
C GLU A 3 -5.86 -3.75 13.94
N TRP A 4 -5.79 -4.28 12.72
CA TRP A 4 -6.96 -4.71 11.99
C TRP A 4 -6.71 -6.09 11.40
N THR A 5 -7.77 -6.82 11.10
CA THR A 5 -7.65 -8.10 10.42
C THR A 5 -7.81 -7.87 8.92
N LEU A 6 -6.70 -7.90 8.22
CA LEU A 6 -6.66 -7.48 6.82
C LEU A 6 -6.79 -8.67 5.87
N ASP A 7 -7.25 -8.37 4.67
CA ASP A 7 -7.30 -9.34 3.59
C ASP A 7 -6.92 -8.65 2.30
N ILE A 8 -5.73 -8.95 1.82
CA ILE A 8 -5.18 -8.29 0.65
C ILE A 8 -4.88 -9.31 -0.44
N PRO A 9 -5.45 -9.08 -1.64
CA PRO A 9 -5.25 -9.94 -2.81
C PRO A 9 -3.78 -10.11 -3.20
N ALA A 10 -3.52 -11.14 -4.00
CA ALA A 10 -2.17 -11.46 -4.44
C ALA A 10 -2.10 -11.34 -5.95
N GLN A 11 -2.98 -10.51 -6.47
CA GLN A 11 -3.08 -10.24 -7.88
C GLN A 11 -2.50 -8.87 -8.18
N SER A 12 -3.02 -8.21 -9.19
CA SER A 12 -2.61 -6.86 -9.52
C SER A 12 -2.77 -5.93 -8.30
N MET A 13 -1.67 -5.22 -8.01
CA MET A 13 -1.55 -4.37 -6.83
C MET A 13 -2.71 -3.37 -6.69
N ASN A 14 -3.30 -2.95 -7.82
CA ASN A 14 -4.40 -2.00 -7.81
C ASN A 14 -5.58 -2.51 -7.00
N SER A 15 -5.84 -3.81 -7.09
CA SER A 15 -6.96 -4.42 -6.38
C SER A 15 -6.62 -4.56 -4.90
N ALA A 16 -5.37 -4.93 -4.64
CA ALA A 16 -4.89 -5.11 -3.29
C ALA A 16 -4.98 -3.83 -2.48
N LEU A 17 -4.57 -2.72 -3.09
CA LEU A 17 -4.59 -1.43 -2.42
C LEU A 17 -6.01 -1.01 -2.08
N GLN A 18 -6.93 -1.27 -3.00
CA GLN A 18 -8.34 -0.96 -2.77
C GLN A 18 -8.88 -1.78 -1.61
N ALA A 19 -8.45 -3.02 -1.51
CA ALA A 19 -8.88 -3.91 -0.43
C ALA A 19 -8.34 -3.43 0.91
N LEU A 20 -7.08 -3.02 0.93
CA LEU A 20 -6.45 -2.54 2.17
C LEU A 20 -7.13 -1.26 2.63
N ALA A 21 -7.51 -0.43 1.66
CA ALA A 21 -8.14 0.84 1.94
C ALA A 21 -9.46 0.64 2.65
N LYS A 22 -10.33 -0.15 2.04
CA LYS A 22 -11.66 -0.41 2.58
C LYS A 22 -11.58 -1.15 3.92
N GLN A 23 -10.60 -2.02 4.05
CA GLN A 23 -10.45 -2.82 5.26
C GLN A 23 -10.11 -1.95 6.47
N THR A 24 -9.48 -0.81 6.24
CA THR A 24 -9.07 0.07 7.33
C THR A 24 -9.81 1.41 7.30
N ASP A 25 -10.71 1.54 6.33
CA ASP A 25 -11.48 2.77 6.12
C ASP A 25 -10.55 3.95 5.86
N THR A 26 -9.49 3.70 5.11
CA THR A 26 -8.50 4.72 4.81
C THR A 26 -8.53 5.10 3.34
N GLN A 27 -7.88 6.20 3.00
CA GLN A 27 -7.78 6.63 1.61
C GLN A 27 -6.39 6.32 1.09
N LEU A 28 -6.32 5.50 0.05
CA LEU A 28 -5.06 5.17 -0.57
C LEU A 28 -5.04 5.76 -1.97
N LEU A 29 -4.13 6.70 -2.17
CA LEU A 29 -4.04 7.41 -3.44
C LEU A 29 -2.88 6.87 -4.26
N TYR A 30 -3.19 6.40 -5.46
CA TYR A 30 -2.19 5.78 -6.32
C TYR A 30 -2.63 5.82 -7.78
N SER A 31 -1.65 5.76 -8.68
CA SER A 31 -1.92 5.75 -10.10
C SER A 31 -1.73 4.33 -10.65
N PRO A 32 -2.78 3.79 -11.28
CA PRO A 32 -2.83 2.39 -11.74
C PRO A 32 -1.74 2.05 -12.75
N GLU A 33 -1.42 2.99 -13.64
CA GLU A 33 -0.40 2.77 -14.65
C GLU A 33 1.00 2.83 -14.03
N ASP A 34 1.12 3.58 -12.94
CA ASP A 34 2.42 3.89 -12.36
C ASP A 34 2.87 2.83 -11.38
N ILE A 35 2.04 1.82 -11.17
CA ILE A 35 2.43 0.68 -10.33
C ILE A 35 2.83 -0.50 -11.21
N GLY A 36 2.92 -0.24 -12.51
CA GLY A 36 3.46 -1.21 -13.46
C GLY A 36 2.61 -2.46 -13.63
N GLY A 37 1.43 -2.48 -13.02
CA GLY A 37 0.60 -3.67 -13.07
C GLY A 37 1.27 -4.85 -12.39
N LEU A 38 1.95 -4.58 -11.30
CA LEU A 38 2.70 -5.59 -10.57
C LEU A 38 1.77 -6.34 -9.62
N ARG A 39 2.16 -7.54 -9.23
CA ARG A 39 1.42 -8.29 -8.22
C ARG A 39 1.79 -7.78 -6.84
N SER A 40 0.80 -7.76 -5.97
CA SER A 40 0.99 -7.31 -4.61
C SER A 40 1.42 -8.46 -3.71
N SER A 41 2.09 -8.12 -2.62
CA SER A 41 2.45 -9.10 -1.62
C SER A 41 1.31 -9.21 -0.61
N ALA A 42 0.50 -10.25 -0.78
CA ALA A 42 -0.69 -10.46 0.02
C ALA A 42 -0.38 -10.50 1.50
N LEU A 43 -0.83 -9.50 2.23
CA LEU A 43 -0.65 -9.44 3.66
C LEU A 43 -2.00 -9.52 4.35
N LYS A 44 -2.41 -10.73 4.68
CA LYS A 44 -3.69 -10.96 5.32
C LYS A 44 -3.48 -11.50 6.73
N GLY A 45 -3.80 -10.68 7.71
CA GLY A 45 -3.55 -11.00 9.10
C GLY A 45 -3.84 -9.83 10.00
N ARG A 46 -3.32 -9.87 11.22
CA ARG A 46 -3.57 -8.82 12.18
C ARG A 46 -2.41 -7.83 12.20
N HIS A 47 -2.54 -6.76 11.45
CA HIS A 47 -1.48 -5.76 11.35
C HIS A 47 -2.07 -4.36 11.34
N ASP A 48 -1.23 -3.39 11.67
CA ASP A 48 -1.62 -1.98 11.64
C ASP A 48 -1.33 -1.40 10.26
N LEU A 49 -1.83 -0.20 10.01
CA LEU A 49 -1.75 0.40 8.68
C LEU A 49 -0.31 0.56 8.20
N GLN A 50 0.50 1.29 8.98
CA GLN A 50 1.86 1.62 8.57
C GLN A 50 2.71 0.37 8.36
N SER A 51 2.61 -0.59 9.27
CA SER A 51 3.39 -1.83 9.15
C SER A 51 2.99 -2.59 7.89
N SER A 52 1.70 -2.61 7.59
CA SER A 52 1.22 -3.26 6.38
C SER A 52 1.78 -2.59 5.13
N LEU A 53 1.83 -1.26 5.17
CA LEU A 53 2.38 -0.49 4.07
C LEU A 53 3.86 -0.84 3.86
N ARG A 54 4.58 -1.02 4.96
CA ARG A 54 5.99 -1.39 4.91
C ARG A 54 6.18 -2.75 4.23
N ILE A 55 5.48 -3.76 4.74
CA ILE A 55 5.64 -5.13 4.25
C ILE A 55 5.25 -5.24 2.78
N LEU A 56 4.22 -4.50 2.38
CA LEU A 56 3.73 -4.56 1.00
C LEU A 56 4.68 -3.81 0.07
N LEU A 57 5.24 -2.70 0.55
CA LEU A 57 6.08 -1.85 -0.29
C LEU A 57 7.56 -1.98 0.07
N GLN A 58 7.94 -3.12 0.65
CA GLN A 58 9.34 -3.38 1.00
C GLN A 58 10.29 -3.09 -0.17
N GLY A 59 10.18 -3.88 -1.23
CA GLY A 59 11.07 -3.72 -2.36
C GLY A 59 10.32 -3.59 -3.66
N THR A 60 9.23 -2.83 -3.65
CA THR A 60 8.45 -2.60 -4.85
C THR A 60 8.93 -1.36 -5.60
N GLY A 61 9.74 -0.56 -4.93
CA GLY A 61 10.25 0.66 -5.55
C GLY A 61 9.32 1.84 -5.35
N LEU A 62 8.27 1.64 -4.57
CA LEU A 62 7.30 2.69 -4.31
C LEU A 62 7.38 3.14 -2.87
N ARG A 63 6.93 4.37 -2.61
CA ARG A 63 6.94 4.90 -1.26
C ARG A 63 5.53 5.33 -0.87
N TYR A 64 5.35 5.72 0.37
CA TYR A 64 4.04 6.11 0.86
C TYR A 64 4.12 7.31 1.80
N GLN A 65 3.30 8.30 1.54
CA GLN A 65 3.13 9.42 2.46
C GLN A 65 1.87 9.21 3.28
N ILE A 66 2.05 8.97 4.57
CA ILE A 66 0.92 8.67 5.44
C ILE A 66 0.54 9.88 6.28
N ASP A 67 -0.71 10.31 6.13
CA ASP A 67 -1.22 11.45 6.88
C ASP A 67 -2.55 11.07 7.53
N GLY A 68 -2.48 10.66 8.79
CA GLY A 68 -3.67 10.26 9.52
C GLY A 68 -4.31 9.01 8.97
N ASN A 69 -5.37 9.18 8.18
CA ASN A 69 -6.09 8.06 7.58
C ASN A 69 -6.02 8.13 6.06
N THR A 70 -5.20 9.05 5.57
CA THR A 70 -5.00 9.21 4.14
C THR A 70 -3.55 8.92 3.77
N VAL A 71 -3.36 8.06 2.78
CA VAL A 71 -2.03 7.64 2.38
C VAL A 71 -1.84 7.86 0.88
N THR A 72 -0.70 8.46 0.52
CA THR A 72 -0.40 8.72 -0.88
C THR A 72 0.79 7.88 -1.32
N VAL A 73 0.56 6.99 -2.28
CA VAL A 73 1.61 6.14 -2.81
C VAL A 73 2.43 6.91 -3.85
N THR A 74 3.69 7.12 -3.55
CA THR A 74 4.56 7.90 -4.41
C THR A 74 5.49 6.98 -5.19
N ALA A 75 5.60 7.21 -6.49
CA ALA A 75 6.42 6.39 -7.36
C ALA A 75 7.83 6.96 -7.44
N SER A 76 8.81 6.11 -7.67
CA SER A 76 10.17 6.56 -7.78
C SER A 76 10.65 6.41 -9.22
N ALA A 77 10.98 7.53 -9.84
CA ALA A 77 11.47 7.53 -11.22
C ALA A 77 12.97 7.36 -11.27
N ALA A 78 13.69 8.40 -10.83
CA ALA A 78 15.15 8.38 -10.76
C ALA A 78 15.65 9.71 -10.23
N ALA A 79 15.55 10.74 -11.05
CA ALA A 79 15.97 12.07 -10.67
C ALA A 79 14.89 13.09 -11.00
N LYS A 80 13.66 12.78 -10.60
CA LYS A 80 12.53 13.65 -10.84
C LYS A 80 11.91 14.08 -9.52
N ASP A 81 12.61 14.95 -8.78
CA ASP A 81 12.10 15.42 -7.51
C ASP A 81 11.21 16.63 -7.74
N GLY A 82 9.91 16.40 -7.68
CA GLY A 82 8.94 17.43 -7.92
C GLY A 82 7.57 16.84 -8.13
N SER A 1 -2.55 1.46 18.27
CA SER A 1 -3.80 1.74 19.02
C SER A 1 -4.85 0.69 18.70
N GLN A 2 -5.09 0.46 17.41
CA GLN A 2 -6.02 -0.56 16.97
C GLN A 2 -5.42 -1.33 15.81
N GLU A 3 -5.49 -2.65 15.88
CA GLU A 3 -4.98 -3.50 14.82
C GLU A 3 -6.14 -4.01 13.98
N TRP A 4 -5.83 -4.44 12.77
CA TRP A 4 -6.82 -4.97 11.87
C TRP A 4 -6.41 -6.36 11.40
N THR A 5 -7.39 -7.21 11.14
CA THR A 5 -7.13 -8.48 10.53
C THR A 5 -7.38 -8.34 9.03
N LEU A 6 -6.31 -8.14 8.29
CA LEU A 6 -6.40 -7.80 6.89
C LEU A 6 -6.45 -9.02 6.00
N ASP A 7 -6.99 -8.84 4.80
CA ASP A 7 -7.00 -9.88 3.78
C ASP A 7 -6.64 -9.24 2.45
N ILE A 8 -5.38 -9.35 2.08
CA ILE A 8 -4.85 -8.65 0.92
C ILE A 8 -4.63 -9.60 -0.24
N PRO A 9 -5.28 -9.31 -1.39
CA PRO A 9 -5.12 -10.07 -2.62
C PRO A 9 -3.67 -10.13 -3.10
N ALA A 10 -3.36 -11.11 -3.94
CA ALA A 10 -2.01 -11.30 -4.45
C ALA A 10 -1.98 -11.16 -5.96
N GLN A 11 -2.94 -10.39 -6.47
CA GLN A 11 -3.04 -10.15 -7.89
C GLN A 11 -2.66 -8.71 -8.19
N SER A 12 -3.33 -8.11 -9.17
CA SER A 12 -3.09 -6.73 -9.53
C SER A 12 -3.19 -5.82 -8.30
N MET A 13 -2.14 -5.02 -8.10
CA MET A 13 -2.02 -4.09 -6.98
C MET A 13 -3.27 -3.23 -6.82
N ASN A 14 -3.88 -2.90 -7.95
CA ASN A 14 -5.09 -2.08 -7.97
C ASN A 14 -6.22 -2.69 -7.13
N SER A 15 -6.28 -4.01 -7.09
CA SER A 15 -7.32 -4.70 -6.35
C SER A 15 -6.98 -4.72 -4.87
N ALA A 16 -5.74 -5.06 -4.57
CA ALA A 16 -5.27 -5.21 -3.21
C ALA A 16 -5.34 -3.88 -2.44
N LEU A 17 -4.91 -2.80 -3.09
CA LEU A 17 -4.93 -1.49 -2.46
C LEU A 17 -6.36 -1.03 -2.21
N GLN A 18 -7.22 -1.25 -3.19
CA GLN A 18 -8.63 -0.88 -3.04
C GLN A 18 -9.27 -1.67 -1.91
N ALA A 19 -8.87 -2.94 -1.78
CA ALA A 19 -9.38 -3.79 -0.72
C ALA A 19 -8.97 -3.25 0.64
N LEU A 20 -7.70 -2.82 0.74
CA LEU A 20 -7.15 -2.33 2.00
C LEU A 20 -7.86 -1.04 2.41
N ALA A 21 -8.22 -0.25 1.41
CA ALA A 21 -8.87 1.02 1.63
C ALA A 21 -10.22 0.82 2.32
N LYS A 22 -10.97 -0.17 1.81
CA LYS A 22 -12.27 -0.51 2.38
C LYS A 22 -12.12 -1.01 3.82
N GLN A 23 -11.18 -1.93 4.01
CA GLN A 23 -11.01 -2.62 5.28
C GLN A 23 -10.68 -1.65 6.42
N THR A 24 -9.98 -0.58 6.11
CA THR A 24 -9.56 0.37 7.14
C THR A 24 -10.30 1.69 7.01
N ASP A 25 -11.13 1.79 5.97
CA ASP A 25 -11.92 2.98 5.67
C ASP A 25 -11.01 4.19 5.49
N THR A 26 -9.90 3.97 4.82
CA THR A 26 -8.90 5.02 4.61
C THR A 26 -8.92 5.53 3.17
N GLN A 27 -8.12 6.55 2.91
CA GLN A 27 -7.96 7.08 1.57
C GLN A 27 -6.58 6.73 1.04
N LEU A 28 -6.53 5.87 0.03
CA LEU A 28 -5.27 5.44 -0.55
C LEU A 28 -5.12 6.05 -1.93
N LEU A 29 -4.15 6.92 -2.07
CA LEU A 29 -3.91 7.61 -3.33
C LEU A 29 -2.69 7.04 -4.02
N TYR A 30 -2.88 6.51 -5.20
CA TYR A 30 -1.82 5.89 -5.95
C TYR A 30 -2.07 6.08 -7.43
N SER A 31 -1.02 6.08 -8.22
CA SER A 31 -1.15 6.20 -9.66
C SER A 31 -1.07 4.82 -10.30
N PRO A 32 -2.23 4.28 -10.74
CA PRO A 32 -2.30 2.96 -11.38
C PRO A 32 -1.41 2.88 -12.61
N GLU A 33 -1.22 4.00 -13.28
CA GLU A 33 -0.36 4.08 -14.43
C GLU A 33 1.11 3.94 -14.02
N ASP A 34 1.45 4.52 -12.88
CA ASP A 34 2.83 4.61 -12.44
C ASP A 34 3.29 3.36 -11.68
N ILE A 35 2.39 2.40 -11.48
CA ILE A 35 2.76 1.17 -10.80
C ILE A 35 3.04 0.04 -11.79
N GLY A 36 2.80 0.32 -13.06
CA GLY A 36 3.13 -0.62 -14.13
C GLY A 36 2.37 -1.94 -14.05
N GLY A 37 1.29 -1.96 -13.28
CA GLY A 37 0.51 -3.17 -13.15
C GLY A 37 1.25 -4.30 -12.45
N LEU A 38 1.81 -4.00 -11.29
CA LEU A 38 2.53 -5.00 -10.50
C LEU A 38 1.54 -5.84 -9.69
N ARG A 39 2.01 -6.96 -9.17
CA ARG A 39 1.19 -7.79 -8.29
C ARG A 39 1.55 -7.50 -6.84
N SER A 40 0.57 -7.62 -5.97
CA SER A 40 0.76 -7.35 -4.57
C SER A 40 1.21 -8.59 -3.81
N SER A 41 1.95 -8.36 -2.74
CA SER A 41 2.39 -9.43 -1.87
C SER A 41 1.33 -9.69 -0.82
N ALA A 42 0.82 -10.92 -0.81
CA ALA A 42 -0.26 -11.30 0.11
C ALA A 42 0.17 -11.12 1.57
N LEU A 43 -0.27 -10.03 2.17
CA LEU A 43 -0.01 -9.76 3.56
C LEU A 43 -1.32 -9.71 4.33
N LYS A 44 -1.82 -10.86 4.72
CA LYS A 44 -3.09 -10.94 5.42
C LYS A 44 -2.90 -11.49 6.81
N GLY A 45 -3.28 -10.68 7.80
CA GLY A 45 -3.11 -11.06 9.17
C GLY A 45 -3.47 -9.92 10.10
N ARG A 46 -3.05 -10.01 11.35
CA ARG A 46 -3.36 -8.97 12.33
C ARG A 46 -2.15 -8.09 12.57
N HIS A 47 -2.21 -6.86 12.10
CA HIS A 47 -1.14 -5.89 12.32
C HIS A 47 -1.68 -4.46 12.26
N ASP A 48 -0.80 -3.52 12.58
CA ASP A 48 -1.14 -2.10 12.51
C ASP A 48 -1.06 -1.61 11.07
N LEU A 49 -1.81 -0.57 10.74
CA LEU A 49 -1.88 -0.08 9.36
C LEU A 49 -0.50 0.30 8.84
N GLN A 50 0.23 1.11 9.61
CA GLN A 50 1.53 1.63 9.18
C GLN A 50 2.51 0.49 8.92
N SER A 51 2.55 -0.48 9.83
CA SER A 51 3.42 -1.64 9.68
C SER A 51 3.08 -2.43 8.42
N SER A 52 1.79 -2.55 8.13
CA SER A 52 1.33 -3.24 6.92
C SER A 52 1.89 -2.54 5.68
N LEU A 53 1.71 -1.22 5.63
CA LEU A 53 2.22 -0.42 4.51
C LEU A 53 3.73 -0.57 4.38
N ARG A 54 4.40 -0.60 5.52
CA ARG A 54 5.85 -0.73 5.57
C ARG A 54 6.30 -2.00 4.87
N ILE A 55 5.63 -3.12 5.16
CA ILE A 55 6.01 -4.42 4.62
C ILE A 55 5.58 -4.57 3.17
N LEU A 56 4.38 -4.09 2.86
CA LEU A 56 3.80 -4.28 1.53
C LEU A 56 4.54 -3.43 0.49
N LEU A 57 4.84 -2.19 0.83
CA LEU A 57 5.42 -1.25 -0.13
C LEU A 57 6.89 -1.56 -0.43
N GLN A 58 7.68 -1.81 0.61
CA GLN A 58 9.11 -2.05 0.44
C GLN A 58 9.38 -3.12 -0.63
N GLY A 59 10.06 -2.71 -1.69
CA GLY A 59 10.38 -3.63 -2.76
C GLY A 59 9.79 -3.20 -4.08
N THR A 60 8.84 -2.28 -4.03
CA THR A 60 8.19 -1.79 -5.23
C THR A 60 8.93 -0.59 -5.83
N GLY A 61 9.91 -0.07 -5.09
CA GLY A 61 10.62 1.10 -5.54
C GLY A 61 9.87 2.40 -5.30
N LEU A 62 8.72 2.28 -4.67
CA LEU A 62 7.87 3.44 -4.43
C LEU A 62 8.00 3.90 -2.98
N ARG A 63 7.54 5.11 -2.71
CA ARG A 63 7.59 5.68 -1.37
C ARG A 63 6.19 5.92 -0.86
N TYR A 64 5.93 5.49 0.37
CA TYR A 64 4.62 5.68 0.96
C TYR A 64 4.64 6.86 1.94
N GLN A 65 3.83 7.86 1.62
CA GLN A 65 3.68 9.02 2.49
C GLN A 65 2.32 9.00 3.16
N ILE A 66 2.29 9.26 4.46
CA ILE A 66 1.05 9.23 5.22
C ILE A 66 0.68 10.61 5.73
N ASP A 67 -0.57 11.00 5.49
CA ASP A 67 -1.09 12.28 5.94
C ASP A 67 -2.44 12.08 6.62
N GLY A 68 -2.42 12.05 7.95
CA GLY A 68 -3.62 11.78 8.71
C GLY A 68 -4.14 10.37 8.48
N ASN A 69 -5.13 10.25 7.60
CA ASN A 69 -5.65 8.95 7.20
C ASN A 69 -5.59 8.82 5.69
N THR A 70 -4.71 9.62 5.12
CA THR A 70 -4.49 9.62 3.69
C THR A 70 -3.11 9.05 3.38
N VAL A 71 -3.04 8.11 2.45
CA VAL A 71 -1.77 7.50 2.09
C VAL A 71 -1.46 7.76 0.62
N THR A 72 -0.29 8.32 0.35
CA THR A 72 0.09 8.66 -1.00
C THR A 72 1.27 7.81 -1.45
N VAL A 73 1.03 6.98 -2.48
CA VAL A 73 2.07 6.14 -3.03
C VAL A 73 2.68 6.78 -4.26
N THR A 74 3.87 7.35 -4.10
CA THR A 74 4.53 8.06 -5.18
C THR A 74 5.99 7.61 -5.31
N ALA A 75 6.61 7.95 -6.42
CA ALA A 75 8.01 7.62 -6.65
C ALA A 75 8.85 8.88 -6.57
N SER A 76 9.99 8.79 -5.88
CA SER A 76 10.85 9.95 -5.64
C SER A 76 10.07 11.04 -4.89
N ALA A 77 10.59 12.26 -4.86
CA ALA A 77 9.91 13.35 -4.19
C ALA A 77 9.96 14.63 -5.03
N ALA A 78 8.90 14.88 -5.78
CA ALA A 78 8.80 16.09 -6.59
C ALA A 78 8.25 17.24 -5.76
N ALA A 79 8.48 18.47 -6.19
CA ALA A 79 8.05 19.63 -5.41
C ALA A 79 6.54 19.82 -5.45
N LYS A 80 6.04 20.43 -6.51
CA LYS A 80 4.61 20.64 -6.69
C LYS A 80 4.19 20.18 -8.07
N ASP A 81 4.47 21.01 -9.07
CA ASP A 81 4.23 20.66 -10.46
C ASP A 81 5.50 20.06 -11.04
N GLY A 82 6.62 20.40 -10.41
CA GLY A 82 7.91 19.91 -10.83
C GLY A 82 9.00 20.40 -9.91
N SER A 1 -2.01 -3.50 20.42
CA SER A 1 -2.75 -2.24 20.33
C SER A 1 -2.68 -1.69 18.90
N GLN A 2 -3.80 -1.18 18.41
CA GLN A 2 -3.89 -0.62 17.06
C GLN A 2 -3.52 -1.64 16.00
N GLU A 3 -4.14 -2.80 16.09
CA GLU A 3 -3.95 -3.84 15.10
C GLU A 3 -5.29 -4.22 14.49
N TRP A 4 -5.27 -4.65 13.25
CA TRP A 4 -6.50 -5.00 12.55
C TRP A 4 -6.32 -6.33 11.83
N THR A 5 -7.43 -6.97 11.51
CA THR A 5 -7.37 -8.20 10.74
C THR A 5 -7.48 -7.86 9.26
N LEU A 6 -6.33 -7.81 8.62
CA LEU A 6 -6.24 -7.37 7.24
C LEU A 6 -6.22 -8.56 6.29
N ASP A 7 -6.72 -8.36 5.09
CA ASP A 7 -6.66 -9.38 4.06
C ASP A 7 -6.30 -8.72 2.73
N ILE A 8 -5.02 -8.80 2.39
CA ILE A 8 -4.51 -8.18 1.18
C ILE A 8 -4.29 -9.23 0.09
N PRO A 9 -4.91 -8.99 -1.09
CA PRO A 9 -4.80 -9.87 -2.25
C PRO A 9 -3.38 -10.06 -2.74
N ALA A 10 -3.17 -11.11 -3.54
CA ALA A 10 -1.86 -11.44 -4.08
C ALA A 10 -1.86 -11.20 -5.58
N GLN A 11 -2.73 -10.31 -5.99
CA GLN A 11 -2.84 -9.91 -7.38
C GLN A 11 -2.26 -8.52 -7.55
N SER A 12 -2.65 -7.82 -8.61
CA SER A 12 -2.21 -6.45 -8.83
C SER A 12 -2.43 -5.59 -7.57
N MET A 13 -1.38 -4.85 -7.20
CA MET A 13 -1.40 -3.95 -6.03
C MET A 13 -2.60 -3.02 -6.07
N ASN A 14 -3.11 -2.77 -7.26
CA ASN A 14 -4.30 -1.97 -7.48
C ASN A 14 -5.46 -2.51 -6.63
N SER A 15 -5.63 -3.83 -6.62
CA SER A 15 -6.73 -4.45 -5.88
C SER A 15 -6.40 -4.50 -4.38
N ALA A 16 -5.12 -4.69 -4.08
CA ALA A 16 -4.66 -4.72 -2.70
C ALA A 16 -4.92 -3.38 -2.02
N LEU A 17 -4.67 -2.30 -2.74
CA LEU A 17 -4.93 -0.96 -2.23
C LEU A 17 -6.43 -0.76 -2.01
N GLN A 18 -7.24 -1.25 -2.95
CA GLN A 18 -8.69 -1.18 -2.80
C GLN A 18 -9.15 -1.92 -1.55
N ALA A 19 -8.51 -3.06 -1.30
CA ALA A 19 -8.83 -3.87 -0.13
C ALA A 19 -8.44 -3.15 1.15
N LEU A 20 -7.28 -2.50 1.15
CA LEU A 20 -6.81 -1.75 2.30
C LEU A 20 -7.70 -0.54 2.57
N ALA A 21 -8.19 0.06 1.49
CA ALA A 21 -9.00 1.26 1.58
C ALA A 21 -10.27 1.00 2.39
N LYS A 22 -11.11 0.10 1.88
CA LYS A 22 -12.34 -0.27 2.57
C LYS A 22 -12.06 -0.94 3.91
N GLN A 23 -10.88 -1.56 4.02
CA GLN A 23 -10.47 -2.24 5.23
C GLN A 23 -10.39 -1.26 6.40
N THR A 24 -9.83 -0.08 6.13
CA THR A 24 -9.59 0.92 7.17
C THR A 24 -10.31 2.23 6.87
N ASP A 25 -11.32 2.15 5.98
CA ASP A 25 -12.07 3.31 5.49
C ASP A 25 -11.17 4.52 5.20
N THR A 26 -10.02 4.24 4.58
CA THR A 26 -9.03 5.28 4.32
C THR A 26 -9.13 5.78 2.89
N GLN A 27 -8.40 6.85 2.60
CA GLN A 27 -8.39 7.45 1.28
C GLN A 27 -7.08 7.14 0.57
N LEU A 28 -7.17 6.76 -0.69
CA LEU A 28 -5.99 6.41 -1.45
C LEU A 28 -5.60 7.52 -2.40
N LEU A 29 -4.33 7.87 -2.39
CA LEU A 29 -3.78 8.89 -3.27
C LEU A 29 -2.65 8.30 -4.11
N TYR A 30 -2.96 7.98 -5.37
CA TYR A 30 -1.99 7.38 -6.25
C TYR A 30 -2.51 7.39 -7.69
N SER A 31 -1.60 7.21 -8.62
CA SER A 31 -1.96 7.12 -10.03
C SER A 31 -1.94 5.66 -10.46
N PRO A 32 -3.14 5.11 -10.76
CA PRO A 32 -3.33 3.66 -11.03
C PRO A 32 -2.42 3.11 -12.13
N GLU A 33 -2.20 3.88 -13.17
CA GLU A 33 -1.39 3.43 -14.29
C GLU A 33 0.10 3.49 -13.96
N ASP A 34 0.44 4.24 -12.92
CA ASP A 34 1.84 4.48 -12.58
C ASP A 34 2.39 3.43 -11.63
N ILE A 35 1.57 2.47 -11.23
CA ILE A 35 2.03 1.39 -10.34
C ILE A 35 2.38 0.14 -11.15
N GLY A 36 2.20 0.24 -12.46
CA GLY A 36 2.61 -0.83 -13.37
C GLY A 36 1.95 -2.17 -13.10
N GLY A 37 0.81 -2.14 -12.40
CA GLY A 37 0.10 -3.36 -12.08
C GLY A 37 0.96 -4.38 -11.36
N LEU A 38 1.83 -3.90 -10.48
CA LEU A 38 2.72 -4.77 -9.72
C LEU A 38 1.90 -5.61 -8.74
N ARG A 39 2.06 -6.93 -8.78
CA ARG A 39 1.31 -7.79 -7.88
C ARG A 39 1.95 -7.84 -6.50
N SER A 40 1.11 -7.79 -5.50
CA SER A 40 1.55 -7.82 -4.12
C SER A 40 1.57 -9.25 -3.59
N SER A 41 2.27 -9.44 -2.49
CA SER A 41 2.26 -10.72 -1.80
C SER A 41 1.09 -10.75 -0.84
N ALA A 42 0.43 -11.89 -0.74
CA ALA A 42 -0.74 -12.06 0.13
C ALA A 42 -0.37 -11.73 1.57
N LEU A 43 -0.75 -10.54 2.00
CA LEU A 43 -0.45 -10.08 3.34
C LEU A 43 -1.73 -10.02 4.16
N LYS A 44 -1.97 -11.04 4.96
CA LYS A 44 -3.16 -11.07 5.76
C LYS A 44 -2.87 -11.54 7.17
N GLY A 45 -3.22 -10.71 8.14
CA GLY A 45 -2.99 -11.03 9.53
C GLY A 45 -3.38 -9.88 10.42
N ARG A 46 -2.93 -9.90 11.66
CA ARG A 46 -3.24 -8.84 12.61
C ARG A 46 -2.11 -7.82 12.62
N HIS A 47 -2.24 -6.76 11.85
CA HIS A 47 -1.17 -5.78 11.70
C HIS A 47 -1.71 -4.35 11.71
N ASP A 48 -0.80 -3.41 11.93
CA ASP A 48 -1.12 -1.99 11.82
C ASP A 48 -1.14 -1.59 10.35
N LEU A 49 -1.86 -0.54 10.01
CA LEU A 49 -1.97 -0.10 8.61
C LEU A 49 -0.59 0.17 8.01
N GLN A 50 0.22 0.92 8.76
CA GLN A 50 1.56 1.28 8.33
C GLN A 50 2.42 0.03 8.20
N SER A 51 2.18 -0.94 9.06
CA SER A 51 2.91 -2.21 9.02
C SER A 51 2.64 -2.91 7.69
N SER A 52 1.37 -2.95 7.29
CA SER A 52 0.98 -3.57 6.04
C SER A 52 1.64 -2.86 4.86
N LEU A 53 1.63 -1.53 4.89
CA LEU A 53 2.20 -0.72 3.82
C LEU A 53 3.70 -0.94 3.72
N ARG A 54 4.37 -0.99 4.86
CA ARG A 54 5.83 -1.13 4.91
C ARG A 54 6.26 -2.49 4.38
N ILE A 55 5.57 -3.54 4.80
CA ILE A 55 5.91 -4.89 4.37
C ILE A 55 5.74 -5.04 2.85
N LEU A 56 4.63 -4.52 2.35
CA LEU A 56 4.32 -4.63 0.92
C LEU A 56 5.25 -3.76 0.07
N LEU A 57 5.35 -2.49 0.42
CA LEU A 57 6.13 -1.54 -0.38
C LEU A 57 7.55 -1.38 0.15
N GLN A 58 8.01 -2.39 0.88
CA GLN A 58 9.37 -2.42 1.41
C GLN A 58 10.41 -2.12 0.33
N GLY A 59 10.37 -2.90 -0.75
CA GLY A 59 11.33 -2.72 -1.82
C GLY A 59 10.71 -2.93 -3.18
N THR A 60 9.50 -2.41 -3.36
CA THR A 60 8.82 -2.52 -4.65
C THR A 60 9.18 -1.37 -5.59
N GLY A 61 9.93 -0.41 -5.07
CA GLY A 61 10.35 0.72 -5.88
C GLY A 61 9.48 1.94 -5.66
N LEU A 62 8.39 1.76 -4.94
CA LEU A 62 7.47 2.85 -4.67
C LEU A 62 7.58 3.24 -3.20
N ARG A 63 7.12 4.44 -2.87
CA ARG A 63 7.16 4.91 -1.50
C ARG A 63 5.76 5.16 -0.98
N TYR A 64 5.52 4.73 0.23
CA TYR A 64 4.22 4.92 0.88
C TYR A 64 4.29 6.12 1.83
N GLN A 65 3.19 6.84 1.92
CA GLN A 65 3.09 7.97 2.85
C GLN A 65 1.72 7.97 3.48
N ILE A 66 1.67 8.16 4.79
CA ILE A 66 0.42 8.21 5.50
C ILE A 66 0.24 9.56 6.20
N ASP A 67 -0.95 10.12 6.08
CA ASP A 67 -1.30 11.38 6.73
C ASP A 67 -2.79 11.40 7.03
N GLY A 68 -3.13 11.47 8.30
CA GLY A 68 -4.52 11.37 8.70
C GLY A 68 -5.10 10.01 8.40
N ASN A 69 -5.94 9.96 7.38
CA ASN A 69 -6.49 8.70 6.91
C ASN A 69 -6.26 8.56 5.41
N THR A 70 -5.25 9.27 4.92
CA THR A 70 -4.91 9.24 3.51
C THR A 70 -3.62 8.47 3.29
N VAL A 71 -3.64 7.57 2.31
CA VAL A 71 -2.49 6.77 1.97
C VAL A 71 -1.98 7.16 0.59
N THR A 72 -0.76 7.65 0.52
CA THR A 72 -0.20 8.15 -0.72
C THR A 72 0.86 7.19 -1.25
N VAL A 73 0.77 6.86 -2.53
CA VAL A 73 1.74 5.99 -3.18
C VAL A 73 2.49 6.76 -4.25
N THR A 74 3.74 7.10 -3.98
CA THR A 74 4.55 7.87 -4.91
C THR A 74 5.68 6.99 -5.47
N ALA A 75 6.10 7.30 -6.69
CA ALA A 75 7.12 6.51 -7.36
C ALA A 75 8.53 6.95 -6.97
N SER A 76 9.47 6.05 -7.14
CA SER A 76 10.87 6.32 -6.84
C SER A 76 11.73 5.19 -7.45
N ALA A 77 12.93 4.99 -6.89
CA ALA A 77 13.83 3.93 -7.31
C ALA A 77 14.30 4.12 -8.76
N ALA A 78 15.22 5.04 -8.94
CA ALA A 78 15.82 5.27 -10.24
C ALA A 78 17.14 4.52 -10.37
N ALA A 79 17.07 3.21 -10.17
CA ALA A 79 18.25 2.34 -10.19
C ALA A 79 19.27 2.76 -9.13
N LYS A 80 20.34 3.43 -9.57
CA LYS A 80 21.34 3.97 -8.66
C LYS A 80 21.41 5.49 -8.83
N ASP A 81 20.22 6.09 -8.96
CA ASP A 81 20.10 7.52 -9.23
C ASP A 81 20.70 7.83 -10.60
N GLY A 82 20.36 7.00 -11.57
CA GLY A 82 20.91 7.13 -12.91
C GLY A 82 20.08 6.38 -13.92
N SER A 1 -2.72 2.74 18.07
CA SER A 1 -2.68 2.09 16.74
C SER A 1 -3.54 0.83 16.73
N GLN A 2 -4.74 0.94 16.19
CA GLN A 2 -5.63 -0.20 16.06
C GLN A 2 -5.15 -1.10 14.94
N GLU A 3 -5.23 -2.41 15.16
CA GLU A 3 -4.81 -3.37 14.16
C GLU A 3 -6.02 -4.02 13.53
N TRP A 4 -5.88 -4.42 12.29
CA TRP A 4 -7.00 -4.93 11.52
C TRP A 4 -6.70 -6.31 10.95
N THR A 5 -7.74 -7.06 10.69
CA THR A 5 -7.61 -8.35 10.04
C THR A 5 -7.70 -8.13 8.53
N LEU A 6 -6.53 -8.08 7.90
CA LEU A 6 -6.45 -7.70 6.51
C LEU A 6 -6.07 -8.89 5.65
N ASP A 7 -7.02 -9.35 4.84
CA ASP A 7 -6.74 -10.38 3.86
C ASP A 7 -6.48 -9.70 2.52
N ILE A 8 -5.21 -9.52 2.20
CA ILE A 8 -4.82 -8.74 1.04
C ILE A 8 -4.50 -9.64 -0.14
N PRO A 9 -5.19 -9.42 -1.27
CA PRO A 9 -4.98 -10.17 -2.51
C PRO A 9 -3.53 -10.14 -3.00
N ALA A 10 -3.17 -11.14 -3.78
CA ALA A 10 -1.81 -11.27 -4.30
C ALA A 10 -1.82 -11.11 -5.81
N GLN A 11 -2.77 -10.30 -6.26
CA GLN A 11 -2.97 -10.04 -7.67
C GLN A 11 -2.66 -8.57 -7.96
N SER A 12 -3.22 -8.07 -9.06
CA SER A 12 -3.06 -6.67 -9.42
C SER A 12 -3.33 -5.77 -8.22
N MET A 13 -2.37 -4.88 -7.93
CA MET A 13 -2.45 -3.93 -6.82
C MET A 13 -3.77 -3.17 -6.82
N ASN A 14 -4.39 -3.03 -7.99
CA ASN A 14 -5.66 -2.34 -8.10
C ASN A 14 -6.70 -2.98 -7.19
N SER A 15 -6.65 -4.31 -7.06
CA SER A 15 -7.62 -5.03 -6.24
C SER A 15 -7.20 -4.98 -4.77
N ALA A 16 -5.92 -5.25 -4.53
CA ALA A 16 -5.39 -5.30 -3.17
C ALA A 16 -5.48 -3.96 -2.46
N LEU A 17 -5.09 -2.89 -3.15
CA LEU A 17 -5.10 -1.56 -2.57
C LEU A 17 -6.54 -1.09 -2.34
N GLN A 18 -7.42 -1.43 -3.26
CA GLN A 18 -8.85 -1.11 -3.10
C GLN A 18 -9.40 -1.82 -1.86
N ALA A 19 -9.01 -3.08 -1.68
CA ALA A 19 -9.44 -3.87 -0.54
C ALA A 19 -8.85 -3.30 0.76
N LEU A 20 -7.59 -2.90 0.71
CA LEU A 20 -6.89 -2.38 1.88
C LEU A 20 -7.53 -1.08 2.33
N ALA A 21 -7.89 -0.25 1.35
CA ALA A 21 -8.46 1.07 1.61
C ALA A 21 -9.80 0.92 2.33
N LYS A 22 -10.65 0.06 1.78
CA LYS A 22 -11.98 -0.16 2.33
C LYS A 22 -11.92 -0.71 3.76
N GLN A 23 -11.12 -1.74 3.96
CA GLN A 23 -11.08 -2.45 5.23
C GLN A 23 -10.52 -1.60 6.37
N THR A 24 -9.80 -0.55 6.03
CA THR A 24 -9.24 0.34 7.05
C THR A 24 -9.85 1.74 6.96
N ASP A 25 -10.81 1.87 6.03
CA ASP A 25 -11.44 3.14 5.69
C ASP A 25 -10.39 4.23 5.47
N THR A 26 -9.42 3.94 4.62
CA THR A 26 -8.35 4.86 4.34
C THR A 26 -8.43 5.39 2.92
N GLN A 27 -7.77 6.52 2.70
CA GLN A 27 -7.68 7.12 1.40
C GLN A 27 -6.32 6.85 0.81
N LEU A 28 -6.27 5.99 -0.20
CA LEU A 28 -4.99 5.62 -0.80
C LEU A 28 -4.79 6.35 -2.10
N LEU A 29 -3.70 7.09 -2.18
CA LEU A 29 -3.36 7.83 -3.39
C LEU A 29 -2.23 7.08 -4.09
N TYR A 30 -2.56 6.44 -5.19
CA TYR A 30 -1.58 5.68 -5.94
C TYR A 30 -1.83 5.83 -7.44
N SER A 31 -0.78 5.65 -8.22
CA SER A 31 -0.89 5.74 -9.67
C SER A 31 -0.96 4.35 -10.29
N PRO A 32 -2.11 3.98 -10.85
CA PRO A 32 -2.30 2.70 -11.52
C PRO A 32 -1.33 2.52 -12.69
N GLU A 33 -0.92 3.63 -13.27
CA GLU A 33 0.02 3.61 -14.38
C GLU A 33 1.44 3.34 -13.90
N ASP A 34 1.73 3.71 -12.66
CA ASP A 34 3.08 3.54 -12.12
C ASP A 34 3.27 2.16 -11.49
N ILE A 35 2.17 1.52 -11.14
CA ILE A 35 2.22 0.16 -10.64
C ILE A 35 2.06 -0.83 -11.80
N GLY A 36 1.53 -0.34 -12.91
CA GLY A 36 1.41 -1.14 -14.11
C GLY A 36 0.43 -2.30 -13.96
N GLY A 37 -0.23 -2.38 -12.81
CA GLY A 37 -1.16 -3.45 -12.57
C GLY A 37 -0.46 -4.77 -12.29
N LEU A 38 0.63 -4.72 -11.54
CA LEU A 38 1.37 -5.92 -11.18
C LEU A 38 0.87 -6.46 -9.85
N ARG A 39 1.33 -7.64 -9.46
CA ARG A 39 0.82 -8.28 -8.27
C ARG A 39 1.48 -7.75 -7.00
N SER A 40 0.66 -7.54 -5.99
CA SER A 40 1.14 -7.12 -4.68
C SER A 40 1.49 -8.33 -3.83
N SER A 41 2.19 -8.07 -2.74
CA SER A 41 2.57 -9.12 -1.80
C SER A 41 1.44 -9.36 -0.81
N ALA A 42 0.86 -10.56 -0.87
CA ALA A 42 -0.26 -10.92 -0.02
C ALA A 42 0.12 -10.86 1.46
N LEU A 43 -0.35 -9.84 2.14
CA LEU A 43 -0.10 -9.69 3.57
C LEU A 43 -1.40 -9.91 4.33
N LYS A 44 -1.73 -11.16 4.57
CA LYS A 44 -2.99 -11.52 5.18
C LYS A 44 -2.81 -11.89 6.66
N GLY A 45 -3.30 -11.03 7.53
CA GLY A 45 -3.13 -11.24 8.96
C GLY A 45 -3.62 -10.04 9.76
N ARG A 46 -3.19 -9.96 11.01
CA ARG A 46 -3.52 -8.82 11.85
C ARG A 46 -2.40 -7.79 11.76
N HIS A 47 -2.68 -6.68 11.10
CA HIS A 47 -1.66 -5.68 10.86
C HIS A 47 -2.22 -4.28 11.05
N ASP A 48 -1.34 -3.36 11.43
CA ASP A 48 -1.68 -1.94 11.49
C ASP A 48 -1.46 -1.33 10.10
N LEU A 49 -2.04 -0.17 9.83
CA LEU A 49 -1.91 0.46 8.53
C LEU A 49 -0.43 0.66 8.18
N GLN A 50 0.29 1.29 9.11
CA GLN A 50 1.72 1.55 8.94
C GLN A 50 2.49 0.26 8.73
N SER A 51 2.16 -0.76 9.51
CA SER A 51 2.81 -2.06 9.42
C SER A 51 2.58 -2.68 8.05
N SER A 52 1.34 -2.65 7.60
CA SER A 52 0.97 -3.20 6.30
C SER A 52 1.72 -2.50 5.18
N LEU A 53 1.78 -1.18 5.25
CA LEU A 53 2.45 -0.37 4.23
C LEU A 53 3.93 -0.72 4.14
N ARG A 54 4.60 -0.76 5.28
CA ARG A 54 6.06 -0.95 5.31
C ARG A 54 6.48 -2.29 4.69
N ILE A 55 5.73 -3.36 4.99
CA ILE A 55 6.08 -4.68 4.48
C ILE A 55 5.87 -4.75 2.97
N LEU A 56 4.79 -4.15 2.49
CA LEU A 56 4.49 -4.13 1.05
C LEU A 56 5.47 -3.20 0.34
N LEU A 57 5.83 -2.11 1.02
CA LEU A 57 6.71 -1.10 0.46
C LEU A 57 8.15 -1.59 0.37
N GLN A 58 8.43 -2.66 1.09
CA GLN A 58 9.79 -3.22 1.19
C GLN A 58 10.36 -3.53 -0.20
N GLY A 59 9.51 -3.97 -1.12
CA GLY A 59 9.98 -4.38 -2.42
C GLY A 59 9.47 -3.53 -3.56
N THR A 60 8.88 -2.38 -3.23
CA THR A 60 8.35 -1.50 -4.27
C THR A 60 9.25 -0.29 -4.52
N GLY A 61 10.28 -0.12 -3.69
CA GLY A 61 11.17 1.03 -3.79
C GLY A 61 10.45 2.38 -3.69
N LEU A 62 9.25 2.37 -3.15
CA LEU A 62 8.46 3.59 -3.06
C LEU A 62 8.44 4.11 -1.63
N ARG A 63 7.75 5.22 -1.41
CA ARG A 63 7.63 5.81 -0.08
C ARG A 63 6.17 6.09 0.23
N TYR A 64 5.84 6.30 1.49
CA TYR A 64 4.47 6.56 1.89
C TYR A 64 4.35 7.86 2.67
N GLN A 65 3.41 8.69 2.26
CA GLN A 65 3.05 9.88 3.01
C GLN A 65 1.70 9.66 3.68
N ILE A 66 1.70 9.59 5.01
CA ILE A 66 0.49 9.24 5.74
C ILE A 66 0.03 10.41 6.62
N ASP A 67 -1.25 10.74 6.51
CA ASP A 67 -1.83 11.80 7.31
C ASP A 67 -3.27 11.44 7.65
N GLY A 68 -3.53 11.24 8.95
CA GLY A 68 -4.85 10.80 9.37
C GLY A 68 -5.18 9.40 8.86
N ASN A 69 -6.02 9.33 7.84
CA ASN A 69 -6.35 8.07 7.19
C ASN A 69 -6.02 8.16 5.71
N THR A 70 -5.28 9.18 5.34
CA THR A 70 -4.89 9.39 3.96
C THR A 70 -3.43 8.98 3.75
N VAL A 71 -3.21 8.12 2.78
CA VAL A 71 -1.89 7.61 2.47
C VAL A 71 -1.55 7.85 1.01
N THR A 72 -0.50 8.60 0.77
CA THR A 72 -0.08 8.91 -0.58
C THR A 72 1.22 8.17 -0.91
N VAL A 73 1.15 7.28 -1.88
CA VAL A 73 2.33 6.54 -2.32
C VAL A 73 3.13 7.40 -3.28
N THR A 74 4.38 7.65 -2.96
CA THR A 74 5.20 8.56 -3.73
C THR A 74 6.60 7.99 -3.95
N ALA A 75 7.33 8.58 -4.88
CA ALA A 75 8.68 8.16 -5.18
C ALA A 75 9.68 9.11 -4.52
N SER A 76 10.51 8.59 -3.64
CA SER A 76 11.49 9.39 -2.94
C SER A 76 12.68 8.53 -2.52
N ALA A 77 13.75 9.18 -2.11
CA ALA A 77 14.95 8.49 -1.64
C ALA A 77 15.53 9.23 -0.45
N ALA A 78 16.10 8.49 0.49
CA ALA A 78 16.73 9.09 1.65
C ALA A 78 18.18 9.46 1.32
N ALA A 79 18.88 9.99 2.33
CA ALA A 79 20.26 10.45 2.15
C ALA A 79 20.31 11.58 1.10
N LYS A 80 19.55 12.63 1.37
CA LYS A 80 19.42 13.73 0.43
C LYS A 80 20.54 14.76 0.62
N ASP A 81 21.77 14.25 0.76
CA ASP A 81 22.96 15.07 0.90
C ASP A 81 22.93 15.93 2.16
N GLY A 82 22.35 17.11 2.06
CA GLY A 82 22.32 18.02 3.19
C GLY A 82 22.44 19.45 2.73
N SER A 1 -2.35 2.44 18.31
CA SER A 1 -1.82 1.09 18.57
C SER A 1 -2.92 0.04 18.57
N GLN A 2 -3.58 -0.10 17.43
CA GLN A 2 -4.59 -1.14 17.26
C GLN A 2 -4.29 -1.92 16.00
N GLU A 3 -4.63 -3.20 15.99
CA GLU A 3 -4.34 -4.04 14.85
C GLU A 3 -5.58 -4.25 14.00
N TRP A 4 -5.35 -4.38 12.71
CA TRP A 4 -6.41 -4.67 11.77
C TRP A 4 -6.26 -6.08 11.26
N THR A 5 -7.35 -6.80 11.15
CA THR A 5 -7.32 -8.13 10.58
C THR A 5 -7.56 -8.02 9.08
N LEU A 6 -6.46 -8.02 8.34
CA LEU A 6 -6.49 -7.71 6.93
C LEU A 6 -6.40 -8.96 6.08
N ASP A 7 -6.88 -8.85 4.86
CA ASP A 7 -6.74 -9.90 3.87
C ASP A 7 -6.46 -9.26 2.53
N ILE A 8 -5.19 -9.24 2.16
CA ILE A 8 -4.74 -8.54 0.97
C ILE A 8 -4.36 -9.51 -0.12
N PRO A 9 -5.01 -9.38 -1.29
CA PRO A 9 -4.80 -10.25 -2.46
C PRO A 9 -3.38 -10.26 -2.98
N ALA A 10 -3.03 -11.34 -3.67
CA ALA A 10 -1.76 -11.47 -4.36
C ALA A 10 -1.98 -11.30 -5.85
N GLN A 11 -2.95 -10.47 -6.17
CA GLN A 11 -3.31 -10.16 -7.54
C GLN A 11 -2.70 -8.82 -7.92
N SER A 12 -3.29 -8.15 -8.91
CA SER A 12 -2.88 -6.81 -9.29
C SER A 12 -2.87 -5.89 -8.07
N MET A 13 -1.83 -5.06 -7.98
CA MET A 13 -1.63 -4.11 -6.89
C MET A 13 -2.88 -3.27 -6.64
N ASN A 14 -3.66 -3.06 -7.70
CA ASN A 14 -4.92 -2.36 -7.62
C ASN A 14 -5.84 -3.00 -6.58
N SER A 15 -5.87 -4.32 -6.54
CA SER A 15 -6.75 -5.04 -5.63
C SER A 15 -6.22 -4.99 -4.20
N ALA A 16 -4.90 -5.09 -4.08
CA ALA A 16 -4.25 -4.99 -2.77
C ALA A 16 -4.57 -3.66 -2.11
N LEU A 17 -4.37 -2.58 -2.85
CA LEU A 17 -4.64 -1.24 -2.34
C LEU A 17 -6.13 -1.05 -2.11
N GLN A 18 -6.94 -1.50 -3.05
CA GLN A 18 -8.39 -1.39 -2.95
C GLN A 18 -8.90 -2.11 -1.71
N ALA A 19 -8.41 -3.32 -1.48
CA ALA A 19 -8.80 -4.10 -0.33
C ALA A 19 -8.30 -3.47 0.97
N LEU A 20 -7.13 -2.85 0.92
CA LEU A 20 -6.53 -2.23 2.09
C LEU A 20 -7.37 -1.04 2.55
N ALA A 21 -7.84 -0.25 1.59
CA ALA A 21 -8.58 0.97 1.87
C ALA A 21 -9.89 0.65 2.59
N LYS A 22 -10.59 -0.34 2.08
CA LYS A 22 -11.88 -0.76 2.62
C LYS A 22 -11.73 -1.29 4.04
N GLN A 23 -10.62 -1.95 4.31
CA GLN A 23 -10.42 -2.64 5.59
C GLN A 23 -9.85 -1.72 6.67
N THR A 24 -9.16 -0.66 6.29
CA THR A 24 -8.56 0.23 7.29
C THR A 24 -9.21 1.61 7.30
N ASP A 25 -10.29 1.76 6.52
CA ASP A 25 -11.04 3.03 6.45
C ASP A 25 -10.13 4.18 6.03
N THR A 26 -9.19 3.92 5.15
CA THR A 26 -8.22 4.92 4.73
C THR A 26 -8.55 5.47 3.35
N GLN A 27 -8.00 6.66 3.06
CA GLN A 27 -8.11 7.24 1.75
C GLN A 27 -6.79 7.08 1.01
N LEU A 28 -6.82 6.38 -0.11
CA LEU A 28 -5.59 6.05 -0.80
C LEU A 28 -5.44 6.86 -2.09
N LEU A 29 -4.34 7.59 -2.16
CA LEU A 29 -4.00 8.34 -3.35
C LEU A 29 -2.78 7.67 -3.97
N TYR A 30 -3.03 6.77 -4.91
CA TYR A 30 -1.96 5.99 -5.48
C TYR A 30 -1.83 6.26 -6.96
N SER A 31 -0.69 5.89 -7.52
CA SER A 31 -0.42 6.13 -8.93
C SER A 31 -0.51 4.81 -9.71
N PRO A 32 -1.67 4.53 -10.32
CA PRO A 32 -1.91 3.29 -11.07
C PRO A 32 -1.04 3.20 -12.32
N GLU A 33 -0.86 4.33 -12.99
CA GLU A 33 -0.06 4.38 -14.20
C GLU A 33 1.41 4.24 -13.87
N ASP A 34 1.77 4.71 -12.68
CA ASP A 34 3.16 4.71 -12.23
C ASP A 34 3.59 3.34 -11.71
N ILE A 35 2.63 2.48 -11.37
CA ILE A 35 2.98 1.14 -10.91
C ILE A 35 3.05 0.19 -12.11
N GLY A 36 2.40 0.59 -13.19
CA GLY A 36 2.55 -0.09 -14.47
C GLY A 36 2.16 -1.56 -14.44
N GLY A 37 1.18 -1.90 -13.62
CA GLY A 37 0.72 -3.27 -13.54
C GLY A 37 1.63 -4.13 -12.68
N LEU A 38 1.36 -4.15 -11.38
CA LEU A 38 2.14 -4.95 -10.46
C LEU A 38 1.24 -5.96 -9.76
N ARG A 39 1.84 -7.01 -9.23
CA ARG A 39 1.11 -7.93 -8.35
C ARG A 39 1.70 -7.88 -6.96
N SER A 40 0.84 -7.91 -5.97
CA SER A 40 1.25 -7.79 -4.60
C SER A 40 1.50 -9.16 -3.97
N SER A 41 2.25 -9.16 -2.89
CA SER A 41 2.41 -10.35 -2.07
C SER A 41 1.30 -10.37 -1.05
N ALA A 42 0.56 -11.47 -0.99
CA ALA A 42 -0.60 -11.59 -0.12
C ALA A 42 -0.24 -11.24 1.32
N LEU A 43 -0.77 -10.11 1.77
CA LEU A 43 -0.54 -9.63 3.13
C LEU A 43 -1.84 -9.77 3.91
N LYS A 44 -2.05 -10.93 4.46
CA LYS A 44 -3.28 -11.25 5.15
C LYS A 44 -3.00 -11.69 6.59
N GLY A 45 -3.38 -10.86 7.53
CA GLY A 45 -3.13 -11.14 8.92
C GLY A 45 -3.49 -9.96 9.79
N ARG A 46 -3.00 -9.96 11.02
CA ARG A 46 -3.29 -8.90 11.97
C ARG A 46 -2.09 -7.97 12.06
N HIS A 47 -2.24 -6.75 11.55
CA HIS A 47 -1.14 -5.80 11.50
C HIS A 47 -1.64 -4.39 11.74
N ASP A 48 -0.74 -3.52 12.18
CA ASP A 48 -1.05 -2.10 12.32
C ASP A 48 -0.98 -1.43 10.96
N LEU A 49 -1.57 -0.25 10.81
CA LEU A 49 -1.63 0.41 9.51
C LEU A 49 -0.24 0.69 8.95
N GLN A 50 0.57 1.40 9.73
CA GLN A 50 1.93 1.75 9.31
C GLN A 50 2.75 0.50 9.01
N SER A 51 2.58 -0.51 9.83
CA SER A 51 3.30 -1.76 9.69
C SER A 51 2.96 -2.42 8.35
N SER A 52 1.67 -2.47 8.04
CA SER A 52 1.20 -3.06 6.79
C SER A 52 1.78 -2.32 5.58
N LEU A 53 1.82 -1.00 5.67
CA LEU A 53 2.36 -0.17 4.59
C LEU A 53 3.85 -0.44 4.39
N ARG A 54 4.56 -0.61 5.49
CA ARG A 54 6.00 -0.85 5.44
C ARG A 54 6.30 -2.19 4.77
N ILE A 55 5.48 -3.20 5.05
CA ILE A 55 5.67 -4.52 4.47
C ILE A 55 5.49 -4.49 2.96
N LEU A 56 4.35 -3.95 2.52
CA LEU A 56 4.03 -3.89 1.09
C LEU A 56 5.07 -3.11 0.29
N LEU A 57 5.58 -2.02 0.86
CA LEU A 57 6.49 -1.14 0.12
C LEU A 57 7.94 -1.31 0.56
N GLN A 58 8.21 -2.37 1.32
CA GLN A 58 9.56 -2.61 1.85
C GLN A 58 10.62 -2.70 0.74
N GLY A 59 10.31 -3.41 -0.33
CA GLY A 59 11.32 -3.65 -1.36
C GLY A 59 10.85 -3.27 -2.74
N THR A 60 9.80 -2.48 -2.83
CA THR A 60 9.25 -2.07 -4.11
C THR A 60 9.77 -0.70 -4.53
N GLY A 61 10.64 -0.12 -3.71
CA GLY A 61 11.19 1.19 -3.99
C GLY A 61 10.15 2.28 -4.03
N LEU A 62 9.02 2.04 -3.38
CA LEU A 62 7.93 3.02 -3.35
C LEU A 62 7.94 3.78 -2.04
N ARG A 63 7.33 4.95 -2.02
CA ARG A 63 7.25 5.74 -0.82
C ARG A 63 5.79 5.99 -0.45
N TYR A 64 5.44 5.67 0.78
CA TYR A 64 4.10 5.91 1.27
C TYR A 64 4.08 7.17 2.12
N GLN A 65 3.33 8.15 1.67
CA GLN A 65 3.20 9.39 2.42
C GLN A 65 1.82 9.45 3.06
N ILE A 66 1.79 9.45 4.38
CA ILE A 66 0.53 9.49 5.09
C ILE A 66 0.23 10.92 5.55
N ASP A 67 -0.83 11.47 5.00
CA ASP A 67 -1.23 12.84 5.26
C ASP A 67 -2.63 12.85 5.86
N GLY A 68 -2.69 12.98 7.18
CA GLY A 68 -3.95 12.89 7.88
C GLY A 68 -4.59 11.52 7.75
N ASN A 69 -5.60 11.43 6.89
CA ASN A 69 -6.27 10.16 6.62
C ASN A 69 -6.00 9.71 5.20
N THR A 70 -5.09 10.41 4.55
CA THR A 70 -4.75 10.13 3.16
C THR A 70 -3.40 9.44 3.07
N VAL A 71 -3.30 8.43 2.24
CA VAL A 71 -2.05 7.73 2.02
C VAL A 71 -1.66 7.85 0.55
N THR A 72 -0.48 8.39 0.30
CA THR A 72 -0.03 8.63 -1.06
C THR A 72 1.01 7.57 -1.46
N VAL A 73 0.65 6.75 -2.43
CA VAL A 73 1.53 5.69 -2.91
C VAL A 73 2.16 6.09 -4.23
N THR A 74 3.43 6.47 -4.17
CA THR A 74 4.16 6.91 -5.35
C THR A 74 5.58 6.33 -5.33
N ALA A 75 6.15 6.10 -6.52
CA ALA A 75 7.52 5.63 -6.61
C ALA A 75 8.48 6.71 -6.13
N SER A 76 9.64 6.28 -5.65
CA SER A 76 10.65 7.20 -5.15
C SER A 76 11.31 7.96 -6.29
N ALA A 77 10.87 9.21 -6.49
CA ALA A 77 11.44 10.05 -7.52
C ALA A 77 12.84 10.49 -7.12
N ALA A 78 12.98 10.88 -5.87
CA ALA A 78 14.27 11.23 -5.32
C ALA A 78 14.62 10.26 -4.20
N ALA A 79 15.76 9.60 -4.35
CA ALA A 79 16.19 8.59 -3.38
C ALA A 79 16.84 9.22 -2.15
N LYS A 80 16.29 10.35 -1.72
CA LYS A 80 16.78 11.04 -0.53
C LYS A 80 16.24 10.35 0.72
N ASP A 81 14.92 10.37 0.86
CA ASP A 81 14.23 9.72 1.97
C ASP A 81 14.65 10.29 3.32
N GLY A 82 13.85 11.22 3.83
CA GLY A 82 14.12 11.79 5.13
C GLY A 82 13.05 11.40 6.14
N SER A 1 -3.96 -4.57 20.26
CA SER A 1 -5.39 -4.34 20.55
C SER A 1 -5.94 -3.18 19.74
N GLN A 2 -5.10 -2.59 18.90
CA GLN A 2 -5.50 -1.48 18.03
C GLN A 2 -5.10 -1.81 16.60
N GLU A 3 -5.21 -3.07 16.26
CA GLU A 3 -4.80 -3.56 14.96
C GLU A 3 -6.02 -3.97 14.15
N TRP A 4 -5.80 -4.26 12.89
CA TRP A 4 -6.88 -4.63 11.99
C TRP A 4 -6.66 -6.04 11.46
N THR A 5 -7.75 -6.72 11.19
CA THR A 5 -7.71 -8.01 10.54
C THR A 5 -7.82 -7.77 9.04
N LEU A 6 -6.67 -7.77 8.37
CA LEU A 6 -6.60 -7.36 6.99
C LEU A 6 -6.27 -8.52 6.06
N ASP A 7 -7.18 -8.83 5.15
CA ASP A 7 -6.88 -9.77 4.08
C ASP A 7 -6.44 -9.00 2.85
N ILE A 8 -5.20 -9.21 2.45
CA ILE A 8 -4.66 -8.54 1.27
C ILE A 8 -4.58 -9.51 0.10
N PRO A 9 -5.27 -9.19 -1.00
CA PRO A 9 -5.27 -10.00 -2.22
C PRO A 9 -3.87 -10.17 -2.82
N ALA A 10 -3.64 -11.33 -3.40
CA ALA A 10 -2.38 -11.61 -4.09
C ALA A 10 -2.57 -11.46 -5.59
N GLN A 11 -3.49 -10.58 -5.95
CA GLN A 11 -3.78 -10.29 -7.33
C GLN A 11 -2.98 -9.05 -7.77
N SER A 12 -3.46 -8.38 -8.79
CA SER A 12 -2.86 -7.13 -9.24
C SER A 12 -2.77 -6.14 -8.07
N MET A 13 -1.66 -5.42 -8.03
CA MET A 13 -1.36 -4.46 -6.97
C MET A 13 -2.51 -3.50 -6.74
N ASN A 14 -3.22 -3.15 -7.82
CA ASN A 14 -4.40 -2.30 -7.73
C ASN A 14 -5.42 -2.87 -6.76
N SER A 15 -5.57 -4.19 -6.75
CA SER A 15 -6.55 -4.86 -5.92
C SER A 15 -6.13 -4.77 -4.46
N ALA A 16 -4.86 -5.02 -4.19
CA ALA A 16 -4.31 -4.99 -2.85
C ALA A 16 -4.44 -3.60 -2.23
N LEU A 17 -4.06 -2.59 -3.00
CA LEU A 17 -4.10 -1.22 -2.53
C LEU A 17 -5.53 -0.77 -2.28
N GLN A 18 -6.41 -0.98 -3.24
CA GLN A 18 -7.81 -0.59 -3.10
C GLN A 18 -8.46 -1.35 -1.95
N ALA A 19 -8.11 -2.61 -1.79
CA ALA A 19 -8.62 -3.41 -0.68
C ALA A 19 -8.10 -2.89 0.64
N LEU A 20 -6.88 -2.40 0.66
CA LEU A 20 -6.26 -1.86 1.87
C LEU A 20 -7.02 -0.61 2.31
N ALA A 21 -7.36 0.22 1.33
CA ALA A 21 -8.04 1.48 1.58
C ALA A 21 -9.39 1.23 2.24
N LYS A 22 -10.17 0.35 1.61
CA LYS A 22 -11.50 0.00 2.09
C LYS A 22 -11.43 -0.69 3.46
N GLN A 23 -10.59 -1.71 3.56
CA GLN A 23 -10.58 -2.60 4.71
C GLN A 23 -9.99 -1.96 5.96
N THR A 24 -9.13 -0.96 5.78
CA THR A 24 -8.48 -0.33 6.92
C THR A 24 -8.98 1.10 7.12
N ASP A 25 -10.09 1.40 6.43
CA ASP A 25 -10.74 2.71 6.50
C ASP A 25 -9.75 3.83 6.21
N THR A 26 -9.19 3.83 5.01
CA THR A 26 -8.18 4.80 4.63
C THR A 26 -8.39 5.29 3.19
N GLN A 27 -7.73 6.39 2.85
CA GLN A 27 -7.75 6.92 1.50
C GLN A 27 -6.39 6.74 0.86
N LEU A 28 -6.34 6.06 -0.28
CA LEU A 28 -5.07 5.77 -0.93
C LEU A 28 -5.03 6.36 -2.33
N LEU A 29 -3.99 7.13 -2.60
CA LEU A 29 -3.78 7.70 -3.91
C LEU A 29 -2.62 7.00 -4.60
N TYR A 30 -2.89 6.42 -5.76
CA TYR A 30 -1.90 5.64 -6.49
C TYR A 30 -2.29 5.58 -7.96
N SER A 31 -1.29 5.46 -8.82
CA SER A 31 -1.52 5.34 -10.25
C SER A 31 -1.27 3.91 -10.71
N PRO A 32 -2.34 3.19 -11.11
CA PRO A 32 -2.24 1.80 -11.58
C PRO A 32 -1.32 1.66 -12.79
N GLU A 33 -1.15 2.75 -13.52
CA GLU A 33 -0.32 2.76 -14.71
C GLU A 33 1.16 2.68 -14.35
N ASP A 34 1.54 3.39 -13.30
CA ASP A 34 2.95 3.58 -12.97
C ASP A 34 3.48 2.48 -12.06
N ILE A 35 2.58 1.59 -11.63
CA ILE A 35 2.98 0.48 -10.77
C ILE A 35 3.18 -0.78 -11.59
N GLY A 36 3.22 -0.62 -12.91
CA GLY A 36 3.60 -1.69 -13.82
C GLY A 36 2.59 -2.82 -13.94
N GLY A 37 1.56 -2.78 -13.12
CA GLY A 37 0.62 -3.89 -13.10
C GLY A 37 1.21 -5.11 -12.44
N LEU A 38 1.79 -4.89 -11.27
CA LEU A 38 2.44 -5.96 -10.51
C LEU A 38 1.41 -6.72 -9.69
N ARG A 39 1.84 -7.80 -9.06
CA ARG A 39 0.97 -8.53 -8.14
C ARG A 39 1.56 -8.52 -6.74
N SER A 40 0.70 -8.44 -5.76
CA SER A 40 1.11 -8.31 -4.37
C SER A 40 1.28 -9.66 -3.69
N SER A 41 2.03 -9.65 -2.59
CA SER A 41 2.22 -10.84 -1.77
C SER A 41 1.16 -10.86 -0.69
N ALA A 42 0.55 -12.03 -0.50
CA ALA A 42 -0.54 -12.19 0.46
C ALA A 42 -0.09 -11.82 1.88
N LEU A 43 -0.52 -10.67 2.35
CA LEU A 43 -0.23 -10.24 3.71
C LEU A 43 -1.54 -10.14 4.48
N LYS A 44 -1.84 -11.16 5.27
CA LYS A 44 -3.08 -11.17 6.01
C LYS A 44 -2.87 -11.63 7.45
N GLY A 45 -3.32 -10.82 8.37
CA GLY A 45 -3.16 -11.09 9.79
C GLY A 45 -3.65 -9.91 10.61
N ARG A 46 -3.25 -9.86 11.87
CA ARG A 46 -3.62 -8.74 12.73
C ARG A 46 -2.50 -7.70 12.73
N HIS A 47 -2.68 -6.67 11.91
CA HIS A 47 -1.66 -5.63 11.76
C HIS A 47 -2.33 -4.26 11.71
N ASP A 48 -1.64 -3.26 12.22
CA ASP A 48 -2.13 -1.89 12.14
C ASP A 48 -1.80 -1.29 10.78
N LEU A 49 -2.21 -0.05 10.56
CA LEU A 49 -2.02 0.62 9.27
C LEU A 49 -0.54 0.70 8.90
N GLN A 50 0.25 1.30 9.76
CA GLN A 50 1.67 1.49 9.49
C GLN A 50 2.39 0.16 9.37
N SER A 51 1.99 -0.81 10.18
CA SER A 51 2.58 -2.14 10.15
C SER A 51 2.38 -2.79 8.79
N SER A 52 1.12 -2.84 8.35
CA SER A 52 0.78 -3.46 7.07
C SER A 52 1.46 -2.74 5.91
N LEU A 53 1.43 -1.41 5.93
CA LEU A 53 2.04 -0.61 4.87
C LEU A 53 3.53 -0.88 4.75
N ARG A 54 4.23 -0.90 5.88
CA ARG A 54 5.68 -1.08 5.89
C ARG A 54 6.07 -2.43 5.30
N ILE A 55 5.34 -3.47 5.66
CA ILE A 55 5.66 -4.81 5.20
C ILE A 55 5.28 -4.99 3.72
N LEU A 56 4.10 -4.52 3.36
CA LEU A 56 3.56 -4.69 2.01
C LEU A 56 4.36 -3.87 1.00
N LEU A 57 4.61 -2.61 1.32
CA LEU A 57 5.26 -1.70 0.39
C LEU A 57 6.73 -2.05 0.20
N GLN A 58 7.36 -2.51 1.27
CA GLN A 58 8.77 -2.93 1.26
C GLN A 58 9.09 -3.84 0.08
N GLY A 59 9.89 -3.34 -0.85
CA GLY A 59 10.33 -4.15 -1.97
C GLY A 59 9.79 -3.68 -3.31
N THR A 60 8.80 -2.80 -3.28
CA THR A 60 8.20 -2.33 -4.53
C THR A 60 8.86 -1.07 -5.06
N GLY A 61 9.76 -0.48 -4.28
CA GLY A 61 10.43 0.74 -4.70
C GLY A 61 9.54 1.96 -4.60
N LEU A 62 8.39 1.82 -3.96
CA LEU A 62 7.46 2.92 -3.80
C LEU A 62 7.58 3.50 -2.40
N ARG A 63 7.10 4.72 -2.22
CA ARG A 63 7.11 5.37 -0.92
C ARG A 63 5.71 5.87 -0.58
N TYR A 64 5.36 5.83 0.70
CA TYR A 64 4.04 6.28 1.13
C TYR A 64 4.14 7.63 1.84
N GLN A 65 3.43 8.61 1.30
CA GLN A 65 3.29 9.90 1.96
C GLN A 65 1.97 9.90 2.71
N ILE A 66 2.05 9.79 4.03
CA ILE A 66 0.86 9.61 4.84
C ILE A 66 0.43 10.91 5.54
N ASP A 67 -0.81 11.29 5.31
CA ASP A 67 -1.38 12.47 5.93
C ASP A 67 -2.68 12.12 6.64
N GLY A 68 -2.55 11.72 7.89
CA GLY A 68 -3.72 11.33 8.68
C GLY A 68 -4.34 10.03 8.18
N ASN A 69 -5.40 10.16 7.39
CA ASN A 69 -6.11 9.00 6.86
C ASN A 69 -5.93 8.91 5.35
N THR A 70 -5.22 9.87 4.79
CA THR A 70 -4.96 9.90 3.36
C THR A 70 -3.50 9.56 3.09
N VAL A 71 -3.27 8.67 2.14
CA VAL A 71 -1.93 8.21 1.84
C VAL A 71 -1.66 8.34 0.35
N THR A 72 -0.53 8.93 0.01
CA THR A 72 -0.13 9.10 -1.37
C THR A 72 1.04 8.17 -1.69
N VAL A 73 0.80 7.19 -2.54
CA VAL A 73 1.83 6.23 -2.92
C VAL A 73 2.58 6.74 -4.15
N THR A 74 3.80 7.20 -3.94
CA THR A 74 4.60 7.74 -5.01
C THR A 74 5.80 6.84 -5.30
N ALA A 75 6.20 6.79 -6.56
CA ALA A 75 7.36 6.01 -6.97
C ALA A 75 8.64 6.77 -6.68
N SER A 76 9.61 6.09 -6.09
CA SER A 76 10.87 6.72 -5.73
C SER A 76 11.75 6.90 -6.97
N ALA A 77 11.46 6.10 -8.01
CA ALA A 77 12.19 6.15 -9.28
C ALA A 77 13.69 5.86 -9.09
N ALA A 78 14.45 6.91 -8.79
CA ALA A 78 15.88 6.76 -8.58
C ALA A 78 16.40 7.88 -7.68
N ALA A 79 15.49 8.53 -6.96
CA ALA A 79 15.85 9.67 -6.13
C ALA A 79 14.86 9.85 -4.98
N LYS A 80 15.15 10.80 -4.10
CA LYS A 80 14.26 11.11 -2.99
C LYS A 80 13.96 12.61 -2.96
N ASP A 81 14.19 13.25 -4.09
CA ASP A 81 13.93 14.68 -4.23
C ASP A 81 13.40 14.97 -5.63
N GLY A 82 12.46 15.89 -5.70
CA GLY A 82 11.87 16.23 -6.98
C GLY A 82 10.40 15.87 -7.04
N SER A 1 -2.37 -3.50 19.71
CA SER A 1 -3.50 -2.79 20.36
C SER A 1 -4.40 -2.19 19.28
N GLN A 2 -5.63 -2.69 19.21
CA GLN A 2 -6.60 -2.24 18.21
C GLN A 2 -6.07 -2.42 16.78
N GLU A 3 -6.09 -3.67 16.33
CA GLU A 3 -5.57 -4.01 15.02
C GLU A 3 -6.74 -4.28 14.08
N TRP A 4 -6.43 -4.57 12.84
CA TRP A 4 -7.43 -4.95 11.86
C TRP A 4 -6.97 -6.22 11.17
N THR A 5 -7.91 -6.99 10.66
CA THR A 5 -7.55 -8.14 9.87
C THR A 5 -7.40 -7.69 8.42
N LEU A 6 -6.16 -7.44 8.05
CA LEU A 6 -5.85 -6.88 6.77
C LEU A 6 -5.51 -7.98 5.79
N ASP A 7 -6.51 -8.39 5.05
CA ASP A 7 -6.38 -9.47 4.09
C ASP A 7 -6.26 -8.86 2.71
N ILE A 8 -5.03 -8.76 2.25
CA ILE A 8 -4.72 -8.01 1.06
C ILE A 8 -4.30 -8.93 -0.08
N PRO A 9 -5.01 -8.80 -1.22
CA PRO A 9 -4.83 -9.66 -2.40
C PRO A 9 -3.42 -9.66 -2.96
N ALA A 10 -3.12 -10.72 -3.71
CA ALA A 10 -1.83 -10.87 -4.37
C ALA A 10 -2.00 -10.65 -5.86
N GLN A 11 -2.98 -9.83 -6.18
CA GLN A 11 -3.29 -9.49 -7.57
C GLN A 11 -2.67 -8.15 -7.90
N SER A 12 -3.15 -7.52 -8.96
CA SER A 12 -2.70 -6.18 -9.31
C SER A 12 -2.91 -5.24 -8.13
N MET A 13 -1.90 -4.39 -7.89
CA MET A 13 -1.90 -3.44 -6.78
C MET A 13 -3.18 -2.60 -6.73
N ASN A 14 -3.84 -2.44 -7.86
CA ASN A 14 -5.11 -1.73 -7.92
C ASN A 14 -6.11 -2.37 -6.95
N SER A 15 -6.16 -3.70 -6.93
CA SER A 15 -7.10 -4.42 -6.08
C SER A 15 -6.62 -4.41 -4.65
N ALA A 16 -5.32 -4.67 -4.47
CA ALA A 16 -4.72 -4.77 -3.14
C ALA A 16 -4.84 -3.47 -2.37
N LEU A 17 -4.44 -2.36 -3.00
CA LEU A 17 -4.45 -1.07 -2.35
C LEU A 17 -5.88 -0.61 -2.08
N GLN A 18 -6.78 -0.88 -3.04
CA GLN A 18 -8.19 -0.54 -2.89
C GLN A 18 -8.82 -1.34 -1.76
N ALA A 19 -8.36 -2.58 -1.59
CA ALA A 19 -8.87 -3.44 -0.53
C ALA A 19 -8.47 -2.90 0.83
N LEU A 20 -7.26 -2.37 0.91
CA LEU A 20 -6.75 -1.81 2.15
C LEU A 20 -7.55 -0.57 2.52
N ALA A 21 -7.99 0.16 1.50
CA ALA A 21 -8.73 1.39 1.69
C ALA A 21 -10.04 1.11 2.43
N LYS A 22 -10.72 0.05 2.00
CA LYS A 22 -11.95 -0.37 2.65
C LYS A 22 -11.68 -0.84 4.08
N GLN A 23 -10.66 -1.68 4.23
CA GLN A 23 -10.38 -2.35 5.50
C GLN A 23 -9.98 -1.38 6.61
N THR A 24 -9.24 -0.33 6.28
CA THR A 24 -8.84 0.64 7.27
C THR A 24 -9.54 1.99 7.05
N ASP A 25 -10.63 1.94 6.27
CA ASP A 25 -11.44 3.11 5.90
C ASP A 25 -10.58 4.33 5.58
N THR A 26 -9.44 4.08 4.94
CA THR A 26 -8.49 5.12 4.62
C THR A 26 -8.62 5.57 3.17
N GLN A 27 -7.98 6.69 2.85
CA GLN A 27 -7.96 7.21 1.50
C GLN A 27 -6.59 6.98 0.88
N LEU A 28 -6.54 6.23 -0.21
CA LEU A 28 -5.28 5.91 -0.85
C LEU A 28 -5.22 6.51 -2.24
N LEU A 29 -4.11 7.17 -2.52
CA LEU A 29 -3.87 7.76 -3.83
C LEU A 29 -2.83 6.95 -4.57
N TYR A 30 -3.24 6.36 -5.69
CA TYR A 30 -2.36 5.54 -6.49
C TYR A 30 -2.80 5.57 -7.95
N SER A 31 -1.84 5.57 -8.85
CA SER A 31 -2.12 5.57 -10.27
C SER A 31 -1.79 4.22 -10.86
N PRO A 32 -2.76 3.59 -11.55
CA PRO A 32 -2.56 2.31 -12.24
C PRO A 32 -1.44 2.39 -13.28
N GLU A 33 -1.25 3.59 -13.82
CA GLU A 33 -0.17 3.83 -14.77
C GLU A 33 1.17 3.84 -14.04
N ASP A 34 1.15 4.31 -12.81
CA ASP A 34 2.37 4.50 -12.04
C ASP A 34 2.85 3.18 -11.43
N ILE A 35 1.91 2.26 -11.22
CA ILE A 35 2.26 0.94 -10.68
C ILE A 35 2.47 -0.06 -11.82
N GLY A 36 1.93 0.26 -12.99
CA GLY A 36 2.15 -0.57 -14.16
C GLY A 36 1.37 -1.87 -14.14
N GLY A 37 0.54 -2.03 -13.12
CA GLY A 37 -0.23 -3.26 -12.99
C GLY A 37 0.57 -4.37 -12.33
N LEU A 38 1.41 -3.99 -11.38
CA LEU A 38 2.24 -4.95 -10.66
C LEU A 38 1.40 -5.69 -9.63
N ARG A 39 1.69 -6.97 -9.44
CA ARG A 39 0.98 -7.76 -8.45
C ARG A 39 1.69 -7.69 -7.10
N SER A 40 0.91 -7.54 -6.05
CA SER A 40 1.43 -7.40 -4.71
C SER A 40 1.64 -8.76 -4.05
N SER A 41 2.46 -8.76 -3.00
CA SER A 41 2.70 -9.96 -2.23
C SER A 41 1.64 -10.09 -1.14
N ALA A 42 1.08 -11.29 -1.03
CA ALA A 42 -0.03 -11.54 -0.12
C ALA A 42 0.34 -11.20 1.32
N LEU A 43 -0.22 -10.09 1.80
CA LEU A 43 -0.05 -9.69 3.18
C LEU A 43 -1.42 -9.69 3.84
N LYS A 44 -1.75 -10.80 4.47
CA LYS A 44 -3.05 -10.96 5.10
C LYS A 44 -2.90 -11.48 6.53
N GLY A 45 -3.39 -10.71 7.48
CA GLY A 45 -3.30 -11.09 8.88
C GLY A 45 -3.79 -9.98 9.78
N ARG A 46 -3.46 -10.06 11.06
CA ARG A 46 -3.90 -9.08 12.02
C ARG A 46 -2.79 -8.07 12.30
N HIS A 47 -2.86 -6.93 11.64
CA HIS A 47 -1.84 -5.90 11.77
C HIS A 47 -2.49 -4.52 11.86
N ASP A 48 -1.69 -3.50 12.11
CA ASP A 48 -2.15 -2.12 12.04
C ASP A 48 -1.83 -1.57 10.66
N LEU A 49 -2.32 -0.37 10.36
CA LEU A 49 -2.12 0.24 9.05
C LEU A 49 -0.62 0.45 8.75
N GLN A 50 0.05 1.18 9.64
CA GLN A 50 1.44 1.58 9.43
C GLN A 50 2.36 0.37 9.23
N SER A 51 2.26 -0.61 10.11
CA SER A 51 3.12 -1.78 10.05
C SER A 51 2.93 -2.56 8.74
N SER A 52 1.68 -2.66 8.29
CA SER A 52 1.38 -3.32 7.04
C SER A 52 2.08 -2.62 5.87
N LEU A 53 2.07 -1.29 5.88
CA LEU A 53 2.73 -0.51 4.84
C LEU A 53 4.23 -0.77 4.83
N ARG A 54 4.79 -1.00 6.02
CA ARG A 54 6.22 -1.26 6.16
C ARG A 54 6.62 -2.51 5.37
N ILE A 55 5.89 -3.60 5.58
CA ILE A 55 6.24 -4.87 4.98
C ILE A 55 5.76 -4.95 3.52
N LEU A 56 4.64 -4.29 3.23
CA LEU A 56 4.04 -4.38 1.90
C LEU A 56 4.95 -3.76 0.84
N LEU A 57 5.47 -2.58 1.13
CA LEU A 57 6.29 -1.86 0.16
C LEU A 57 7.75 -2.31 0.26
N GLN A 58 8.11 -2.91 1.38
CA GLN A 58 9.43 -3.50 1.58
C GLN A 58 9.84 -4.41 0.42
N GLY A 59 10.68 -3.90 -0.47
CA GLY A 59 11.22 -4.72 -1.54
C GLY A 59 10.71 -4.36 -2.92
N THR A 60 9.60 -3.63 -2.97
CA THR A 60 9.00 -3.29 -4.26
C THR A 60 9.49 -1.95 -4.79
N GLY A 61 10.33 -1.28 -4.00
CA GLY A 61 10.87 0.01 -4.40
C GLY A 61 9.82 1.11 -4.51
N LEU A 62 8.68 0.91 -3.87
CA LEU A 62 7.61 1.89 -3.93
C LEU A 62 7.73 2.87 -2.77
N ARG A 63 7.20 4.07 -2.97
CA ARG A 63 7.24 5.10 -1.95
C ARG A 63 5.83 5.39 -1.45
N TYR A 64 5.64 5.30 -0.15
CA TYR A 64 4.33 5.55 0.45
C TYR A 64 4.35 6.80 1.32
N GLN A 65 3.49 7.74 1.00
CA GLN A 65 3.32 8.93 1.82
C GLN A 65 2.07 8.76 2.68
N ILE A 66 2.27 8.55 3.97
CA ILE A 66 1.16 8.37 4.88
C ILE A 66 1.02 9.58 5.81
N ASP A 67 -0.18 10.15 5.83
CA ASP A 67 -0.49 11.27 6.70
C ASP A 67 -1.94 11.18 7.16
N GLY A 68 -2.14 11.15 8.46
CA GLY A 68 -3.48 11.01 9.00
C GLY A 68 -4.13 9.70 8.57
N ASN A 69 -5.11 9.82 7.68
CA ASN A 69 -5.82 8.65 7.16
C ASN A 69 -5.67 8.61 5.64
N THR A 70 -4.70 9.35 5.13
CA THR A 70 -4.45 9.41 3.71
C THR A 70 -3.09 8.79 3.38
N VAL A 71 -3.06 7.93 2.38
CA VAL A 71 -1.84 7.25 1.96
C VAL A 71 -1.64 7.41 0.45
N THR A 72 -0.47 7.86 0.05
CA THR A 72 -0.15 8.01 -1.36
C THR A 72 0.96 7.04 -1.74
N VAL A 73 0.67 6.14 -2.67
CA VAL A 73 1.62 5.11 -3.07
C VAL A 73 2.07 5.33 -4.50
N THR A 74 3.35 5.67 -4.67
CA THR A 74 3.90 5.91 -5.99
C THR A 74 5.24 5.19 -6.15
N ALA A 75 5.55 4.79 -7.37
CA ALA A 75 6.79 4.07 -7.66
C ALA A 75 7.95 5.05 -7.78
N SER A 76 8.84 5.03 -6.79
CA SER A 76 9.96 5.96 -6.75
C SER A 76 11.14 5.39 -7.55
N ALA A 77 11.61 6.18 -8.51
CA ALA A 77 12.76 5.78 -9.32
C ALA A 77 14.05 6.07 -8.56
N ALA A 78 14.95 5.09 -8.52
CA ALA A 78 16.19 5.23 -7.79
C ALA A 78 17.29 5.83 -8.66
N ALA A 79 18.30 6.41 -8.03
CA ALA A 79 19.42 7.00 -8.75
C ALA A 79 20.05 5.99 -9.72
N LYS A 80 20.53 4.89 -9.17
CA LYS A 80 21.08 3.81 -9.97
C LYS A 80 20.02 2.74 -10.17
N ASP A 81 19.90 2.27 -11.40
CA ASP A 81 18.82 1.36 -11.76
C ASP A 81 19.30 0.33 -12.77
N GLY A 82 19.16 -0.94 -12.41
CA GLY A 82 19.54 -2.01 -13.30
C GLY A 82 18.94 -3.33 -12.86
N SER A 1 -1.41 -0.41 18.89
CA SER A 1 -2.35 -0.93 19.89
C SER A 1 -3.58 -1.53 19.22
N GLN A 2 -3.97 -0.97 18.08
CA GLN A 2 -5.12 -1.43 17.34
C GLN A 2 -4.70 -2.06 16.02
N GLU A 3 -4.85 -3.37 15.93
CA GLU A 3 -4.55 -4.07 14.69
C GLU A 3 -5.85 -4.43 13.98
N TRP A 4 -5.76 -4.75 12.71
CA TRP A 4 -6.92 -5.13 11.91
C TRP A 4 -6.68 -6.47 11.26
N THR A 5 -7.74 -7.23 11.03
CA THR A 5 -7.63 -8.52 10.37
C THR A 5 -7.74 -8.32 8.88
N LEU A 6 -6.59 -8.30 8.21
CA LEU A 6 -6.53 -7.93 6.81
C LEU A 6 -6.41 -9.16 5.91
N ASP A 7 -6.97 -9.04 4.71
CA ASP A 7 -6.81 -10.05 3.68
C ASP A 7 -6.61 -9.36 2.35
N ILE A 8 -5.38 -9.41 1.87
CA ILE A 8 -4.96 -8.60 0.75
C ILE A 8 -4.60 -9.47 -0.45
N PRO A 9 -5.23 -9.20 -1.61
CA PRO A 9 -5.05 -9.98 -2.84
C PRO A 9 -3.60 -10.02 -3.32
N ALA A 10 -3.30 -11.05 -4.10
CA ALA A 10 -1.97 -11.25 -4.65
C ALA A 10 -2.00 -11.00 -6.16
N GLN A 11 -2.99 -10.26 -6.58
CA GLN A 11 -3.15 -9.90 -7.98
C GLN A 11 -2.61 -8.49 -8.20
N SER A 12 -3.15 -7.77 -9.17
CA SER A 12 -2.74 -6.40 -9.43
C SER A 12 -2.76 -5.57 -8.15
N MET A 13 -1.66 -4.84 -7.93
CA MET A 13 -1.50 -3.95 -6.79
C MET A 13 -2.70 -3.01 -6.64
N ASN A 14 -3.33 -2.72 -7.77
CA ASN A 14 -4.53 -1.89 -7.80
C ASN A 14 -5.60 -2.41 -6.85
N SER A 15 -5.79 -3.72 -6.83
CA SER A 15 -6.83 -4.34 -6.02
C SER A 15 -6.40 -4.41 -4.56
N ALA A 16 -5.12 -4.72 -4.35
CA ALA A 16 -4.59 -4.86 -3.00
C ALA A 16 -4.74 -3.58 -2.21
N LEU A 17 -4.42 -2.46 -2.83
CA LEU A 17 -4.50 -1.17 -2.17
C LEU A 17 -5.96 -0.83 -1.83
N GLN A 18 -6.87 -1.12 -2.77
CA GLN A 18 -8.29 -0.86 -2.55
C GLN A 18 -8.84 -1.73 -1.43
N ALA A 19 -8.36 -2.98 -1.36
CA ALA A 19 -8.78 -3.89 -0.30
C ALA A 19 -8.32 -3.40 1.05
N LEU A 20 -7.08 -2.91 1.11
CA LEU A 20 -6.51 -2.41 2.35
C LEU A 20 -7.26 -1.16 2.80
N ALA A 21 -7.69 -0.37 1.83
CA ALA A 21 -8.36 0.90 2.08
C ALA A 21 -9.65 0.69 2.85
N LYS A 22 -10.55 -0.10 2.27
CA LYS A 22 -11.87 -0.33 2.86
C LYS A 22 -11.78 -1.08 4.19
N GLN A 23 -10.68 -1.80 4.41
CA GLN A 23 -10.53 -2.57 5.64
C GLN A 23 -10.01 -1.71 6.78
N THR A 24 -9.35 -0.60 6.46
CA THR A 24 -8.80 0.26 7.49
C THR A 24 -9.45 1.64 7.49
N ASP A 25 -10.42 1.82 6.59
CA ASP A 25 -11.12 3.09 6.40
C ASP A 25 -10.13 4.21 6.08
N THR A 26 -9.23 3.94 5.15
CA THR A 26 -8.21 4.89 4.76
C THR A 26 -8.41 5.33 3.32
N GLN A 27 -7.90 6.51 2.99
CA GLN A 27 -7.97 7.03 1.63
C GLN A 27 -6.60 6.90 0.98
N LEU A 28 -6.54 6.15 -0.12
CA LEU A 28 -5.26 5.90 -0.78
C LEU A 28 -5.18 6.62 -2.11
N LEU A 29 -4.08 7.33 -2.31
CA LEU A 29 -3.85 8.07 -3.54
C LEU A 29 -2.70 7.43 -4.30
N TYR A 30 -3.00 6.82 -5.43
CA TYR A 30 -2.00 6.16 -6.23
C TYR A 30 -2.41 6.16 -7.71
N SER A 31 -1.44 6.15 -8.59
CA SER A 31 -1.69 6.10 -10.01
C SER A 31 -1.60 4.64 -10.49
N PRO A 32 -2.76 4.04 -10.80
CA PRO A 32 -2.88 2.61 -11.12
C PRO A 32 -2.04 2.18 -12.33
N GLU A 33 -1.96 3.03 -13.33
CA GLU A 33 -1.21 2.72 -14.54
C GLU A 33 0.29 2.93 -14.31
N ASP A 34 0.61 3.76 -13.32
CA ASP A 34 2.00 4.13 -13.06
C ASP A 34 2.72 3.06 -12.25
N ILE A 35 1.94 2.16 -11.65
CA ILE A 35 2.50 1.05 -10.89
C ILE A 35 2.55 -0.20 -11.76
N GLY A 36 2.36 0.00 -13.07
CA GLY A 36 2.53 -1.08 -14.03
C GLY A 36 1.43 -2.12 -14.01
N GLY A 37 0.65 -2.15 -12.94
CA GLY A 37 -0.34 -3.21 -12.80
C GLY A 37 0.31 -4.53 -12.44
N LEU A 38 1.34 -4.44 -11.60
CA LEU A 38 2.09 -5.61 -11.19
C LEU A 38 1.38 -6.27 -10.00
N ARG A 39 1.71 -7.53 -9.73
CA ARG A 39 1.04 -8.25 -8.65
C ARG A 39 1.62 -7.89 -7.30
N SER A 40 0.76 -7.79 -6.31
CA SER A 40 1.16 -7.49 -4.95
C SER A 40 1.46 -8.78 -4.19
N SER A 41 2.20 -8.65 -3.11
CA SER A 41 2.49 -9.80 -2.25
C SER A 41 1.38 -9.94 -1.23
N ALA A 42 0.78 -11.12 -1.19
CA ALA A 42 -0.34 -11.40 -0.30
C ALA A 42 0.02 -11.13 1.16
N LEU A 43 -0.52 -10.07 1.71
CA LEU A 43 -0.31 -9.72 3.10
C LEU A 43 -1.60 -9.91 3.88
N LYS A 44 -1.81 -11.13 4.36
CA LYS A 44 -3.02 -11.47 5.07
C LYS A 44 -2.70 -11.84 6.52
N GLY A 45 -3.23 -11.07 7.44
CA GLY A 45 -2.98 -11.29 8.85
C GLY A 45 -3.55 -10.18 9.69
N ARG A 46 -3.13 -10.08 10.95
CA ARG A 46 -3.63 -9.03 11.83
C ARG A 46 -2.49 -8.11 12.21
N HIS A 47 -2.45 -6.93 11.59
CA HIS A 47 -1.36 -5.98 11.86
C HIS A 47 -1.89 -4.56 11.85
N ASP A 48 -1.02 -3.63 12.26
CA ASP A 48 -1.33 -2.21 12.24
C ASP A 48 -1.36 -1.69 10.82
N LEU A 49 -1.93 -0.52 10.62
CA LEU A 49 -1.94 0.11 9.30
C LEU A 49 -0.51 0.35 8.83
N GLN A 50 0.23 1.11 9.62
CA GLN A 50 1.62 1.45 9.31
C GLN A 50 2.48 0.21 9.24
N SER A 51 2.17 -0.77 10.08
CA SER A 51 2.89 -2.04 10.09
C SER A 51 2.73 -2.75 8.74
N SER A 52 1.49 -2.86 8.30
CA SER A 52 1.18 -3.49 7.02
C SER A 52 1.84 -2.72 5.86
N LEU A 53 1.77 -1.39 5.91
CA LEU A 53 2.40 -0.54 4.90
C LEU A 53 3.89 -0.85 4.78
N ARG A 54 4.55 -0.98 5.94
CA ARG A 54 5.97 -1.27 5.97
C ARG A 54 6.27 -2.60 5.30
N ILE A 55 5.50 -3.63 5.63
CA ILE A 55 5.72 -4.96 5.07
C ILE A 55 5.49 -4.97 3.56
N LEU A 56 4.39 -4.38 3.11
CA LEU A 56 4.02 -4.40 1.71
C LEU A 56 4.99 -3.55 0.88
N LEU A 57 5.46 -2.45 1.45
CA LEU A 57 6.34 -1.53 0.73
C LEU A 57 7.78 -1.63 1.23
N GLN A 58 8.11 -2.75 1.87
CA GLN A 58 9.47 -3.01 2.37
C GLN A 58 10.53 -2.82 1.28
N GLY A 59 10.21 -3.24 0.05
CA GLY A 59 11.16 -3.10 -1.04
C GLY A 59 10.50 -3.27 -2.39
N THR A 60 9.26 -2.82 -2.50
CA THR A 60 8.52 -2.92 -3.74
C THR A 60 8.75 -1.73 -4.65
N GLY A 61 9.58 -0.80 -4.17
CA GLY A 61 9.91 0.36 -4.97
C GLY A 61 8.90 1.48 -4.82
N LEU A 62 7.91 1.24 -3.96
CA LEU A 62 6.90 2.24 -3.70
C LEU A 62 7.19 2.96 -2.39
N ARG A 63 6.79 4.21 -2.31
CA ARG A 63 6.96 4.99 -1.09
C ARG A 63 5.61 5.39 -0.54
N TYR A 64 5.46 5.30 0.77
CA TYR A 64 4.21 5.67 1.40
C TYR A 64 4.31 7.05 2.07
N GLN A 65 3.51 7.97 1.58
CA GLN A 65 3.39 9.29 2.17
C GLN A 65 2.03 9.41 2.87
N ILE A 66 2.06 9.52 4.18
CA ILE A 66 0.82 9.57 4.94
C ILE A 66 0.48 11.02 5.31
N ASP A 67 -0.73 11.43 4.96
CA ASP A 67 -1.19 12.78 5.21
C ASP A 67 -2.60 12.74 5.78
N GLY A 68 -2.71 12.93 7.08
CA GLY A 68 -3.99 12.81 7.74
C GLY A 68 -4.61 11.44 7.58
N ASN A 69 -5.63 11.36 6.74
CA ASN A 69 -6.31 10.10 6.48
C ASN A 69 -6.00 9.61 5.07
N THR A 70 -5.07 10.28 4.42
CA THR A 70 -4.70 9.95 3.06
C THR A 70 -3.32 9.28 3.00
N VAL A 71 -3.25 8.21 2.24
CA VAL A 71 -2.00 7.51 2.00
C VAL A 71 -1.60 7.68 0.55
N THR A 72 -0.52 8.39 0.31
CA THR A 72 -0.10 8.70 -1.04
C THR A 72 1.05 7.78 -1.45
N VAL A 73 0.81 6.97 -2.45
CA VAL A 73 1.79 6.01 -2.92
C VAL A 73 2.52 6.57 -4.13
N THR A 74 3.80 6.85 -3.96
CA THR A 74 4.63 7.33 -5.05
C THR A 74 5.64 6.25 -5.45
N ALA A 75 5.73 5.97 -6.73
CA ALA A 75 6.62 4.95 -7.24
C ALA A 75 7.99 5.53 -7.56
N SER A 76 9.02 4.88 -7.08
CA SER A 76 10.38 5.32 -7.34
C SER A 76 11.05 4.37 -8.34
N ALA A 77 11.59 4.94 -9.41
CA ALA A 77 12.29 4.18 -10.45
C ALA A 77 11.38 3.13 -11.09
N ALA A 78 10.11 3.49 -11.26
CA ALA A 78 9.14 2.60 -11.88
C ALA A 78 8.67 3.17 -13.21
N ALA A 79 9.22 4.33 -13.55
CA ALA A 79 8.84 5.02 -14.77
C ALA A 79 9.81 4.72 -15.90
N LYS A 80 9.34 3.99 -16.90
CA LYS A 80 10.11 3.77 -18.11
C LYS A 80 9.69 4.81 -19.15
N ASP A 81 8.51 5.37 -18.95
CA ASP A 81 8.00 6.45 -19.78
C ASP A 81 8.46 7.78 -19.22
N GLY A 82 8.94 8.65 -20.09
CA GLY A 82 9.47 9.92 -19.65
C GLY A 82 9.10 11.04 -20.59
N SER A 1 -2.88 0.76 21.11
CA SER A 1 -2.07 0.03 20.12
C SER A 1 -2.86 -1.14 19.56
N GLN A 2 -3.56 -0.90 18.45
CA GLN A 2 -4.40 -1.92 17.83
C GLN A 2 -3.91 -2.22 16.42
N GLU A 3 -4.30 -3.39 15.92
CA GLU A 3 -4.00 -3.77 14.55
C GLU A 3 -5.26 -4.28 13.87
N TRP A 4 -5.16 -4.60 12.59
CA TRP A 4 -6.34 -4.96 11.82
C TRP A 4 -6.15 -6.31 11.13
N THR A 5 -7.24 -7.02 10.95
CA THR A 5 -7.22 -8.29 10.24
C THR A 5 -7.46 -8.03 8.76
N LEU A 6 -6.39 -8.09 7.99
CA LEU A 6 -6.44 -7.68 6.60
C LEU A 6 -6.12 -8.84 5.67
N ASP A 7 -7.08 -9.20 4.83
CA ASP A 7 -6.86 -10.18 3.78
C ASP A 7 -6.52 -9.45 2.49
N ILE A 8 -5.24 -9.36 2.19
CA ILE A 8 -4.76 -8.57 1.07
C ILE A 8 -4.45 -9.46 -0.13
N PRO A 9 -5.14 -9.23 -1.27
CA PRO A 9 -4.96 -9.99 -2.50
C PRO A 9 -3.54 -9.94 -3.06
N ALA A 10 -3.20 -10.93 -3.88
CA ALA A 10 -1.90 -11.02 -4.51
C ALA A 10 -2.06 -10.93 -6.02
N GLN A 11 -3.06 -10.18 -6.42
CA GLN A 11 -3.31 -9.88 -7.82
C GLN A 11 -2.76 -8.49 -8.13
N SER A 12 -3.40 -7.79 -9.05
CA SER A 12 -3.04 -6.41 -9.35
C SER A 12 -3.00 -5.57 -8.07
N MET A 13 -1.89 -4.84 -7.89
CA MET A 13 -1.66 -3.97 -6.73
C MET A 13 -2.85 -3.05 -6.49
N ASN A 14 -3.52 -2.68 -7.58
CA ASN A 14 -4.71 -1.82 -7.54
C ASN A 14 -5.75 -2.39 -6.60
N SER A 15 -5.92 -3.71 -6.63
CA SER A 15 -6.93 -4.39 -5.84
C SER A 15 -6.50 -4.46 -4.38
N ALA A 16 -5.22 -4.76 -4.17
CA ALA A 16 -4.67 -4.88 -2.83
C ALA A 16 -4.76 -3.55 -2.07
N LEU A 17 -4.38 -2.47 -2.75
CA LEU A 17 -4.41 -1.14 -2.13
C LEU A 17 -5.83 -0.72 -1.80
N GLN A 18 -6.74 -0.89 -2.76
CA GLN A 18 -8.14 -0.52 -2.57
C GLN A 18 -8.75 -1.35 -1.44
N ALA A 19 -8.39 -2.63 -1.39
CA ALA A 19 -8.89 -3.52 -0.33
C ALA A 19 -8.38 -3.07 1.04
N LEU A 20 -7.13 -2.60 1.08
CA LEU A 20 -6.52 -2.14 2.31
C LEU A 20 -7.22 -0.87 2.79
N ALA A 21 -7.51 0.01 1.83
CA ALA A 21 -8.12 1.30 2.10
C ALA A 21 -9.51 1.10 2.69
N LYS A 22 -10.31 0.30 1.99
CA LYS A 22 -11.70 0.06 2.37
C LYS A 22 -11.80 -0.60 3.75
N GLN A 23 -10.92 -1.55 4.02
CA GLN A 23 -10.99 -2.31 5.26
C GLN A 23 -10.48 -1.52 6.46
N THR A 24 -9.85 -0.38 6.21
CA THR A 24 -9.46 0.51 7.29
C THR A 24 -10.21 1.84 7.18
N ASP A 25 -11.09 1.91 6.18
CA ASP A 25 -11.86 3.11 5.84
C ASP A 25 -10.94 4.32 5.69
N THR A 26 -9.82 4.11 5.03
CA THR A 26 -8.87 5.17 4.78
C THR A 26 -8.96 5.62 3.34
N GLN A 27 -8.24 6.69 3.00
CA GLN A 27 -8.21 7.18 1.64
C GLN A 27 -6.84 6.91 1.04
N LEU A 28 -6.78 6.06 0.03
CA LEU A 28 -5.51 5.72 -0.60
C LEU A 28 -5.42 6.34 -1.98
N LEU A 29 -4.40 7.13 -2.18
CA LEU A 29 -4.19 7.83 -3.44
C LEU A 29 -3.03 7.17 -4.19
N TYR A 30 -3.35 6.63 -5.36
CA TYR A 30 -2.35 6.01 -6.20
C TYR A 30 -2.78 6.16 -7.65
N SER A 31 -1.83 6.27 -8.55
CA SER A 31 -2.12 6.43 -9.95
C SER A 31 -1.91 5.12 -10.70
N PRO A 32 -3.00 4.52 -11.20
CA PRO A 32 -3.02 3.14 -11.73
C PRO A 32 -1.87 2.85 -12.70
N GLU A 33 -1.66 3.74 -13.66
CA GLU A 33 -0.67 3.52 -14.71
C GLU A 33 0.76 3.69 -14.17
N ASP A 34 0.88 4.41 -13.05
CA ASP A 34 2.20 4.78 -12.54
C ASP A 34 2.80 3.68 -11.67
N ILE A 35 2.05 2.62 -11.43
CA ILE A 35 2.56 1.47 -10.70
C ILE A 35 2.81 0.30 -11.64
N GLY A 36 2.67 0.57 -12.94
CA GLY A 36 3.01 -0.41 -13.96
C GLY A 36 2.12 -1.65 -13.96
N GLY A 37 1.08 -1.64 -13.14
CA GLY A 37 0.22 -2.80 -13.03
C GLY A 37 0.95 -3.99 -12.42
N LEU A 38 1.63 -3.73 -11.31
CA LEU A 38 2.39 -4.77 -10.63
C LEU A 38 1.47 -5.57 -9.72
N ARG A 39 1.87 -6.78 -9.39
CA ARG A 39 1.09 -7.60 -8.47
C ARG A 39 1.63 -7.48 -7.05
N SER A 40 0.74 -7.56 -6.10
CA SER A 40 1.09 -7.42 -4.70
C SER A 40 1.48 -8.77 -4.09
N SER A 41 2.24 -8.72 -3.02
CA SER A 41 2.59 -9.92 -2.26
C SER A 41 1.51 -10.20 -1.23
N ALA A 42 0.98 -11.41 -1.25
CA ALA A 42 -0.11 -11.80 -0.36
C ALA A 42 0.26 -11.58 1.11
N LEU A 43 -0.25 -10.51 1.69
CA LEU A 43 0.00 -10.21 3.09
C LEU A 43 -1.33 -10.20 3.83
N LYS A 44 -1.70 -11.35 4.37
CA LYS A 44 -2.96 -11.45 5.09
C LYS A 44 -2.70 -11.87 6.54
N GLY A 45 -3.18 -11.05 7.46
CA GLY A 45 -2.96 -11.29 8.87
C GLY A 45 -3.45 -10.13 9.70
N ARG A 46 -3.01 -10.06 10.94
CA ARG A 46 -3.42 -8.96 11.82
C ARG A 46 -2.27 -7.97 11.97
N HIS A 47 -2.31 -6.91 11.19
CA HIS A 47 -1.22 -5.93 11.18
C HIS A 47 -1.75 -4.51 11.14
N ASP A 48 -0.99 -3.62 11.75
CA ASP A 48 -1.28 -2.19 11.74
C ASP A 48 -1.16 -1.61 10.32
N LEU A 49 -1.91 -0.56 10.05
CA LEU A 49 -1.96 0.02 8.70
C LEU A 49 -0.57 0.44 8.22
N GLN A 50 0.07 1.32 8.96
CA GLN A 50 1.39 1.84 8.59
C GLN A 50 2.41 0.72 8.53
N SER A 51 2.29 -0.24 9.45
CA SER A 51 3.17 -1.39 9.49
C SER A 51 3.05 -2.18 8.19
N SER A 52 1.81 -2.43 7.78
CA SER A 52 1.54 -3.13 6.53
C SER A 52 2.10 -2.38 5.34
N LEU A 53 1.90 -1.06 5.34
CA LEU A 53 2.42 -0.20 4.28
C LEU A 53 3.94 -0.29 4.19
N ARG A 54 4.59 -0.42 5.34
CA ARG A 54 6.03 -0.54 5.39
C ARG A 54 6.49 -1.87 4.81
N ILE A 55 5.91 -2.97 5.30
CA ILE A 55 6.34 -4.31 4.91
C ILE A 55 5.97 -4.62 3.46
N LEU A 56 4.75 -4.26 3.06
CA LEU A 56 4.24 -4.59 1.74
C LEU A 56 5.07 -3.91 0.65
N LEU A 57 5.23 -2.59 0.76
CA LEU A 57 5.95 -1.82 -0.26
C LEU A 57 7.45 -2.11 -0.22
N GLN A 58 7.95 -2.49 0.95
CA GLN A 58 9.35 -2.85 1.14
C GLN A 58 9.85 -3.82 0.08
N GLY A 59 10.61 -3.32 -0.88
CA GLY A 59 11.18 -4.16 -1.91
C GLY A 59 10.69 -3.82 -3.30
N THR A 60 9.60 -3.08 -3.38
CA THR A 60 9.00 -2.74 -4.67
C THR A 60 9.49 -1.38 -5.16
N GLY A 61 10.18 -0.63 -4.30
CA GLY A 61 10.64 0.69 -4.67
C GLY A 61 9.56 1.75 -4.55
N LEU A 62 8.45 1.41 -3.89
CA LEU A 62 7.36 2.36 -3.72
C LEU A 62 7.46 3.04 -2.35
N ARG A 63 6.97 4.27 -2.27
CA ARG A 63 7.01 5.01 -1.02
C ARG A 63 5.60 5.37 -0.57
N TYR A 64 5.33 5.17 0.72
CA TYR A 64 4.01 5.45 1.25
C TYR A 64 4.01 6.80 1.97
N GLN A 65 2.88 7.48 1.92
CA GLN A 65 2.70 8.75 2.60
C GLN A 65 1.45 8.70 3.44
N ILE A 66 1.62 8.70 4.75
CA ILE A 66 0.48 8.62 5.66
C ILE A 66 0.17 10.00 6.25
N ASP A 67 -0.85 10.63 5.71
CA ASP A 67 -1.26 11.96 6.14
C ASP A 67 -2.70 11.91 6.67
N GLY A 68 -2.83 11.98 7.98
CA GLY A 68 -4.14 11.84 8.61
C GLY A 68 -4.78 10.50 8.33
N ASN A 69 -5.81 10.49 7.49
CA ASN A 69 -6.48 9.25 7.10
C ASN A 69 -6.22 8.97 5.62
N THR A 70 -5.34 9.75 5.03
CA THR A 70 -5.04 9.65 3.61
C THR A 70 -3.64 9.10 3.38
N VAL A 71 -3.55 8.09 2.55
CA VAL A 71 -2.30 7.42 2.28
C VAL A 71 -1.99 7.49 0.79
N THR A 72 -0.83 8.04 0.46
CA THR A 72 -0.44 8.17 -0.94
C THR A 72 0.63 7.15 -1.29
N VAL A 73 0.39 6.37 -2.32
CA VAL A 73 1.35 5.39 -2.79
C VAL A 73 2.08 5.94 -4.01
N THR A 74 3.23 6.53 -3.78
CA THR A 74 3.99 7.17 -4.83
C THR A 74 5.21 6.33 -5.21
N ALA A 75 5.60 6.40 -6.48
CA ALA A 75 6.73 5.65 -6.97
C ALA A 75 7.94 6.57 -7.11
N SER A 76 8.92 6.40 -6.24
CA SER A 76 10.15 7.16 -6.30
C SER A 76 11.10 6.56 -7.34
N ALA A 77 10.99 5.24 -7.51
CA ALA A 77 11.83 4.53 -8.46
C ALA A 77 11.14 4.43 -9.81
N ALA A 78 11.28 5.48 -10.62
CA ALA A 78 10.71 5.48 -11.95
C ALA A 78 11.66 4.76 -12.91
N ALA A 79 11.79 3.45 -12.70
CA ALA A 79 12.72 2.62 -13.46
C ALA A 79 14.14 3.17 -13.36
N LYS A 80 14.95 2.95 -14.38
CA LYS A 80 16.27 3.54 -14.43
C LYS A 80 16.35 4.53 -15.57
N ASP A 81 16.16 4.03 -16.79
CA ASP A 81 16.10 4.86 -17.98
C ASP A 81 17.33 5.74 -18.10
N GLY A 82 18.48 5.08 -18.17
CA GLY A 82 19.75 5.78 -18.25
C GLY A 82 20.90 4.83 -18.04
N SER A 1 -3.34 3.31 17.73
CA SER A 1 -2.80 2.05 18.26
C SER A 1 -3.85 0.94 18.20
N GLN A 2 -4.08 0.42 17.00
CA GLN A 2 -5.09 -0.60 16.79
C GLN A 2 -4.71 -1.50 15.62
N GLU A 3 -5.02 -2.78 15.73
CA GLU A 3 -4.76 -3.73 14.66
C GLU A 3 -6.06 -4.08 13.97
N TRP A 4 -5.95 -4.53 12.73
CA TRP A 4 -7.13 -4.89 11.96
C TRP A 4 -6.92 -6.25 11.33
N THR A 5 -8.03 -6.91 11.00
CA THR A 5 -7.95 -8.14 10.24
C THR A 5 -8.00 -7.78 8.76
N LEU A 6 -6.82 -7.72 8.15
CA LEU A 6 -6.67 -7.22 6.80
C LEU A 6 -6.31 -8.33 5.84
N ASP A 7 -7.23 -8.66 4.96
CA ASP A 7 -6.97 -9.63 3.91
C ASP A 7 -6.55 -8.90 2.64
N ILE A 8 -5.25 -8.87 2.40
CA ILE A 8 -4.69 -8.17 1.25
C ILE A 8 -4.35 -9.15 0.13
N PRO A 9 -5.01 -8.99 -1.03
CA PRO A 9 -4.80 -9.85 -2.19
C PRO A 9 -3.36 -9.81 -2.71
N ALA A 10 -2.94 -10.92 -3.30
CA ALA A 10 -1.61 -11.03 -3.90
C ALA A 10 -1.71 -10.82 -5.39
N GLN A 11 -2.69 -10.04 -5.79
CA GLN A 11 -2.92 -9.71 -7.18
C GLN A 11 -2.29 -8.36 -7.48
N SER A 12 -2.75 -7.69 -8.52
CA SER A 12 -2.29 -6.34 -8.84
C SER A 12 -2.46 -5.42 -7.63
N MET A 13 -1.50 -4.51 -7.47
CA MET A 13 -1.51 -3.52 -6.39
C MET A 13 -2.85 -2.77 -6.35
N ASN A 14 -3.48 -2.64 -7.53
CA ASN A 14 -4.79 -2.01 -7.65
C ASN A 14 -5.80 -2.66 -6.72
N SER A 15 -5.73 -3.98 -6.60
CA SER A 15 -6.68 -4.75 -5.81
C SER A 15 -6.33 -4.63 -4.33
N ALA A 16 -5.04 -4.75 -4.04
CA ALA A 16 -4.54 -4.68 -2.68
C ALA A 16 -4.85 -3.32 -2.03
N LEU A 17 -4.55 -2.26 -2.75
CA LEU A 17 -4.76 -0.91 -2.22
C LEU A 17 -6.23 -0.65 -1.91
N GLN A 18 -7.11 -0.98 -2.84
CA GLN A 18 -8.54 -0.77 -2.64
C GLN A 18 -9.09 -1.64 -1.51
N ALA A 19 -8.55 -2.84 -1.37
CA ALA A 19 -8.95 -3.72 -0.28
C ALA A 19 -8.53 -3.12 1.06
N LEU A 20 -7.33 -2.56 1.10
CA LEU A 20 -6.80 -1.96 2.31
C LEU A 20 -7.61 -0.72 2.69
N ALA A 21 -7.99 0.05 1.67
CA ALA A 21 -8.73 1.29 1.86
C ALA A 21 -10.08 1.01 2.50
N LYS A 22 -10.76 0.00 1.96
CA LYS A 22 -12.05 -0.44 2.48
C LYS A 22 -11.92 -0.95 3.92
N GLN A 23 -10.86 -1.67 4.19
CA GLN A 23 -10.70 -2.37 5.47
C GLN A 23 -10.22 -1.44 6.59
N THR A 24 -9.60 -0.32 6.25
CA THR A 24 -9.12 0.60 7.28
C THR A 24 -9.80 1.97 7.19
N ASP A 25 -10.80 2.07 6.30
CA ASP A 25 -11.53 3.31 6.05
C ASP A 25 -10.58 4.46 5.76
N THR A 26 -9.62 4.21 4.89
CA THR A 26 -8.61 5.20 4.56
C THR A 26 -8.73 5.66 3.11
N GLN A 27 -8.14 6.81 2.81
CA GLN A 27 -8.13 7.31 1.44
C GLN A 27 -6.75 7.11 0.84
N LEU A 28 -6.70 6.43 -0.30
CA LEU A 28 -5.44 6.12 -0.94
C LEU A 28 -5.33 6.82 -2.29
N LEU A 29 -4.28 7.58 -2.44
CA LEU A 29 -3.99 8.29 -3.67
C LEU A 29 -2.83 7.61 -4.37
N TYR A 30 -3.09 7.06 -5.55
CA TYR A 30 -2.07 6.30 -6.26
C TYR A 30 -2.25 6.44 -7.77
N SER A 31 -1.13 6.47 -8.48
CA SER A 31 -1.14 6.52 -9.92
C SER A 31 -0.79 5.14 -10.48
N PRO A 32 -1.72 4.53 -11.24
CA PRO A 32 -1.53 3.19 -11.83
C PRO A 32 -0.26 3.09 -12.67
N GLU A 33 0.10 4.16 -13.36
CA GLU A 33 1.31 4.19 -14.16
C GLU A 33 2.55 4.28 -13.26
N ASP A 34 2.35 4.88 -12.09
CA ASP A 34 3.46 5.26 -11.22
C ASP A 34 3.76 4.13 -10.22
N ILE A 35 2.96 3.07 -10.28
CA ILE A 35 3.19 1.91 -9.44
C ILE A 35 3.70 0.74 -10.27
N GLY A 36 3.68 0.91 -11.58
CA GLY A 36 4.26 -0.08 -12.48
C GLY A 36 3.44 -1.36 -12.62
N GLY A 37 2.22 -1.34 -12.11
CA GLY A 37 1.36 -2.51 -12.20
C GLY A 37 1.93 -3.70 -11.46
N LEU A 38 2.53 -3.44 -10.30
CA LEU A 38 3.17 -4.48 -9.51
C LEU A 38 2.14 -5.28 -8.72
N ARG A 39 2.52 -6.48 -8.29
CA ARG A 39 1.64 -7.30 -7.46
C ARG A 39 2.18 -7.36 -6.04
N SER A 40 1.27 -7.45 -5.10
CA SER A 40 1.63 -7.56 -3.70
C SER A 40 1.79 -9.03 -3.29
N SER A 41 2.49 -9.25 -2.20
CA SER A 41 2.61 -10.58 -1.63
C SER A 41 1.46 -10.78 -0.65
N ALA A 42 0.99 -12.03 -0.54
CA ALA A 42 -0.16 -12.36 0.30
C ALA A 42 0.05 -11.91 1.73
N LEU A 43 -0.57 -10.80 2.09
CA LEU A 43 -0.47 -10.26 3.44
C LEU A 43 -1.87 -10.13 4.04
N LYS A 44 -2.38 -11.22 4.58
CA LYS A 44 -3.74 -11.24 5.11
C LYS A 44 -3.77 -11.83 6.51
N GLY A 45 -4.05 -10.98 7.47
CA GLY A 45 -3.92 -11.33 8.87
C GLY A 45 -4.10 -10.12 9.75
N ARG A 46 -3.62 -10.19 10.98
CA ARG A 46 -3.68 -9.05 11.88
C ARG A 46 -2.49 -8.15 11.62
N HIS A 47 -2.73 -7.02 10.98
CA HIS A 47 -1.66 -6.13 10.56
C HIS A 47 -1.99 -4.69 10.89
N ASP A 48 -0.96 -3.94 11.28
CA ASP A 48 -1.06 -2.51 11.47
C ASP A 48 -0.96 -1.80 10.12
N LEU A 49 -1.67 -0.69 9.94
CA LEU A 49 -1.75 -0.03 8.63
C LEU A 49 -0.36 0.33 8.11
N GLN A 50 0.36 1.12 8.89
CA GLN A 50 1.70 1.58 8.51
C GLN A 50 2.62 0.38 8.27
N SER A 51 2.50 -0.62 9.12
CA SER A 51 3.30 -1.82 9.02
C SER A 51 3.02 -2.56 7.71
N SER A 52 1.75 -2.66 7.33
CA SER A 52 1.35 -3.34 6.10
C SER A 52 1.98 -2.64 4.90
N LEU A 53 1.94 -1.32 4.91
CA LEU A 53 2.53 -0.52 3.84
C LEU A 53 4.04 -0.73 3.78
N ARG A 54 4.66 -0.75 4.96
CA ARG A 54 6.11 -0.94 5.06
C ARG A 54 6.53 -2.31 4.55
N ILE A 55 5.81 -3.35 4.98
CA ILE A 55 6.12 -4.71 4.55
C ILE A 55 5.96 -4.86 3.03
N LEU A 56 4.79 -4.54 2.52
CA LEU A 56 4.49 -4.71 1.09
C LEU A 56 5.39 -3.84 0.21
N LEU A 57 5.54 -2.57 0.55
CA LEU A 57 6.27 -1.63 -0.30
C LEU A 57 7.71 -1.42 0.18
N GLN A 58 8.20 -2.33 1.01
CA GLN A 58 9.57 -2.23 1.54
C GLN A 58 10.60 -2.06 0.42
N GLY A 59 10.65 -3.02 -0.48
CA GLY A 59 11.67 -2.99 -1.52
C GLY A 59 11.08 -2.94 -2.91
N THR A 60 9.95 -2.26 -3.06
CA THR A 60 9.31 -2.13 -4.36
C THR A 60 9.81 -0.90 -5.11
N GLY A 61 10.65 -0.10 -4.46
CA GLY A 61 11.15 1.11 -5.08
C GLY A 61 10.13 2.22 -5.08
N LEU A 62 9.00 2.00 -4.42
CA LEU A 62 7.94 2.99 -4.37
C LEU A 62 7.96 3.69 -3.03
N ARG A 63 7.25 4.80 -2.94
CA ARG A 63 7.13 5.53 -1.70
C ARG A 63 5.72 5.41 -1.14
N TYR A 64 5.62 4.97 0.10
CA TYR A 64 4.36 5.00 0.81
C TYR A 64 4.34 6.20 1.74
N GLN A 65 3.42 7.12 1.46
CA GLN A 65 3.32 8.34 2.23
C GLN A 65 2.01 8.37 3.01
N ILE A 66 2.11 8.28 4.32
CA ILE A 66 0.94 8.31 5.17
C ILE A 66 0.88 9.63 5.95
N ASP A 67 -0.26 10.29 5.85
CA ASP A 67 -0.49 11.53 6.58
C ASP A 67 -1.92 11.60 7.05
N GLY A 68 -2.12 11.61 8.36
CA GLY A 68 -3.45 11.56 8.92
C GLY A 68 -4.14 10.25 8.58
N ASN A 69 -5.13 10.32 7.70
CA ASN A 69 -5.82 9.12 7.23
C ASN A 69 -5.73 9.06 5.71
N THR A 70 -4.78 9.80 5.16
CA THR A 70 -4.55 9.82 3.73
C THR A 70 -3.25 9.10 3.39
N VAL A 71 -3.31 8.24 2.39
CA VAL A 71 -2.16 7.48 1.96
C VAL A 71 -1.83 7.82 0.52
N THR A 72 -0.58 8.16 0.24
CA THR A 72 -0.14 8.46 -1.11
C THR A 72 0.86 7.42 -1.58
N VAL A 73 0.57 6.79 -2.71
CA VAL A 73 1.44 5.76 -3.26
C VAL A 73 2.05 6.25 -4.57
N THR A 74 3.30 6.66 -4.50
CA THR A 74 3.99 7.20 -5.65
C THR A 74 5.41 6.63 -5.73
N ALA A 75 5.94 6.51 -6.94
CA ALA A 75 7.28 6.01 -7.15
C ALA A 75 8.32 6.99 -6.63
N SER A 76 9.51 6.49 -6.35
CA SER A 76 10.59 7.31 -5.84
C SER A 76 11.11 8.27 -6.91
N ALA A 77 10.98 7.84 -8.17
CA ALA A 77 11.31 8.68 -9.33
C ALA A 77 12.67 9.35 -9.18
N ALA A 78 13.73 8.56 -9.30
CA ALA A 78 15.08 9.09 -9.16
C ALA A 78 15.50 9.82 -10.43
N ALA A 79 15.11 9.26 -11.57
CA ALA A 79 15.43 9.85 -12.87
C ALA A 79 14.32 9.58 -13.87
N LYS A 80 14.01 10.60 -14.67
CA LYS A 80 12.97 10.52 -15.71
C LYS A 80 11.56 10.49 -15.11
N ASP A 81 10.64 11.13 -15.81
CA ASP A 81 9.23 11.07 -15.45
C ASP A 81 8.57 9.92 -16.21
N GLY A 82 8.76 8.71 -15.70
CA GLY A 82 8.26 7.53 -16.37
C GLY A 82 9.40 6.63 -16.81
N SER A 1 -1.20 0.04 18.24
CA SER A 1 -1.95 -1.05 18.93
C SER A 1 -3.32 -1.22 18.28
N GLN A 2 -3.82 -0.17 17.65
CA GLN A 2 -5.04 -0.25 16.85
C GLN A 2 -4.73 -1.03 15.58
N GLU A 3 -4.86 -2.34 15.65
CA GLU A 3 -4.45 -3.22 14.57
C GLU A 3 -5.66 -3.86 13.93
N TRP A 4 -5.47 -4.39 12.74
CA TRP A 4 -6.56 -4.99 11.99
C TRP A 4 -6.10 -6.32 11.40
N THR A 5 -7.05 -7.18 11.08
CA THR A 5 -6.74 -8.42 10.41
C THR A 5 -7.05 -8.26 8.93
N LEU A 6 -6.02 -7.97 8.15
CA LEU A 6 -6.21 -7.55 6.78
C LEU A 6 -6.06 -8.70 5.81
N ASP A 7 -7.05 -8.89 4.96
CA ASP A 7 -6.96 -9.87 3.88
C ASP A 7 -6.58 -9.15 2.60
N ILE A 8 -5.29 -9.18 2.27
CA ILE A 8 -4.77 -8.48 1.11
C ILE A 8 -4.50 -9.47 -0.02
N PRO A 9 -5.11 -9.21 -1.19
CA PRO A 9 -4.96 -10.07 -2.37
C PRO A 9 -3.53 -10.15 -2.88
N ALA A 10 -3.22 -11.23 -3.58
CA ALA A 10 -1.89 -11.45 -4.12
C ALA A 10 -1.90 -11.29 -5.63
N GLN A 11 -2.94 -10.62 -6.10
CA GLN A 11 -3.10 -10.36 -7.52
C GLN A 11 -2.61 -8.94 -7.83
N SER A 12 -3.08 -8.37 -8.94
CA SER A 12 -2.70 -7.01 -9.31
C SER A 12 -2.88 -6.06 -8.12
N MET A 13 -1.85 -5.25 -7.88
CA MET A 13 -1.84 -4.29 -6.78
C MET A 13 -3.08 -3.40 -6.81
N ASN A 14 -3.67 -3.27 -8.01
CA ASN A 14 -4.94 -2.59 -8.18
C ASN A 14 -5.98 -3.10 -7.19
N SER A 15 -6.11 -4.42 -7.10
CA SER A 15 -7.09 -5.03 -6.22
C SER A 15 -6.63 -4.95 -4.76
N ALA A 16 -5.33 -5.08 -4.55
CA ALA A 16 -4.74 -5.06 -3.22
C ALA A 16 -4.96 -3.73 -2.51
N LEU A 17 -4.56 -2.63 -3.15
CA LEU A 17 -4.65 -1.31 -2.54
C LEU A 17 -6.10 -0.93 -2.27
N GLN A 18 -6.97 -1.23 -3.22
CA GLN A 18 -8.41 -0.96 -3.05
C GLN A 18 -8.98 -1.81 -1.93
N ALA A 19 -8.46 -3.03 -1.77
CA ALA A 19 -8.87 -3.89 -0.67
C ALA A 19 -8.42 -3.33 0.66
N LEU A 20 -7.18 -2.85 0.70
CA LEU A 20 -6.59 -2.33 1.92
C LEU A 20 -7.34 -1.07 2.39
N ALA A 21 -7.71 -0.24 1.42
CA ALA A 21 -8.37 1.03 1.70
C ALA A 21 -9.71 0.78 2.37
N LYS A 22 -10.52 -0.06 1.75
CA LYS A 22 -11.86 -0.33 2.22
C LYS A 22 -11.85 -1.01 3.59
N GLN A 23 -10.82 -1.79 3.87
CA GLN A 23 -10.76 -2.54 5.12
C GLN A 23 -10.32 -1.68 6.31
N THR A 24 -9.63 -0.58 6.03
CA THR A 24 -9.17 0.30 7.09
C THR A 24 -9.81 1.68 7.00
N ASP A 25 -10.81 1.80 6.12
CA ASP A 25 -11.53 3.07 5.90
C ASP A 25 -10.55 4.17 5.47
N THR A 26 -9.55 3.79 4.71
CA THR A 26 -8.50 4.73 4.33
C THR A 26 -8.64 5.15 2.86
N GLN A 27 -7.74 6.03 2.44
CA GLN A 27 -7.72 6.53 1.07
C GLN A 27 -6.36 6.27 0.45
N LEU A 28 -6.35 5.62 -0.71
CA LEU A 28 -5.10 5.33 -1.40
C LEU A 28 -4.95 6.23 -2.62
N LEU A 29 -3.88 7.01 -2.63
CA LEU A 29 -3.56 7.86 -3.77
C LEU A 29 -2.35 7.29 -4.51
N TYR A 30 -2.58 6.78 -5.70
CA TYR A 30 -1.54 6.14 -6.48
C TYR A 30 -1.88 6.18 -7.96
N SER A 31 -0.89 5.94 -8.80
CA SER A 31 -1.10 5.86 -10.22
C SER A 31 -0.64 4.49 -10.72
N PRO A 32 -1.39 3.90 -11.67
CA PRO A 32 -1.09 2.56 -12.21
C PRO A 32 0.29 2.47 -12.84
N GLU A 33 0.82 3.63 -13.23
CA GLU A 33 2.14 3.71 -13.83
C GLU A 33 3.24 3.52 -12.78
N ASP A 34 2.87 3.63 -11.50
CA ASP A 34 3.83 3.48 -10.41
C ASP A 34 3.88 2.04 -9.96
N ILE A 35 2.86 1.28 -10.35
CA ILE A 35 2.72 -0.09 -9.87
C ILE A 35 3.05 -1.09 -10.98
N GLY A 36 3.17 -0.59 -12.20
CA GLY A 36 3.62 -1.42 -13.32
C GLY A 36 2.65 -2.52 -13.70
N GLY A 37 1.48 -2.53 -13.07
CA GLY A 37 0.50 -3.56 -13.33
C GLY A 37 0.96 -4.93 -12.87
N LEU A 38 1.68 -4.97 -11.76
CA LEU A 38 2.19 -6.23 -11.22
C LEU A 38 1.37 -6.68 -10.03
N ARG A 39 1.60 -7.90 -9.59
CA ARG A 39 0.89 -8.47 -8.47
C ARG A 39 1.66 -8.24 -7.18
N SER A 40 0.92 -7.91 -6.13
CA SER A 40 1.51 -7.63 -4.85
C SER A 40 1.65 -8.90 -4.02
N SER A 41 2.39 -8.81 -2.93
CA SER A 41 2.60 -9.94 -2.05
C SER A 41 1.47 -10.03 -1.04
N ALA A 42 0.88 -11.21 -0.92
CA ALA A 42 -0.25 -11.44 -0.03
C ALA A 42 0.10 -11.08 1.41
N LEU A 43 -0.38 -9.93 1.86
CA LEU A 43 -0.12 -9.47 3.21
C LEU A 43 -1.37 -9.67 4.05
N LYS A 44 -1.53 -10.88 4.57
CA LYS A 44 -2.67 -11.20 5.41
C LYS A 44 -2.22 -11.50 6.82
N GLY A 45 -2.43 -10.53 7.70
CA GLY A 45 -2.02 -10.67 9.07
C GLY A 45 -2.63 -9.59 9.93
N ARG A 46 -2.08 -9.40 11.12
CA ARG A 46 -2.62 -8.41 12.03
C ARG A 46 -1.52 -7.42 12.43
N HIS A 47 -1.59 -6.23 11.86
CA HIS A 47 -0.62 -5.17 12.14
C HIS A 47 -1.33 -3.83 12.19
N ASP A 48 -0.63 -2.79 12.62
CA ASP A 48 -1.15 -1.43 12.56
C ASP A 48 -1.23 -0.96 11.12
N LEU A 49 -1.88 0.17 10.88
CA LEU A 49 -2.00 0.72 9.53
C LEU A 49 -0.63 0.97 8.92
N GLN A 50 0.16 1.80 9.59
CA GLN A 50 1.49 2.19 9.11
C GLN A 50 2.40 0.97 8.99
N SER A 51 2.24 0.04 9.92
CA SER A 51 3.02 -1.19 9.93
C SER A 51 2.75 -2.00 8.66
N SER A 52 1.47 -2.24 8.37
CA SER A 52 1.07 -3.02 7.21
C SER A 52 1.54 -2.37 5.92
N LEU A 53 1.42 -1.05 5.85
CA LEU A 53 1.83 -0.29 4.67
C LEU A 53 3.30 -0.52 4.34
N ARG A 54 4.15 -0.46 5.36
CA ARG A 54 5.58 -0.57 5.15
C ARG A 54 5.96 -1.97 4.68
N ILE A 55 5.43 -2.98 5.36
CA ILE A 55 5.77 -4.37 5.06
C ILE A 55 5.39 -4.73 3.63
N LEU A 56 4.36 -4.09 3.10
CA LEU A 56 3.87 -4.39 1.76
C LEU A 56 4.66 -3.62 0.70
N LEU A 57 4.58 -2.30 0.74
CA LEU A 57 5.10 -1.47 -0.35
C LEU A 57 6.63 -1.47 -0.43
N GLN A 58 7.30 -1.64 0.71
CA GLN A 58 8.77 -1.71 0.74
C GLN A 58 9.30 -2.72 -0.28
N GLY A 59 8.68 -3.89 -0.32
CA GLY A 59 9.14 -4.95 -1.20
C GLY A 59 8.94 -4.61 -2.67
N THR A 60 7.95 -3.77 -2.97
CA THR A 60 7.66 -3.39 -4.33
C THR A 60 8.38 -2.11 -4.76
N GLY A 61 9.41 -1.73 -4.00
CA GLY A 61 10.24 -0.59 -4.36
C GLY A 61 9.46 0.71 -4.48
N LEU A 62 8.54 0.94 -3.56
CA LEU A 62 7.75 2.17 -3.58
C LEU A 62 7.80 2.85 -2.22
N ARG A 63 7.41 4.12 -2.17
CA ARG A 63 7.42 4.86 -0.93
C ARG A 63 6.00 5.20 -0.51
N TYR A 64 5.66 4.85 0.72
CA TYR A 64 4.34 5.16 1.24
C TYR A 64 4.39 6.40 2.14
N GLN A 65 3.64 7.41 1.77
CA GLN A 65 3.46 8.57 2.63
C GLN A 65 2.09 8.52 3.28
N ILE A 66 2.08 8.29 4.59
CA ILE A 66 0.84 8.16 5.33
C ILE A 66 0.53 9.46 6.07
N ASP A 67 -0.65 10.01 5.79
CA ASP A 67 -1.06 11.26 6.42
C ASP A 67 -2.52 11.15 6.85
N GLY A 68 -2.74 11.00 8.14
CA GLY A 68 -4.08 10.77 8.66
C GLY A 68 -4.66 9.45 8.18
N ASN A 69 -5.66 9.53 7.30
CA ASN A 69 -6.26 8.34 6.73
C ASN A 69 -5.95 8.26 5.25
N THR A 70 -5.09 9.16 4.80
CA THR A 70 -4.72 9.24 3.40
C THR A 70 -3.30 8.72 3.19
N VAL A 71 -3.15 7.84 2.21
CA VAL A 71 -1.85 7.27 1.89
C VAL A 71 -1.46 7.65 0.47
N THR A 72 -0.28 8.25 0.33
CA THR A 72 0.21 8.68 -0.97
C THR A 72 1.35 7.78 -1.42
N VAL A 73 1.15 7.07 -2.52
CA VAL A 73 2.16 6.19 -3.07
C VAL A 73 3.06 6.97 -4.02
N THR A 74 4.33 7.07 -3.66
CA THR A 74 5.30 7.81 -4.46
C THR A 74 6.27 6.83 -5.12
N ALA A 75 6.55 7.06 -6.40
CA ALA A 75 7.53 6.25 -7.11
C ALA A 75 8.93 6.58 -6.64
N SER A 76 9.67 5.55 -6.27
CA SER A 76 11.03 5.70 -5.75
C SER A 76 11.96 6.30 -6.79
N ALA A 77 12.72 7.33 -6.38
CA ALA A 77 13.64 8.03 -7.25
C ALA A 77 14.35 9.15 -6.49
N ALA A 78 14.45 9.00 -5.18
CA ALA A 78 15.04 10.05 -4.34
C ALA A 78 16.40 9.63 -3.78
N ALA A 79 16.85 8.43 -4.16
CA ALA A 79 18.14 7.89 -3.70
C ALA A 79 18.16 7.70 -2.18
N LYS A 80 16.96 7.62 -1.61
CA LYS A 80 16.79 7.37 -0.18
C LYS A 80 15.31 7.13 0.07
N ASP A 81 14.78 6.16 -0.66
CA ASP A 81 13.34 5.97 -0.74
C ASP A 81 12.85 5.09 0.39
N GLY A 82 12.13 5.68 1.32
CA GLY A 82 11.55 4.94 2.42
C GLY A 82 12.16 5.32 3.74
N SER A 1 -2.28 0.06 17.98
CA SER A 1 -2.62 -1.06 18.89
C SER A 1 -3.77 -1.87 18.32
N GLN A 2 -4.82 -1.17 17.89
CA GLN A 2 -5.96 -1.83 17.26
C GLN A 2 -5.49 -2.55 16.01
N GLU A 3 -5.63 -3.86 16.01
CA GLU A 3 -5.20 -4.68 14.90
C GLU A 3 -6.40 -5.06 14.04
N TRP A 4 -6.14 -5.29 12.77
CA TRP A 4 -7.19 -5.66 11.84
C TRP A 4 -6.78 -6.91 11.09
N THR A 5 -7.76 -7.67 10.64
CA THR A 5 -7.49 -8.82 9.81
C THR A 5 -7.52 -8.38 8.35
N LEU A 6 -6.35 -8.13 7.80
CA LEU A 6 -6.26 -7.55 6.48
C LEU A 6 -6.05 -8.64 5.44
N ASP A 7 -7.10 -8.88 4.67
CA ASP A 7 -7.00 -9.80 3.56
C ASP A 7 -6.67 -9.02 2.31
N ILE A 8 -5.39 -9.00 1.97
CA ILE A 8 -4.91 -8.22 0.85
C ILE A 8 -4.54 -9.13 -0.32
N PRO A 9 -5.20 -8.93 -1.47
CA PRO A 9 -4.96 -9.73 -2.67
C PRO A 9 -3.52 -9.60 -3.20
N ALA A 10 -3.02 -10.69 -3.74
CA ALA A 10 -1.69 -10.72 -4.35
C ALA A 10 -1.81 -10.55 -5.85
N GLN A 11 -2.88 -9.87 -6.25
CA GLN A 11 -3.15 -9.60 -7.65
C GLN A 11 -2.57 -8.25 -8.02
N SER A 12 -3.13 -7.62 -9.05
CA SER A 12 -2.73 -6.28 -9.43
C SER A 12 -2.81 -5.33 -8.22
N MET A 13 -1.79 -4.49 -8.10
CA MET A 13 -1.67 -3.53 -6.99
C MET A 13 -2.96 -2.75 -6.76
N ASN A 14 -3.71 -2.52 -7.85
CA ASN A 14 -5.00 -1.84 -7.78
C ASN A 14 -5.96 -2.54 -6.82
N SER A 15 -5.99 -3.87 -6.85
CA SER A 15 -6.92 -4.62 -6.04
C SER A 15 -6.50 -4.58 -4.57
N ALA A 16 -5.19 -4.69 -4.35
CA ALA A 16 -4.65 -4.68 -2.99
C ALA A 16 -4.91 -3.35 -2.30
N LEU A 17 -4.58 -2.24 -2.95
CA LEU A 17 -4.72 -0.93 -2.35
C LEU A 17 -6.19 -0.58 -2.12
N GLN A 18 -7.03 -0.93 -3.08
CA GLN A 18 -8.47 -0.71 -2.95
C GLN A 18 -9.02 -1.52 -1.77
N ALA A 19 -8.48 -2.71 -1.59
CA ALA A 19 -8.88 -3.58 -0.49
C ALA A 19 -8.48 -2.96 0.84
N LEU A 20 -7.28 -2.38 0.89
CA LEU A 20 -6.78 -1.76 2.11
C LEU A 20 -7.64 -0.55 2.48
N ALA A 21 -8.03 0.19 1.45
CA ALA A 21 -8.80 1.41 1.64
C ALA A 21 -10.11 1.11 2.34
N LYS A 22 -10.80 0.09 1.85
CA LYS A 22 -12.04 -0.37 2.43
C LYS A 22 -11.83 -0.95 3.83
N GLN A 23 -10.82 -1.80 3.97
CA GLN A 23 -10.58 -2.54 5.21
C GLN A 23 -10.27 -1.63 6.40
N THR A 24 -9.46 -0.60 6.20
CA THR A 24 -9.04 0.24 7.32
C THR A 24 -9.66 1.63 7.27
N ASP A 25 -10.61 1.80 6.34
CA ASP A 25 -11.29 3.08 6.15
C ASP A 25 -10.28 4.20 5.92
N THR A 26 -9.48 4.06 4.88
CA THR A 26 -8.46 5.03 4.58
C THR A 26 -8.49 5.38 3.10
N GLN A 27 -7.93 6.51 2.74
CA GLN A 27 -7.93 6.95 1.34
C GLN A 27 -6.54 6.78 0.75
N LEU A 28 -6.46 6.07 -0.36
CA LEU A 28 -5.18 5.79 -0.99
C LEU A 28 -5.12 6.43 -2.37
N LEU A 29 -4.11 7.26 -2.58
CA LEU A 29 -3.92 7.94 -3.85
C LEU A 29 -2.72 7.36 -4.58
N TYR A 30 -2.97 6.82 -5.76
CA TYR A 30 -1.91 6.23 -6.57
C TYR A 30 -2.27 6.33 -8.05
N SER A 31 -1.25 6.39 -8.88
CA SER A 31 -1.45 6.47 -10.32
C SER A 31 -1.33 5.08 -10.93
N PRO A 32 -2.41 4.60 -11.56
CA PRO A 32 -2.47 3.25 -12.14
C PRO A 32 -1.38 3.01 -13.19
N GLU A 33 -0.98 4.09 -13.85
CA GLU A 33 0.08 4.02 -14.84
C GLU A 33 1.45 3.91 -14.18
N ASP A 34 1.55 4.35 -12.94
CA ASP A 34 2.84 4.45 -12.25
C ASP A 34 3.07 3.25 -11.34
N ILE A 35 2.10 2.34 -11.30
CA ILE A 35 2.25 1.14 -10.47
C ILE A 35 2.69 -0.03 -11.34
N GLY A 36 3.00 0.27 -12.60
CA GLY A 36 3.59 -0.70 -13.51
C GLY A 36 2.71 -1.90 -13.79
N GLY A 37 1.46 -1.87 -13.34
CA GLY A 37 0.56 -2.99 -13.52
C GLY A 37 1.12 -4.27 -12.93
N LEU A 38 1.81 -4.16 -11.81
CA LEU A 38 2.47 -5.29 -11.19
C LEU A 38 1.61 -5.87 -10.07
N ARG A 39 1.96 -7.07 -9.62
CA ARG A 39 1.20 -7.72 -8.55
C ARG A 39 1.79 -7.34 -7.20
N SER A 40 0.91 -7.17 -6.24
CA SER A 40 1.28 -6.71 -4.91
C SER A 40 1.78 -7.85 -4.03
N SER A 41 2.51 -7.47 -2.98
CA SER A 41 2.98 -8.42 -1.99
C SER A 41 1.93 -8.54 -0.91
N ALA A 42 1.19 -9.65 -0.95
CA ALA A 42 0.05 -9.86 -0.08
C ALA A 42 0.42 -9.74 1.40
N LEU A 43 -0.20 -8.78 2.08
CA LEU A 43 -0.05 -8.64 3.51
C LEU A 43 -1.32 -9.15 4.17
N LYS A 44 -1.36 -10.46 4.36
CA LYS A 44 -2.55 -11.13 4.86
C LYS A 44 -2.34 -11.59 6.29
N GLY A 45 -2.91 -10.85 7.24
CA GLY A 45 -2.75 -11.21 8.64
C GLY A 45 -3.35 -10.17 9.56
N ARG A 46 -2.97 -10.24 10.84
CA ARG A 46 -3.49 -9.32 11.84
C ARG A 46 -2.40 -8.33 12.23
N HIS A 47 -2.44 -7.14 11.67
CA HIS A 47 -1.43 -6.12 11.94
C HIS A 47 -2.06 -4.75 12.09
N ASP A 48 -1.26 -3.81 12.58
CA ASP A 48 -1.64 -2.41 12.62
C ASP A 48 -1.60 -1.83 11.21
N LEU A 49 -2.12 -0.63 11.03
CA LEU A 49 -2.12 0.01 9.72
C LEU A 49 -0.69 0.19 9.19
N GLN A 50 0.11 0.92 9.96
CA GLN A 50 1.49 1.23 9.54
C GLN A 50 2.34 -0.03 9.47
N SER A 51 2.05 -1.02 10.30
CA SER A 51 2.79 -2.28 10.28
C SER A 51 2.64 -2.94 8.93
N SER A 52 1.41 -3.07 8.49
CA SER A 52 1.10 -3.66 7.19
C SER A 52 1.72 -2.84 6.06
N LEU A 53 1.57 -1.52 6.14
CA LEU A 53 2.11 -0.61 5.15
C LEU A 53 3.61 -0.79 4.97
N ARG A 54 4.34 -0.82 6.08
CA ARG A 54 5.79 -0.93 6.04
C ARG A 54 6.23 -2.22 5.35
N ILE A 55 5.65 -3.35 5.76
CA ILE A 55 6.07 -4.65 5.25
C ILE A 55 5.62 -4.86 3.80
N LEU A 56 4.46 -4.33 3.47
CA LEU A 56 3.89 -4.52 2.14
C LEU A 56 4.69 -3.72 1.10
N LEU A 57 4.92 -2.45 1.37
CA LEU A 57 5.54 -1.55 0.41
C LEU A 57 7.05 -1.77 0.29
N GLN A 58 7.70 -2.06 1.42
CA GLN A 58 9.14 -2.30 1.45
C GLN A 58 9.56 -3.31 0.38
N GLY A 59 10.27 -2.83 -0.64
CA GLY A 59 10.75 -3.70 -1.70
C GLY A 59 9.70 -3.93 -2.76
N THR A 60 9.34 -2.88 -3.48
CA THR A 60 8.34 -2.95 -4.53
C THR A 60 8.70 -2.02 -5.69
N GLY A 61 9.31 -0.90 -5.36
CA GLY A 61 9.58 0.13 -6.34
C GLY A 61 8.76 1.37 -6.07
N LEU A 62 7.74 1.20 -5.24
CA LEU A 62 6.87 2.30 -4.87
C LEU A 62 7.12 2.70 -3.42
N ARG A 63 6.82 3.95 -3.10
CA ARG A 63 7.04 4.49 -1.77
C ARG A 63 5.72 4.92 -1.15
N TYR A 64 5.52 4.60 0.11
CA TYR A 64 4.27 4.93 0.79
C TYR A 64 4.44 6.19 1.64
N GLN A 65 3.67 7.21 1.30
CA GLN A 65 3.60 8.42 2.10
C GLN A 65 2.26 8.51 2.80
N ILE A 66 2.28 8.84 4.09
CA ILE A 66 1.06 9.01 4.85
C ILE A 66 0.85 10.49 5.15
N ASP A 67 -0.11 11.07 4.46
CA ASP A 67 -0.41 12.49 4.61
C ASP A 67 -1.80 12.65 5.21
N GLY A 68 -1.85 13.01 6.48
CA GLY A 68 -3.12 13.07 7.19
C GLY A 68 -3.76 11.71 7.34
N ASN A 69 -4.87 11.50 6.63
CA ASN A 69 -5.53 10.20 6.62
C ASN A 69 -5.43 9.62 5.21
N THR A 70 -4.44 10.08 4.48
CA THR A 70 -4.30 9.73 3.08
C THR A 70 -2.98 8.99 2.85
N VAL A 71 -3.05 7.96 2.04
CA VAL A 71 -1.88 7.17 1.71
C VAL A 71 -1.48 7.45 0.26
N THR A 72 -0.30 7.98 0.06
CA THR A 72 0.16 8.33 -1.27
C THR A 72 1.18 7.32 -1.74
N VAL A 73 0.81 6.56 -2.77
CA VAL A 73 1.70 5.58 -3.35
C VAL A 73 2.41 6.19 -4.55
N THR A 74 3.63 6.64 -4.33
CA THR A 74 4.38 7.32 -5.37
C THR A 74 5.60 6.48 -5.74
N ALA A 75 6.00 6.54 -7.00
CA ALA A 75 7.15 5.79 -7.47
C ALA A 75 8.44 6.33 -6.85
N SER A 76 9.29 5.42 -6.37
CA SER A 76 10.55 5.79 -5.76
C SER A 76 11.43 6.46 -6.81
N ALA A 77 11.59 7.77 -6.66
CA ALA A 77 12.30 8.58 -7.64
C ALA A 77 11.57 8.53 -8.97
N ALA A 78 10.30 8.92 -8.96
CA ALA A 78 9.48 8.94 -10.15
C ALA A 78 10.10 9.82 -11.23
N ALA A 79 10.26 11.11 -10.92
CA ALA A 79 10.88 12.06 -11.84
C ALA A 79 10.22 12.04 -13.21
N LYS A 80 8.93 12.32 -13.25
CA LYS A 80 8.20 12.35 -14.50
C LYS A 80 8.26 13.74 -15.12
N ASP A 81 9.22 13.91 -16.04
CA ASP A 81 9.46 15.19 -16.73
C ASP A 81 9.81 16.30 -15.75
N GLY A 82 8.80 17.04 -15.33
CA GLY A 82 9.02 18.15 -14.43
C GLY A 82 7.87 19.13 -14.46
N SER A 1 -1.25 -2.24 19.88
CA SER A 1 -2.67 -2.20 20.29
C SER A 1 -3.57 -1.77 19.12
N GLN A 2 -3.00 -1.05 18.17
CA GLN A 2 -3.77 -0.54 17.05
C GLN A 2 -3.57 -1.41 15.81
N GLU A 3 -4.29 -2.52 15.76
CA GLU A 3 -4.18 -3.43 14.63
C GLU A 3 -5.51 -3.59 13.92
N TRP A 4 -5.45 -3.90 12.63
CA TRP A 4 -6.64 -4.11 11.82
C TRP A 4 -6.55 -5.46 11.13
N THR A 5 -7.69 -6.03 10.81
CA THR A 5 -7.74 -7.31 10.11
C THR A 5 -7.73 -7.05 8.60
N LEU A 6 -6.57 -7.17 8.00
CA LEU A 6 -6.39 -6.81 6.60
C LEU A 6 -6.26 -8.05 5.73
N ASP A 7 -7.27 -8.31 4.92
CA ASP A 7 -7.19 -9.38 3.93
C ASP A 7 -6.70 -8.80 2.60
N ILE A 8 -5.41 -8.93 2.33
CA ILE A 8 -4.82 -8.34 1.13
C ILE A 8 -4.64 -9.39 0.04
N PRO A 9 -5.23 -9.15 -1.15
CA PRO A 9 -5.11 -10.03 -2.31
C PRO A 9 -3.70 -10.14 -2.87
N ALA A 10 -3.47 -11.18 -3.65
CA ALA A 10 -2.18 -11.41 -4.30
C ALA A 10 -2.31 -11.24 -5.80
N GLN A 11 -3.21 -10.36 -6.18
CA GLN A 11 -3.48 -10.07 -7.58
C GLN A 11 -2.84 -8.75 -7.96
N SER A 12 -3.43 -8.08 -8.93
CA SER A 12 -3.03 -6.74 -9.31
C SER A 12 -3.06 -5.82 -8.08
N MET A 13 -1.97 -5.07 -7.92
CA MET A 13 -1.80 -4.12 -6.81
C MET A 13 -3.03 -3.23 -6.64
N ASN A 14 -3.68 -2.94 -7.76
CA ASN A 14 -4.91 -2.14 -7.77
C ASN A 14 -5.95 -2.71 -6.80
N SER A 15 -6.10 -4.03 -6.80
CA SER A 15 -7.11 -4.68 -5.99
C SER A 15 -6.70 -4.67 -4.53
N ALA A 16 -5.42 -4.94 -4.28
CA ALA A 16 -4.89 -4.98 -2.92
C ALA A 16 -5.01 -3.63 -2.24
N LEU A 17 -4.66 -2.57 -2.97
CA LEU A 17 -4.70 -1.22 -2.42
C LEU A 17 -6.14 -0.79 -2.13
N GLN A 18 -7.04 -1.00 -3.08
CA GLN A 18 -8.44 -0.64 -2.88
C GLN A 18 -9.04 -1.43 -1.71
N ALA A 19 -8.61 -2.68 -1.56
CA ALA A 19 -9.04 -3.51 -0.45
C ALA A 19 -8.53 -2.96 0.87
N LEU A 20 -7.27 -2.52 0.88
CA LEU A 20 -6.65 -1.97 2.09
C LEU A 20 -7.37 -0.70 2.50
N ALA A 21 -7.76 0.08 1.50
CA ALA A 21 -8.46 1.33 1.71
C ALA A 21 -9.80 1.07 2.38
N LYS A 22 -10.47 0.02 1.91
CA LYS A 22 -11.77 -0.37 2.46
C LYS A 22 -11.66 -0.73 3.94
N GLN A 23 -10.58 -1.43 4.29
CA GLN A 23 -10.37 -1.89 5.66
C GLN A 23 -10.24 -0.74 6.65
N THR A 24 -9.63 0.36 6.22
CA THR A 24 -9.35 1.45 7.14
C THR A 24 -10.08 2.74 6.77
N ASP A 25 -10.92 2.67 5.73
CA ASP A 25 -11.63 3.82 5.18
C ASP A 25 -10.66 4.93 4.80
N THR A 26 -9.51 4.54 4.28
CA THR A 26 -8.47 5.47 3.93
C THR A 26 -8.49 5.79 2.45
N GLN A 27 -7.93 6.94 2.10
CA GLN A 27 -7.81 7.34 0.72
C GLN A 27 -6.39 7.14 0.25
N LEU A 28 -6.21 6.32 -0.76
CA LEU A 28 -4.89 6.02 -1.27
C LEU A 28 -4.65 6.76 -2.57
N LEU A 29 -3.62 7.58 -2.59
CA LEU A 29 -3.29 8.35 -3.77
C LEU A 29 -2.20 7.63 -4.54
N TYR A 30 -2.56 7.10 -5.68
CA TYR A 30 -1.65 6.33 -6.50
C TYR A 30 -2.24 6.18 -7.90
N SER A 31 -1.39 5.82 -8.85
CA SER A 31 -1.85 5.62 -10.20
C SER A 31 -1.44 4.24 -10.71
N PRO A 32 -2.43 3.38 -11.01
CA PRO A 32 -2.19 2.01 -11.50
C PRO A 32 -1.41 2.00 -12.81
N GLU A 33 -1.41 3.13 -13.49
CA GLU A 33 -0.65 3.29 -14.72
C GLU A 33 0.84 3.35 -14.40
N ASP A 34 1.17 3.99 -13.28
CA ASP A 34 2.56 4.19 -12.87
C ASP A 34 3.21 2.90 -12.38
N ILE A 35 2.39 1.91 -12.05
CA ILE A 35 2.91 0.66 -11.50
C ILE A 35 3.00 -0.42 -12.57
N GLY A 36 2.40 -0.15 -13.72
CA GLY A 36 2.47 -1.08 -14.84
C GLY A 36 1.79 -2.40 -14.57
N GLY A 37 0.95 -2.43 -13.54
CA GLY A 37 0.25 -3.65 -13.20
C GLY A 37 1.12 -4.62 -12.42
N LEU A 38 1.52 -4.23 -11.22
CA LEU A 38 2.29 -5.09 -10.34
C LEU A 38 1.37 -5.99 -9.55
N ARG A 39 1.87 -7.14 -9.12
CA ARG A 39 1.12 -8.02 -8.24
C ARG A 39 1.53 -7.79 -6.80
N SER A 40 0.56 -7.84 -5.90
CA SER A 40 0.81 -7.62 -4.50
C SER A 40 1.16 -8.92 -3.78
N SER A 41 1.88 -8.81 -2.69
CA SER A 41 2.23 -9.96 -1.87
C SER A 41 1.14 -10.19 -0.85
N ALA A 42 0.69 -11.44 -0.76
CA ALA A 42 -0.41 -11.82 0.13
C ALA A 42 -0.08 -11.48 1.59
N LEU A 43 -0.64 -10.37 2.06
CA LEU A 43 -0.49 -9.96 3.44
C LEU A 43 -1.86 -9.93 4.11
N LYS A 44 -2.31 -11.07 4.59
CA LYS A 44 -3.60 -11.15 5.24
C LYS A 44 -3.46 -11.56 6.70
N GLY A 45 -3.86 -10.65 7.57
CA GLY A 45 -3.71 -10.84 9.00
C GLY A 45 -4.11 -9.60 9.77
N ARG A 46 -3.71 -9.51 11.01
CA ARG A 46 -4.04 -8.36 11.84
C ARG A 46 -2.76 -7.67 12.33
N HIS A 47 -2.53 -6.46 11.86
CA HIS A 47 -1.38 -5.68 12.29
C HIS A 47 -1.63 -4.19 12.12
N ASP A 48 -0.64 -3.39 12.49
CA ASP A 48 -0.68 -1.94 12.35
C ASP A 48 -0.68 -1.54 10.88
N LEU A 49 -1.40 -0.46 10.55
CA LEU A 49 -1.53 -0.04 9.16
C LEU A 49 -0.17 0.32 8.57
N GLN A 50 0.50 1.28 9.18
CA GLN A 50 1.79 1.75 8.69
C GLN A 50 2.80 0.61 8.64
N SER A 51 2.67 -0.30 9.59
CA SER A 51 3.52 -1.48 9.67
C SER A 51 3.31 -2.39 8.46
N SER A 52 2.05 -2.66 8.12
CA SER A 52 1.74 -3.55 6.98
C SER A 52 2.29 -2.98 5.66
N LEU A 53 2.02 -1.70 5.41
CA LEU A 53 2.55 -1.04 4.22
C LEU A 53 4.08 -1.08 4.20
N ARG A 54 4.68 -1.06 5.38
CA ARG A 54 6.13 -1.12 5.49
C ARG A 54 6.65 -2.43 4.89
N ILE A 55 5.90 -3.50 5.06
CA ILE A 55 6.28 -4.80 4.53
C ILE A 55 6.06 -4.84 3.02
N LEU A 56 4.86 -4.43 2.60
CA LEU A 56 4.45 -4.54 1.20
C LEU A 56 5.30 -3.63 0.30
N LEU A 57 5.40 -2.36 0.68
CA LEU A 57 6.11 -1.39 -0.17
C LEU A 57 7.62 -1.60 -0.13
N GLN A 58 8.11 -2.17 0.98
CA GLN A 58 9.51 -2.57 1.09
C GLN A 58 10.00 -3.31 -0.16
N GLY A 59 9.23 -4.30 -0.58
CA GLY A 59 9.64 -5.13 -1.70
C GLY A 59 9.43 -4.46 -3.05
N THR A 60 8.56 -3.46 -3.08
CA THR A 60 8.22 -2.80 -4.32
C THR A 60 8.97 -1.48 -4.48
N GLY A 61 9.88 -1.21 -3.55
CA GLY A 61 10.64 0.04 -3.56
C GLY A 61 9.77 1.28 -3.53
N LEU A 62 8.59 1.17 -2.95
CA LEU A 62 7.64 2.28 -2.92
C LEU A 62 7.68 3.00 -1.59
N ARG A 63 7.16 4.21 -1.57
CA ARG A 63 7.09 5.01 -0.35
C ARG A 63 5.64 5.38 -0.06
N TYR A 64 5.32 5.51 1.21
CA TYR A 64 3.96 5.82 1.62
C TYR A 64 3.94 6.97 2.60
N GLN A 65 3.16 7.99 2.27
CA GLN A 65 2.97 9.13 3.15
C GLN A 65 1.60 9.04 3.79
N ILE A 66 1.55 8.96 5.11
CA ILE A 66 0.27 8.82 5.81
C ILE A 66 -0.06 10.07 6.59
N ASP A 67 -1.20 10.66 6.26
CA ASP A 67 -1.68 11.85 6.94
C ASP A 67 -3.16 11.68 7.25
N GLY A 68 -3.48 11.39 8.51
CA GLY A 68 -4.86 11.16 8.89
C GLY A 68 -5.40 9.87 8.33
N ASN A 69 -6.19 9.97 7.27
CA ASN A 69 -6.68 8.79 6.56
C ASN A 69 -6.25 8.88 5.10
N THR A 70 -5.26 9.71 4.85
CA THR A 70 -4.79 9.97 3.51
C THR A 70 -3.40 9.37 3.33
N VAL A 71 -3.28 8.43 2.40
CA VAL A 71 -2.02 7.75 2.16
C VAL A 71 -1.58 7.93 0.71
N THR A 72 -0.34 8.35 0.53
CA THR A 72 0.20 8.57 -0.80
C THR A 72 1.19 7.47 -1.17
N VAL A 73 0.82 6.66 -2.15
CA VAL A 73 1.68 5.59 -2.62
C VAL A 73 2.53 6.10 -3.78
N THR A 74 3.73 6.54 -3.46
CA THR A 74 4.60 7.16 -4.45
C THR A 74 5.83 6.30 -4.70
N ALA A 75 6.31 6.31 -5.94
CA ALA A 75 7.49 5.57 -6.31
C ALA A 75 8.73 6.35 -5.97
N SER A 76 9.76 5.65 -5.50
CA SER A 76 11.01 6.28 -5.15
C SER A 76 11.77 6.71 -6.40
N ALA A 77 11.58 7.95 -6.80
CA ALA A 77 12.19 8.48 -8.01
C ALA A 77 12.53 9.96 -7.82
N ALA A 78 13.34 10.24 -6.81
CA ALA A 78 13.78 11.59 -6.54
C ALA A 78 14.50 12.19 -7.75
N ALA A 79 14.19 13.43 -8.06
CA ALA A 79 14.80 14.10 -9.21
C ALA A 79 16.29 14.30 -8.97
N LYS A 80 17.09 13.95 -9.96
CA LYS A 80 18.55 14.04 -9.84
C LYS A 80 18.97 15.49 -9.64
N ASP A 81 19.98 15.67 -8.81
CA ASP A 81 20.53 17.00 -8.56
C ASP A 81 22.04 16.89 -8.41
N GLY A 82 22.73 16.98 -9.53
CA GLY A 82 24.18 16.83 -9.55
C GLY A 82 24.66 16.26 -10.85
N SER A 1 -3.91 -0.47 20.57
CA SER A 1 -4.35 -1.82 20.13
C SER A 1 -5.29 -1.71 18.93
N GLN A 2 -5.03 -0.75 18.06
CA GLN A 2 -5.83 -0.57 16.86
C GLN A 2 -5.25 -1.39 15.72
N GLU A 3 -5.21 -2.69 15.93
CA GLU A 3 -4.73 -3.61 14.92
C GLU A 3 -5.93 -4.25 14.24
N TRP A 4 -5.74 -4.71 13.02
CA TRP A 4 -6.84 -5.26 12.23
C TRP A 4 -6.42 -6.54 11.56
N THR A 5 -7.38 -7.34 11.15
CA THR A 5 -7.09 -8.50 10.35
C THR A 5 -7.27 -8.13 8.88
N LEU A 6 -6.14 -7.84 8.24
CA LEU A 6 -6.16 -7.28 6.90
C LEU A 6 -5.78 -8.33 5.87
N ASP A 7 -6.71 -8.63 4.98
CA ASP A 7 -6.44 -9.55 3.88
C ASP A 7 -6.11 -8.77 2.61
N ILE A 8 -4.84 -8.80 2.22
CA ILE A 8 -4.39 -8.13 1.00
C ILE A 8 -4.20 -9.15 -0.12
N PRO A 9 -4.86 -8.92 -1.27
CA PRO A 9 -4.82 -9.81 -2.44
C PRO A 9 -3.44 -9.93 -3.08
N ALA A 10 -3.25 -10.98 -3.86
CA ALA A 10 -2.02 -11.19 -4.61
C ALA A 10 -2.25 -10.88 -6.08
N GLN A 11 -3.11 -9.90 -6.31
CA GLN A 11 -3.40 -9.43 -7.66
C GLN A 11 -2.54 -8.22 -7.96
N SER A 12 -2.88 -7.48 -8.99
CA SER A 12 -2.27 -6.19 -9.23
C SER A 12 -2.45 -5.31 -8.00
N MET A 13 -1.44 -4.48 -7.72
CA MET A 13 -1.42 -3.57 -6.57
C MET A 13 -2.70 -2.75 -6.48
N ASN A 14 -3.37 -2.59 -7.63
CA ASN A 14 -4.66 -1.91 -7.69
C ASN A 14 -5.65 -2.56 -6.73
N SER A 15 -5.74 -3.89 -6.77
CA SER A 15 -6.71 -4.60 -5.96
C SER A 15 -6.27 -4.67 -4.51
N ALA A 16 -4.96 -4.81 -4.29
CA ALA A 16 -4.40 -4.82 -2.95
C ALA A 16 -4.75 -3.55 -2.18
N LEU A 17 -4.47 -2.41 -2.79
CA LEU A 17 -4.75 -1.12 -2.17
C LEU A 17 -6.26 -0.87 -2.11
N GLN A 18 -6.97 -1.37 -3.12
CA GLN A 18 -8.43 -1.27 -3.14
C GLN A 18 -9.03 -2.02 -1.97
N ALA A 19 -8.58 -3.25 -1.76
CA ALA A 19 -9.05 -4.08 -0.66
C ALA A 19 -8.64 -3.47 0.66
N LEU A 20 -7.47 -2.85 0.70
CA LEU A 20 -6.97 -2.20 1.90
C LEU A 20 -7.85 -1.01 2.25
N ALA A 21 -8.23 -0.25 1.23
CA ALA A 21 -9.00 0.98 1.42
C ALA A 21 -10.34 0.66 2.06
N LYS A 22 -11.00 -0.35 1.50
CA LYS A 22 -12.29 -0.82 1.98
C LYS A 22 -12.17 -1.42 3.38
N GLN A 23 -10.98 -1.90 3.70
CA GLN A 23 -10.76 -2.70 4.90
C GLN A 23 -10.32 -1.87 6.10
N THR A 24 -9.69 -0.72 5.85
CA THR A 24 -9.27 0.15 6.95
C THR A 24 -9.99 1.50 6.91
N ASP A 25 -10.84 1.66 5.90
CA ASP A 25 -11.62 2.89 5.69
C ASP A 25 -10.68 4.09 5.55
N THR A 26 -9.63 3.91 4.78
CA THR A 26 -8.65 4.96 4.56
C THR A 26 -8.64 5.38 3.10
N GLN A 27 -7.99 6.50 2.79
CA GLN A 27 -7.93 6.99 1.44
C GLN A 27 -6.62 6.58 0.78
N LEU A 28 -6.72 5.78 -0.27
CA LEU A 28 -5.56 5.25 -0.96
C LEU A 28 -5.38 5.93 -2.32
N LEU A 29 -4.29 6.66 -2.46
CA LEU A 29 -3.98 7.34 -3.70
C LEU A 29 -2.85 6.63 -4.41
N TYR A 30 -3.14 6.04 -5.54
CA TYR A 30 -2.15 5.30 -6.31
C TYR A 30 -2.34 5.52 -7.79
N SER A 31 -1.24 5.60 -8.50
CA SER A 31 -1.28 5.82 -9.93
C SER A 31 -1.04 4.50 -10.67
N PRO A 32 -2.06 4.01 -11.40
CA PRO A 32 -2.03 2.71 -12.08
C PRO A 32 -0.86 2.55 -13.05
N GLU A 33 -0.56 3.60 -13.80
CA GLU A 33 0.53 3.58 -14.76
C GLU A 33 1.88 3.76 -14.07
N ASP A 34 1.87 4.35 -12.89
CA ASP A 34 3.11 4.62 -12.16
C ASP A 34 3.55 3.40 -11.37
N ILE A 35 2.59 2.55 -11.01
CA ILE A 35 2.89 1.33 -10.28
C ILE A 35 2.97 0.14 -11.24
N GLY A 36 2.70 0.41 -12.52
CA GLY A 36 2.85 -0.59 -13.56
C GLY A 36 1.87 -1.75 -13.45
N GLY A 37 0.94 -1.65 -12.51
CA GLY A 37 -0.01 -2.71 -12.30
C GLY A 37 0.64 -4.02 -11.89
N LEU A 38 1.70 -3.92 -11.09
CA LEU A 38 2.44 -5.11 -10.65
C LEU A 38 1.63 -5.87 -9.61
N ARG A 39 1.92 -7.16 -9.44
CA ARG A 39 1.17 -7.97 -8.48
C ARG A 39 1.79 -7.86 -7.10
N SER A 40 0.94 -7.77 -6.10
CA SER A 40 1.38 -7.60 -4.73
C SER A 40 1.60 -8.94 -4.05
N SER A 41 2.43 -8.93 -3.04
CA SER A 41 2.66 -10.11 -2.22
C SER A 41 1.66 -10.11 -1.07
N ALA A 42 0.99 -11.24 -0.88
CA ALA A 42 -0.09 -11.34 0.10
C ALA A 42 0.32 -10.85 1.48
N LEU A 43 -0.28 -9.76 1.88
CA LEU A 43 -0.08 -9.22 3.22
C LEU A 43 -1.37 -9.42 4.00
N LYS A 44 -1.45 -10.53 4.71
CA LYS A 44 -2.66 -10.85 5.42
C LYS A 44 -2.38 -11.37 6.82
N GLY A 45 -2.89 -10.64 7.80
CA GLY A 45 -2.72 -11.01 9.19
C GLY A 45 -3.24 -9.92 10.09
N ARG A 46 -2.87 -9.95 11.37
CA ARG A 46 -3.31 -8.94 12.29
C ARG A 46 -2.21 -7.90 12.49
N HIS A 47 -2.32 -6.80 11.74
CA HIS A 47 -1.30 -5.77 11.78
C HIS A 47 -1.97 -4.40 11.79
N ASP A 48 -1.23 -3.39 12.22
CA ASP A 48 -1.71 -2.01 12.15
C ASP A 48 -1.46 -1.45 10.77
N LEU A 49 -2.05 -0.30 10.47
CA LEU A 49 -1.97 0.30 9.14
C LEU A 49 -0.51 0.52 8.72
N GLN A 50 0.24 1.21 9.56
CA GLN A 50 1.63 1.55 9.28
C GLN A 50 2.46 0.30 9.00
N SER A 51 2.36 -0.69 9.89
CA SER A 51 3.11 -1.92 9.74
C SER A 51 2.75 -2.65 8.44
N SER A 52 1.45 -2.71 8.15
CA SER A 52 0.98 -3.38 6.95
C SER A 52 1.55 -2.72 5.69
N LEU A 53 1.55 -1.39 5.68
CA LEU A 53 2.08 -0.64 4.55
C LEU A 53 3.57 -0.90 4.37
N ARG A 54 4.29 -0.92 5.48
CA ARG A 54 5.73 -1.12 5.44
C ARG A 54 6.10 -2.52 4.97
N ILE A 55 5.47 -3.53 5.55
CA ILE A 55 5.78 -4.92 5.20
C ILE A 55 5.35 -5.22 3.76
N LEU A 56 4.36 -4.48 3.27
CA LEU A 56 3.90 -4.66 1.90
C LEU A 56 4.89 -4.05 0.92
N LEU A 57 5.21 -2.78 1.10
CA LEU A 57 6.12 -2.08 0.19
C LEU A 57 7.56 -2.07 0.72
N GLN A 58 7.88 -3.08 1.54
CA GLN A 58 9.20 -3.20 2.15
C GLN A 58 10.33 -3.08 1.13
N GLY A 59 10.31 -3.94 0.12
CA GLY A 59 11.39 -3.94 -0.85
C GLY A 59 10.88 -3.91 -2.29
N THR A 60 9.76 -3.24 -2.50
CA THR A 60 9.18 -3.14 -3.83
C THR A 60 9.67 -1.90 -4.58
N GLY A 61 10.55 -1.12 -3.95
CA GLY A 61 11.07 0.07 -4.58
C GLY A 61 10.03 1.14 -4.80
N LEU A 62 8.97 1.11 -3.99
CA LEU A 62 7.91 2.08 -4.08
C LEU A 62 7.86 2.92 -2.81
N ARG A 63 7.22 4.07 -2.88
CA ARG A 63 7.13 4.95 -1.73
C ARG A 63 5.70 5.00 -1.21
N TYR A 64 5.54 4.69 0.07
CA TYR A 64 4.26 4.85 0.73
C TYR A 64 4.29 6.10 1.61
N GLN A 65 3.45 7.06 1.28
CA GLN A 65 3.35 8.27 2.06
C GLN A 65 2.05 8.26 2.85
N ILE A 66 2.16 8.15 4.17
CA ILE A 66 0.98 8.12 5.03
C ILE A 66 0.92 9.40 5.86
N ASP A 67 -0.07 10.24 5.55
CA ASP A 67 -0.24 11.51 6.22
C ASP A 67 -1.69 11.65 6.68
N GLY A 68 -1.92 11.44 7.96
CA GLY A 68 -3.28 11.48 8.48
C GLY A 68 -4.13 10.33 7.94
N ASN A 69 -5.09 10.67 7.09
CA ASN A 69 -5.95 9.67 6.48
C ASN A 69 -5.63 9.52 5.00
N THR A 70 -4.54 10.15 4.58
CA THR A 70 -4.12 10.11 3.19
C THR A 70 -2.90 9.20 3.03
N VAL A 71 -3.05 8.17 2.21
CA VAL A 71 -1.95 7.28 1.91
C VAL A 71 -1.66 7.30 0.41
N THR A 72 -0.46 7.68 0.04
CA THR A 72 -0.08 7.80 -1.36
C THR A 72 0.98 6.77 -1.73
N VAL A 73 0.71 6.00 -2.77
CA VAL A 73 1.63 4.95 -3.22
C VAL A 73 2.13 5.27 -4.63
N THR A 74 3.39 5.65 -4.71
CA THR A 74 4.00 6.00 -5.99
C THR A 74 5.44 5.48 -6.04
N ALA A 75 6.01 5.38 -7.24
CA ALA A 75 7.38 4.93 -7.41
C ALA A 75 8.35 5.92 -6.77
N SER A 76 9.20 5.42 -5.88
CA SER A 76 10.14 6.27 -5.17
C SER A 76 11.41 6.51 -5.97
N ALA A 77 11.34 7.46 -6.90
CA ALA A 77 12.51 7.85 -7.67
C ALA A 77 12.85 9.31 -7.37
N ALA A 78 12.74 9.67 -6.10
CA ALA A 78 12.93 11.05 -5.68
C ALA A 78 14.40 11.46 -5.71
N ALA A 79 14.72 12.38 -6.60
CA ALA A 79 16.06 12.90 -6.71
C ALA A 79 16.07 14.37 -6.31
N LYS A 80 16.59 14.66 -5.12
CA LYS A 80 16.55 16.02 -4.59
C LYS A 80 17.84 16.34 -3.85
N ASP A 81 18.88 15.57 -4.13
CA ASP A 81 20.18 15.77 -3.51
C ASP A 81 21.28 15.38 -4.48
N GLY A 82 20.90 15.24 -5.75
CA GLY A 82 21.82 14.75 -6.75
C GLY A 82 21.48 13.34 -7.17
N SER A 1 -0.18 -1.01 19.27
CA SER A 1 -0.58 -1.78 18.09
C SER A 1 -2.10 -2.01 18.04
N GLN A 2 -2.81 -1.02 17.53
CA GLN A 2 -4.21 -1.19 17.20
C GLN A 2 -4.29 -1.87 15.85
N GLU A 3 -4.49 -3.17 15.88
CA GLU A 3 -4.32 -4.00 14.71
C GLU A 3 -5.67 -4.49 14.18
N TRP A 4 -5.62 -5.04 12.98
CA TRP A 4 -6.79 -5.58 12.32
C TRP A 4 -6.41 -6.86 11.61
N THR A 5 -7.41 -7.66 11.25
CA THR A 5 -7.15 -8.84 10.47
C THR A 5 -7.37 -8.50 9.00
N LEU A 6 -6.28 -8.23 8.30
CA LEU A 6 -6.36 -7.75 6.94
C LEU A 6 -6.41 -8.88 5.94
N ASP A 7 -6.94 -8.59 4.77
CA ASP A 7 -7.01 -9.55 3.69
C ASP A 7 -6.64 -8.85 2.38
N ILE A 8 -5.41 -9.01 1.98
CA ILE A 8 -4.90 -8.32 0.81
C ILE A 8 -4.48 -9.31 -0.27
N PRO A 9 -5.15 -9.23 -1.43
CA PRO A 9 -4.92 -10.12 -2.58
C PRO A 9 -3.48 -10.07 -3.11
N ALA A 10 -3.14 -11.06 -3.92
CA ALA A 10 -1.84 -11.15 -4.57
C ALA A 10 -2.02 -11.11 -6.07
N GLN A 11 -2.91 -10.24 -6.48
CA GLN A 11 -3.19 -10.01 -7.88
C GLN A 11 -2.78 -8.59 -8.24
N SER A 12 -3.45 -8.00 -9.23
CA SER A 12 -3.19 -6.62 -9.60
C SER A 12 -3.30 -5.69 -8.39
N MET A 13 -2.28 -4.83 -8.27
CA MET A 13 -2.16 -3.83 -7.21
C MET A 13 -3.46 -3.06 -7.01
N ASN A 14 -4.23 -2.93 -8.09
CA ASN A 14 -5.52 -2.26 -8.08
C ASN A 14 -6.44 -2.84 -7.00
N SER A 15 -6.52 -4.17 -6.96
CA SER A 15 -7.46 -4.84 -6.05
C SER A 15 -6.94 -4.82 -4.62
N ALA A 16 -5.64 -5.07 -4.48
CA ALA A 16 -5.01 -5.15 -3.17
C ALA A 16 -5.19 -3.86 -2.38
N LEU A 17 -4.84 -2.74 -3.01
CA LEU A 17 -4.94 -1.45 -2.35
C LEU A 17 -6.40 -1.09 -2.07
N GLN A 18 -7.26 -1.40 -3.03
CA GLN A 18 -8.69 -1.10 -2.89
C GLN A 18 -9.28 -1.86 -1.71
N ALA A 19 -8.81 -3.10 -1.52
CA ALA A 19 -9.25 -3.93 -0.40
C ALA A 19 -8.76 -3.34 0.92
N LEU A 20 -7.53 -2.87 0.93
CA LEU A 20 -6.93 -2.29 2.13
C LEU A 20 -7.67 -1.03 2.54
N ALA A 21 -8.21 -0.33 1.54
CA ALA A 21 -8.89 0.93 1.76
C ALA A 21 -10.12 0.73 2.64
N LYS A 22 -10.98 -0.20 2.25
CA LYS A 22 -12.19 -0.49 3.02
C LYS A 22 -11.86 -1.05 4.40
N GLN A 23 -10.86 -1.93 4.45
CA GLN A 23 -10.54 -2.64 5.69
C GLN A 23 -10.00 -1.71 6.77
N THR A 24 -9.45 -0.57 6.38
CA THR A 24 -8.95 0.40 7.36
C THR A 24 -9.80 1.67 7.36
N ASP A 25 -10.66 1.77 6.33
CA ASP A 25 -11.53 2.93 6.14
C ASP A 25 -10.69 4.19 5.90
N THR A 26 -9.59 4.00 5.19
CA THR A 26 -8.68 5.09 4.88
C THR A 26 -8.85 5.52 3.43
N GLN A 27 -8.18 6.61 3.07
CA GLN A 27 -8.22 7.10 1.70
C GLN A 27 -6.89 6.84 1.03
N LEU A 28 -6.89 6.07 -0.05
CA LEU A 28 -5.65 5.71 -0.69
C LEU A 28 -5.49 6.44 -2.02
N LEU A 29 -4.30 6.98 -2.23
CA LEU A 29 -3.99 7.70 -3.44
C LEU A 29 -2.96 6.93 -4.25
N TYR A 30 -3.40 6.38 -5.38
CA TYR A 30 -2.52 5.64 -6.26
C TYR A 30 -3.03 5.73 -7.70
N SER A 31 -2.10 5.79 -8.64
CA SER A 31 -2.45 5.93 -10.05
C SER A 31 -2.16 4.64 -10.81
N PRO A 32 -3.22 3.99 -11.32
CA PRO A 32 -3.12 2.71 -12.04
C PRO A 32 -2.12 2.73 -13.20
N GLU A 33 -2.05 3.84 -13.91
CA GLU A 33 -1.12 3.97 -15.03
C GLU A 33 0.32 4.01 -14.53
N ASP A 34 0.54 4.75 -13.45
CA ASP A 34 1.88 5.04 -12.97
C ASP A 34 2.46 3.89 -12.16
N ILE A 35 1.66 2.86 -11.90
CA ILE A 35 2.15 1.70 -11.16
C ILE A 35 2.50 0.57 -12.11
N GLY A 36 2.16 0.73 -13.38
CA GLY A 36 2.47 -0.27 -14.38
C GLY A 36 1.74 -1.58 -14.16
N GLY A 37 0.65 -1.54 -13.41
CA GLY A 37 -0.10 -2.75 -13.11
C GLY A 37 0.71 -3.77 -12.33
N LEU A 38 1.25 -3.34 -11.20
CA LEU A 38 2.01 -4.22 -10.33
C LEU A 38 1.12 -5.31 -9.72
N ARG A 39 1.75 -6.34 -9.20
CA ARG A 39 1.03 -7.33 -8.40
C ARG A 39 1.55 -7.28 -6.99
N SER A 40 0.65 -7.39 -6.04
CA SER A 40 0.99 -7.25 -4.64
C SER A 40 1.38 -8.59 -4.04
N SER A 41 2.14 -8.51 -2.96
CA SER A 41 2.42 -9.67 -2.14
C SER A 41 1.35 -9.78 -1.08
N ALA A 42 0.66 -10.92 -1.05
CA ALA A 42 -0.49 -11.11 -0.18
C ALA A 42 -0.13 -10.85 1.28
N LEU A 43 -0.66 -9.78 1.83
CA LEU A 43 -0.44 -9.43 3.22
C LEU A 43 -1.76 -9.59 3.97
N LYS A 44 -1.98 -10.77 4.50
CA LYS A 44 -3.21 -11.08 5.22
C LYS A 44 -2.89 -11.59 6.62
N GLY A 45 -3.09 -10.73 7.59
CA GLY A 45 -2.75 -11.06 8.96
C GLY A 45 -3.09 -9.92 9.89
N ARG A 46 -2.58 -9.97 11.11
CA ARG A 46 -2.88 -8.94 12.08
C ARG A 46 -1.69 -8.03 12.30
N HIS A 47 -1.80 -6.78 11.87
CA HIS A 47 -0.74 -5.80 12.09
C HIS A 47 -1.33 -4.39 12.08
N ASP A 48 -0.49 -3.41 12.42
CA ASP A 48 -0.90 -2.01 12.40
C ASP A 48 -1.02 -1.51 10.97
N LEU A 49 -1.60 -0.33 10.81
CA LEU A 49 -1.77 0.25 9.49
C LEU A 49 -0.41 0.48 8.84
N GLN A 50 0.44 1.28 9.48
CA GLN A 50 1.76 1.58 8.94
C GLN A 50 2.63 0.32 8.92
N SER A 51 2.40 -0.60 9.84
CA SER A 51 3.14 -1.85 9.87
C SER A 51 2.85 -2.68 8.62
N SER A 52 1.58 -2.77 8.25
CA SER A 52 1.17 -3.45 7.04
C SER A 52 1.83 -2.80 5.83
N LEU A 53 1.77 -1.48 5.77
CA LEU A 53 2.37 -0.71 4.68
C LEU A 53 3.86 -0.99 4.57
N ARG A 54 4.53 -1.10 5.71
CA ARG A 54 5.97 -1.33 5.74
C ARG A 54 6.32 -2.69 5.13
N ILE A 55 5.59 -3.73 5.54
CA ILE A 55 5.86 -5.08 5.05
C ILE A 55 5.46 -5.22 3.59
N LEU A 56 4.43 -4.47 3.19
CA LEU A 56 3.96 -4.49 1.81
C LEU A 56 4.92 -3.68 0.93
N LEU A 57 5.49 -2.62 1.51
CA LEU A 57 6.40 -1.75 0.78
C LEU A 57 7.66 -2.50 0.38
N GLN A 58 8.20 -3.27 1.32
CA GLN A 58 9.35 -4.13 1.06
C GLN A 58 9.19 -4.92 -0.24
N GLY A 59 9.98 -4.56 -1.24
CA GLY A 59 9.94 -5.27 -2.51
C GLY A 59 9.41 -4.42 -3.64
N THR A 60 8.67 -3.36 -3.32
CA THR A 60 8.04 -2.55 -4.36
C THR A 60 8.89 -1.34 -4.74
N GLY A 61 9.95 -1.08 -3.97
CA GLY A 61 10.80 0.08 -4.22
C GLY A 61 10.06 1.41 -4.17
N LEU A 62 8.88 1.42 -3.58
CA LEU A 62 8.07 2.63 -3.53
C LEU A 62 8.15 3.28 -2.16
N ARG A 63 7.50 4.43 -2.02
CA ARG A 63 7.45 5.13 -0.74
C ARG A 63 6.00 5.42 -0.37
N TYR A 64 5.62 5.13 0.87
CA TYR A 64 4.26 5.40 1.29
C TYR A 64 4.18 6.70 2.10
N GLN A 65 3.42 7.64 1.57
CA GLN A 65 3.22 8.94 2.19
C GLN A 65 1.86 8.97 2.88
N ILE A 66 1.86 9.02 4.20
CA ILE A 66 0.61 9.02 4.95
C ILE A 66 0.30 10.43 5.47
N ASP A 67 -0.77 11.01 4.96
CA ASP A 67 -1.16 12.36 5.30
C ASP A 67 -2.61 12.39 5.73
N GLY A 68 -2.84 12.68 7.00
CA GLY A 68 -4.18 12.65 7.55
C GLY A 68 -4.76 11.25 7.59
N ASN A 69 -5.77 11.00 6.77
CA ASN A 69 -6.34 9.67 6.63
C ASN A 69 -6.09 9.18 5.22
N THR A 70 -5.19 9.86 4.53
CA THR A 70 -4.87 9.55 3.15
C THR A 70 -3.48 8.96 3.04
N VAL A 71 -3.37 7.89 2.28
CA VAL A 71 -2.10 7.21 2.09
C VAL A 71 -1.74 7.22 0.61
N THR A 72 -0.64 7.87 0.28
CA THR A 72 -0.23 8.03 -1.09
C THR A 72 0.95 7.13 -1.41
N VAL A 73 0.77 6.24 -2.36
CA VAL A 73 1.83 5.36 -2.80
C VAL A 73 2.61 6.03 -3.92
N THR A 74 3.76 6.59 -3.56
CA THR A 74 4.52 7.41 -4.50
C THR A 74 5.87 6.75 -4.80
N ALA A 75 6.49 7.17 -5.90
CA ALA A 75 7.78 6.65 -6.29
C ALA A 75 8.87 7.25 -5.43
N SER A 76 10.05 6.61 -5.42
CA SER A 76 11.16 7.04 -4.59
C SER A 76 11.86 8.26 -5.16
N ALA A 77 11.09 9.30 -5.45
CA ALA A 77 11.65 10.57 -5.89
C ALA A 77 12.35 11.25 -4.72
N ALA A 78 11.82 11.02 -3.54
CA ALA A 78 12.44 11.49 -2.30
C ALA A 78 13.07 10.30 -1.58
N ALA A 79 14.06 9.69 -2.23
CA ALA A 79 14.72 8.51 -1.68
C ALA A 79 15.77 8.90 -0.65
N LYS A 80 15.33 9.58 0.39
CA LYS A 80 16.20 10.02 1.47
C LYS A 80 15.45 9.96 2.79
N ASP A 81 15.21 8.74 3.27
CA ASP A 81 14.46 8.52 4.50
C ASP A 81 15.37 8.58 5.70
N GLY A 82 16.61 8.98 5.47
CA GLY A 82 17.57 9.12 6.53
C GLY A 82 18.76 9.93 6.07
N SER A 1 -4.52 1.69 20.72
CA SER A 1 -4.05 1.10 19.45
C SER A 1 -4.90 -0.09 19.05
N GLN A 2 -5.19 -0.22 17.77
CA GLN A 2 -5.96 -1.35 17.26
C GLN A 2 -5.27 -1.96 16.06
N GLU A 3 -5.38 -3.27 15.92
CA GLU A 3 -4.85 -3.96 14.75
C GLU A 3 -6.00 -4.42 13.87
N TRP A 4 -5.72 -4.62 12.60
CA TRP A 4 -6.74 -4.96 11.65
C TRP A 4 -6.39 -6.23 10.91
N THR A 5 -7.42 -7.00 10.59
CA THR A 5 -7.25 -8.24 9.86
C THR A 5 -7.48 -7.96 8.39
N LEU A 6 -6.39 -7.81 7.66
CA LEU A 6 -6.46 -7.34 6.29
C LEU A 6 -6.32 -8.49 5.30
N ASP A 7 -7.33 -8.65 4.46
CA ASP A 7 -7.27 -9.62 3.38
C ASP A 7 -6.74 -8.94 2.13
N ILE A 8 -5.46 -9.10 1.87
CA ILE A 8 -4.82 -8.48 0.73
C ILE A 8 -4.58 -9.52 -0.37
N PRO A 9 -5.18 -9.30 -1.55
CA PRO A 9 -5.04 -10.21 -2.70
C PRO A 9 -3.64 -10.22 -3.30
N ALA A 10 -3.26 -11.37 -3.82
CA ALA A 10 -1.98 -11.55 -4.51
C ALA A 10 -2.17 -11.43 -6.00
N GLN A 11 -3.21 -10.68 -6.37
CA GLN A 11 -3.52 -10.42 -7.76
C GLN A 11 -2.91 -9.09 -8.15
N SER A 12 -3.46 -8.46 -9.17
CA SER A 12 -3.09 -7.10 -9.52
C SER A 12 -3.20 -6.20 -8.28
N MET A 13 -2.14 -5.42 -8.05
CA MET A 13 -2.06 -4.51 -6.91
C MET A 13 -3.28 -3.61 -6.80
N ASN A 14 -3.92 -3.35 -7.95
CA ASN A 14 -5.16 -2.58 -7.97
C ASN A 14 -6.20 -3.21 -7.06
N SER A 15 -6.26 -4.54 -7.04
CA SER A 15 -7.22 -5.26 -6.22
C SER A 15 -6.83 -5.13 -4.75
N ALA A 16 -5.54 -5.26 -4.49
CA ALA A 16 -5.01 -5.16 -3.13
C ALA A 16 -5.28 -3.80 -2.52
N LEU A 17 -5.10 -2.76 -3.31
CA LEU A 17 -5.31 -1.40 -2.83
C LEU A 17 -6.79 -1.12 -2.58
N GLN A 18 -7.65 -1.62 -3.46
CA GLN A 18 -9.10 -1.52 -3.25
C GLN A 18 -9.50 -2.19 -1.95
N ALA A 19 -8.90 -3.34 -1.70
CA ALA A 19 -9.17 -4.11 -0.49
C ALA A 19 -8.69 -3.36 0.74
N LEU A 20 -7.50 -2.78 0.66
CA LEU A 20 -6.90 -2.10 1.79
C LEU A 20 -7.71 -0.87 2.20
N ALA A 21 -8.05 -0.06 1.20
CA ALA A 21 -8.76 1.20 1.44
C ALA A 21 -10.11 0.93 2.10
N LYS A 22 -10.79 -0.07 1.59
CA LYS A 22 -12.08 -0.50 2.10
C LYS A 22 -11.98 -0.93 3.57
N GLN A 23 -10.92 -1.65 3.90
CA GLN A 23 -10.79 -2.28 5.20
C GLN A 23 -10.39 -1.30 6.30
N THR A 24 -9.59 -0.29 5.97
CA THR A 24 -9.09 0.63 6.99
C THR A 24 -9.69 2.03 6.85
N ASP A 25 -10.60 2.18 5.89
CA ASP A 25 -11.27 3.47 5.62
C ASP A 25 -10.27 4.57 5.35
N THR A 26 -9.20 4.23 4.65
CA THR A 26 -8.13 5.18 4.38
C THR A 26 -8.14 5.63 2.93
N GLN A 27 -7.54 6.78 2.67
CA GLN A 27 -7.45 7.31 1.32
C GLN A 27 -6.10 6.95 0.71
N LEU A 28 -6.14 6.28 -0.44
CA LEU A 28 -4.92 5.89 -1.11
C LEU A 28 -4.72 6.74 -2.36
N LEU A 29 -3.65 7.51 -2.37
CA LEU A 29 -3.34 8.37 -3.50
C LEU A 29 -2.24 7.73 -4.32
N TYR A 30 -2.59 7.27 -5.51
CA TYR A 30 -1.65 6.57 -6.37
C TYR A 30 -2.11 6.65 -7.82
N SER A 31 -1.19 6.46 -8.74
CA SER A 31 -1.52 6.43 -10.14
C SER A 31 -1.49 4.99 -10.65
N PRO A 32 -2.68 4.45 -11.00
CA PRO A 32 -2.83 3.05 -11.42
C PRO A 32 -1.97 2.69 -12.64
N GLU A 33 -1.67 3.68 -13.47
CA GLU A 33 -0.86 3.45 -14.66
C GLU A 33 0.59 3.13 -14.29
N ASP A 34 0.99 3.48 -13.07
CA ASP A 34 2.37 3.29 -12.63
C ASP A 34 2.61 1.89 -12.11
N ILE A 35 1.54 1.12 -11.91
CA ILE A 35 1.69 -0.27 -11.51
C ILE A 35 1.44 -1.20 -12.70
N GLY A 36 0.61 -0.74 -13.63
CA GLY A 36 0.37 -1.48 -14.86
C GLY A 36 -0.31 -2.82 -14.65
N GLY A 37 -0.81 -3.03 -13.44
CA GLY A 37 -1.46 -4.28 -13.11
C GLY A 37 -0.47 -5.37 -12.75
N LEU A 38 0.49 -5.04 -11.89
CA LEU A 38 1.44 -6.02 -11.40
C LEU A 38 0.88 -6.73 -10.17
N ARG A 39 1.34 -7.94 -9.91
CA ARG A 39 0.80 -8.73 -8.81
C ARG A 39 1.46 -8.35 -7.49
N SER A 40 0.63 -8.03 -6.52
CA SER A 40 1.11 -7.66 -5.20
C SER A 40 1.31 -8.90 -4.34
N SER A 41 2.09 -8.76 -3.28
CA SER A 41 2.35 -9.86 -2.38
C SER A 41 1.32 -9.88 -1.26
N ALA A 42 0.51 -10.92 -1.25
CA ALA A 42 -0.60 -11.04 -0.31
C ALA A 42 -0.13 -10.98 1.14
N LEU A 43 -0.48 -9.91 1.83
CA LEU A 43 -0.20 -9.78 3.25
C LEU A 43 -1.50 -9.88 4.03
N LYS A 44 -1.93 -11.11 4.29
CA LYS A 44 -3.17 -11.36 5.01
C LYS A 44 -2.86 -11.71 6.45
N GLY A 45 -3.30 -10.86 7.36
CA GLY A 45 -3.09 -11.12 8.76
C GLY A 45 -3.51 -9.96 9.63
N ARG A 46 -3.05 -9.98 10.87
CA ARG A 46 -3.39 -8.95 11.83
C ARG A 46 -2.26 -7.92 11.89
N HIS A 47 -2.48 -6.76 11.29
CA HIS A 47 -1.47 -5.72 11.23
C HIS A 47 -2.09 -4.35 11.49
N ASP A 48 -1.33 -3.50 12.17
CA ASP A 48 -1.68 -2.09 12.29
C ASP A 48 -1.41 -1.40 10.95
N LEU A 49 -1.99 -0.22 10.74
CA LEU A 49 -1.87 0.47 9.45
C LEU A 49 -0.39 0.67 9.09
N GLN A 50 0.37 1.23 10.02
CA GLN A 50 1.79 1.48 9.82
C GLN A 50 2.55 0.18 9.53
N SER A 51 2.14 -0.88 10.24
CA SER A 51 2.77 -2.19 10.07
C SER A 51 2.55 -2.70 8.64
N SER A 52 1.29 -2.69 8.22
CA SER A 52 0.92 -3.21 6.91
C SER A 52 1.60 -2.44 5.79
N LEU A 53 1.51 -1.11 5.84
CA LEU A 53 2.02 -0.26 4.77
C LEU A 53 3.52 -0.44 4.55
N ARG A 54 4.26 -0.61 5.63
CA ARG A 54 5.72 -0.72 5.53
C ARG A 54 6.11 -2.07 4.93
N ILE A 55 5.52 -3.14 5.44
CA ILE A 55 5.86 -4.49 5.00
C ILE A 55 5.43 -4.70 3.55
N LEU A 56 4.30 -4.13 3.17
CA LEU A 56 3.78 -4.25 1.82
C LEU A 56 4.60 -3.45 0.82
N LEU A 57 5.20 -2.35 1.31
CA LEU A 57 6.01 -1.48 0.45
C LEU A 57 7.31 -2.15 0.06
N GLN A 58 7.95 -2.77 1.06
CA GLN A 58 9.24 -3.44 0.87
C GLN A 58 9.25 -4.34 -0.36
N GLY A 59 9.95 -3.90 -1.41
CA GLY A 59 10.04 -4.68 -2.62
C GLY A 59 9.53 -3.95 -3.85
N THR A 60 8.71 -2.92 -3.64
CA THR A 60 8.09 -2.22 -4.75
C THR A 60 8.92 -1.00 -5.21
N GLY A 61 9.97 -0.68 -4.45
CA GLY A 61 10.80 0.47 -4.77
C GLY A 61 10.05 1.79 -4.68
N LEU A 62 8.92 1.78 -4.01
CA LEU A 62 8.09 2.97 -3.89
C LEU A 62 8.21 3.57 -2.49
N ARG A 63 7.60 4.74 -2.30
CA ARG A 63 7.56 5.39 -1.01
C ARG A 63 6.12 5.56 -0.53
N TYR A 64 5.86 5.18 0.70
CA TYR A 64 4.54 5.38 1.28
C TYR A 64 4.56 6.62 2.19
N GLN A 65 3.75 7.59 1.84
CA GLN A 65 3.59 8.77 2.69
C GLN A 65 2.31 8.62 3.49
N ILE A 66 2.44 8.40 4.78
CA ILE A 66 1.30 8.24 5.65
C ILE A 66 1.09 9.48 6.51
N ASP A 67 -0.01 10.18 6.27
CA ASP A 67 -0.31 11.40 6.98
C ASP A 67 -1.76 11.37 7.46
N GLY A 68 -1.96 11.05 8.73
CA GLY A 68 -3.30 10.93 9.28
C GLY A 68 -4.08 9.79 8.66
N ASN A 69 -5.03 10.14 7.80
CA ASN A 69 -5.84 9.15 7.10
C ASN A 69 -5.50 9.15 5.62
N THR A 70 -4.47 9.91 5.28
CA THR A 70 -4.05 10.07 3.90
C THR A 70 -2.79 9.27 3.63
N VAL A 71 -2.88 8.34 2.68
CA VAL A 71 -1.74 7.53 2.29
C VAL A 71 -1.37 7.83 0.84
N THR A 72 -0.15 8.24 0.62
CA THR A 72 0.30 8.61 -0.71
C THR A 72 1.38 7.65 -1.21
N VAL A 73 1.18 7.10 -2.39
CA VAL A 73 2.17 6.21 -2.99
C VAL A 73 3.00 6.98 -4.01
N THR A 74 4.24 7.28 -3.63
CA THR A 74 5.13 8.07 -4.45
C THR A 74 6.27 7.20 -4.98
N ALA A 75 6.65 7.42 -6.23
CA ALA A 75 7.76 6.67 -6.82
C ALA A 75 9.09 7.25 -6.36
N SER A 76 9.94 6.39 -5.78
CA SER A 76 11.24 6.83 -5.30
C SER A 76 12.24 6.89 -6.45
N ALA A 77 12.87 8.05 -6.61
CA ALA A 77 13.84 8.25 -7.67
C ALA A 77 15.25 7.94 -7.19
N ALA A 78 16.07 7.43 -8.09
CA ALA A 78 17.47 7.16 -7.79
C ALA A 78 18.35 8.27 -8.37
N ALA A 79 19.56 8.41 -7.83
CA ALA A 79 20.49 9.46 -8.24
C ALA A 79 19.83 10.84 -8.10
N LYS A 80 19.04 10.99 -7.05
CA LYS A 80 18.30 12.22 -6.81
C LYS A 80 19.13 13.20 -5.99
N ASP A 81 20.18 12.68 -5.37
CA ASP A 81 21.01 13.48 -4.48
C ASP A 81 22.47 13.09 -4.64
N GLY A 82 22.70 11.82 -4.93
CA GLY A 82 24.03 11.34 -5.19
C GLY A 82 24.09 9.83 -5.14
N SER A 1 -1.04 1.77 18.57
CA SER A 1 -1.09 1.05 17.28
C SER A 1 -2.19 0.00 17.31
N GLN A 2 -3.37 0.36 16.83
CA GLN A 2 -4.47 -0.60 16.75
C GLN A 2 -4.28 -1.50 15.54
N GLU A 3 -4.68 -2.75 15.67
CA GLU A 3 -4.46 -3.71 14.62
C GLU A 3 -5.76 -4.09 13.95
N TRP A 4 -5.65 -4.58 12.72
CA TRP A 4 -6.80 -5.07 11.98
C TRP A 4 -6.42 -6.37 11.29
N THR A 5 -7.40 -7.20 11.01
CA THR A 5 -7.15 -8.43 10.29
C THR A 5 -7.41 -8.20 8.82
N LEU A 6 -6.35 -7.96 8.09
CA LEU A 6 -6.45 -7.49 6.71
C LEU A 6 -6.34 -8.66 5.75
N ASP A 7 -7.41 -8.85 4.97
CA ASP A 7 -7.40 -9.86 3.94
C ASP A 7 -7.00 -9.23 2.62
N ILE A 8 -5.74 -9.36 2.26
CA ILE A 8 -5.21 -8.70 1.08
C ILE A 8 -4.98 -9.71 -0.04
N PRO A 9 -5.51 -9.42 -1.23
CA PRO A 9 -5.32 -10.24 -2.43
C PRO A 9 -3.88 -10.24 -2.92
N ALA A 10 -3.51 -11.30 -3.63
CA ALA A 10 -2.16 -11.44 -4.17
C ALA A 10 -2.18 -11.18 -5.67
N GLN A 11 -3.12 -10.34 -6.07
CA GLN A 11 -3.33 -10.02 -7.47
C GLN A 11 -2.71 -8.68 -7.80
N SER A 12 -3.11 -8.09 -8.92
CA SER A 12 -2.67 -6.75 -9.27
C SER A 12 -3.02 -5.77 -8.15
N MET A 13 -2.12 -4.82 -7.92
CA MET A 13 -2.26 -3.79 -6.88
C MET A 13 -3.63 -3.12 -6.89
N ASN A 14 -4.27 -3.11 -8.05
CA ASN A 14 -5.61 -2.52 -8.19
C ASN A 14 -6.58 -3.10 -7.16
N SER A 15 -6.58 -4.42 -7.02
CA SER A 15 -7.50 -5.10 -6.13
C SER A 15 -7.01 -4.99 -4.69
N ALA A 16 -5.72 -5.19 -4.50
CA ALA A 16 -5.12 -5.19 -3.16
C ALA A 16 -5.32 -3.85 -2.46
N LEU A 17 -5.02 -2.76 -3.16
CA LEU A 17 -5.15 -1.42 -2.57
C LEU A 17 -6.61 -1.08 -2.30
N GLN A 18 -7.48 -1.49 -3.21
CA GLN A 18 -8.91 -1.30 -3.04
C GLN A 18 -9.42 -2.05 -1.81
N ALA A 19 -8.94 -3.27 -1.64
CA ALA A 19 -9.32 -4.09 -0.50
C ALA A 19 -8.80 -3.51 0.79
N LEU A 20 -7.57 -3.02 0.77
CA LEU A 20 -6.92 -2.49 1.96
C LEU A 20 -7.62 -1.23 2.45
N ALA A 21 -8.02 -0.39 1.49
CA ALA A 21 -8.62 0.91 1.79
C ALA A 21 -9.92 0.74 2.55
N LYS A 22 -10.83 -0.04 1.97
CA LYS A 22 -12.16 -0.23 2.53
C LYS A 22 -12.13 -0.98 3.86
N GLN A 23 -11.04 -1.72 4.11
CA GLN A 23 -10.91 -2.48 5.35
C GLN A 23 -10.44 -1.59 6.50
N THR A 24 -9.76 -0.49 6.19
CA THR A 24 -9.23 0.37 7.24
C THR A 24 -9.83 1.76 7.18
N ASP A 25 -10.79 1.96 6.28
CA ASP A 25 -11.46 3.25 6.08
C ASP A 25 -10.44 4.33 5.73
N THR A 26 -9.40 3.95 5.01
CA THR A 26 -8.33 4.87 4.67
C THR A 26 -8.43 5.30 3.20
N GLN A 27 -7.75 6.38 2.87
CA GLN A 27 -7.69 6.84 1.50
C GLN A 27 -6.32 6.53 0.93
N LEU A 28 -6.29 5.70 -0.09
CA LEU A 28 -5.03 5.31 -0.71
C LEU A 28 -4.90 6.00 -2.05
N LEU A 29 -3.92 6.87 -2.15
CA LEU A 29 -3.71 7.65 -3.36
C LEU A 29 -2.53 7.07 -4.14
N TYR A 30 -2.82 6.56 -5.31
CA TYR A 30 -1.82 5.93 -6.14
C TYR A 30 -1.98 6.38 -7.58
N SER A 31 -1.03 6.04 -8.42
CA SER A 31 -1.11 6.39 -9.83
C SER A 31 -0.84 5.16 -10.69
N PRO A 32 -1.64 4.92 -11.74
CA PRO A 32 -1.55 3.72 -12.57
C PRO A 32 -0.12 3.43 -13.02
N GLU A 33 0.52 4.42 -13.62
CA GLU A 33 1.87 4.29 -14.13
C GLU A 33 2.91 4.20 -13.01
N ASP A 34 2.49 4.45 -11.77
CA ASP A 34 3.40 4.43 -10.63
C ASP A 34 3.37 3.08 -9.95
N ILE A 35 2.43 2.24 -10.36
CA ILE A 35 2.31 0.89 -9.80
C ILE A 35 2.48 -0.16 -10.89
N GLY A 36 2.09 0.19 -12.12
CA GLY A 36 2.27 -0.70 -13.24
C GLY A 36 1.28 -1.85 -13.26
N GLY A 37 0.43 -1.90 -12.25
CA GLY A 37 -0.54 -2.97 -12.15
C GLY A 37 0.11 -4.32 -11.89
N LEU A 38 1.12 -4.33 -11.04
CA LEU A 38 1.84 -5.56 -10.75
C LEU A 38 1.22 -6.28 -9.55
N ARG A 39 1.55 -7.56 -9.39
CA ARG A 39 1.02 -8.34 -8.28
C ARG A 39 1.75 -7.97 -7.00
N SER A 40 0.98 -7.51 -6.02
CA SER A 40 1.54 -7.00 -4.79
C SER A 40 1.81 -8.12 -3.79
N SER A 41 2.58 -7.80 -2.77
CA SER A 41 2.92 -8.76 -1.73
C SER A 41 1.82 -8.74 -0.68
N ALA A 42 0.87 -9.66 -0.82
CA ALA A 42 -0.31 -9.69 0.02
C ALA A 42 0.05 -9.76 1.49
N LEU A 43 -0.51 -8.84 2.27
CA LEU A 43 -0.33 -8.84 3.71
C LEU A 43 -1.60 -9.39 4.35
N LYS A 44 -1.65 -10.71 4.41
CA LYS A 44 -2.83 -11.43 4.87
C LYS A 44 -2.66 -11.82 6.34
N GLY A 45 -3.17 -11.00 7.23
CA GLY A 45 -3.04 -11.29 8.65
C GLY A 45 -3.50 -10.14 9.51
N ARG A 46 -3.11 -10.16 10.78
CA ARG A 46 -3.48 -9.10 11.71
C ARG A 46 -2.26 -8.28 12.09
N HIS A 47 -2.23 -7.03 11.68
CA HIS A 47 -1.11 -6.15 12.00
C HIS A 47 -1.54 -4.69 12.09
N ASP A 48 -0.64 -3.87 12.59
CA ASP A 48 -0.84 -2.43 12.66
C ASP A 48 -0.81 -1.82 11.28
N LEU A 49 -1.49 -0.69 11.10
CA LEU A 49 -1.67 -0.08 9.78
C LEU A 49 -0.31 0.22 9.13
N GLN A 50 0.48 1.06 9.78
CA GLN A 50 1.79 1.45 9.25
C GLN A 50 2.68 0.22 9.07
N SER A 51 2.58 -0.71 10.01
CA SER A 51 3.36 -1.94 9.97
C SER A 51 3.06 -2.76 8.71
N SER A 52 1.77 -2.94 8.42
CA SER A 52 1.37 -3.71 7.24
C SER A 52 1.86 -3.05 5.96
N LEU A 53 1.80 -1.72 5.92
CA LEU A 53 2.20 -0.96 4.75
C LEU A 53 3.68 -1.14 4.46
N ARG A 54 4.51 -1.04 5.48
CA ARG A 54 5.95 -1.14 5.32
C ARG A 54 6.36 -2.54 4.87
N ILE A 55 5.69 -3.56 5.40
CA ILE A 55 5.97 -4.93 4.99
C ILE A 55 5.52 -5.17 3.55
N LEU A 56 4.45 -4.50 3.15
CA LEU A 56 3.92 -4.63 1.80
C LEU A 56 4.83 -3.91 0.81
N LEU A 57 5.20 -2.67 1.14
CA LEU A 57 6.03 -1.85 0.26
C LEU A 57 7.51 -1.91 0.65
N GLN A 58 7.86 -2.99 1.35
CA GLN A 58 9.24 -3.26 1.76
C GLN A 58 10.23 -3.17 0.58
N GLY A 59 10.84 -2.00 0.40
CA GLY A 59 11.87 -1.85 -0.62
C GLY A 59 11.32 -1.86 -2.04
N THR A 60 10.19 -1.20 -2.25
CA THR A 60 9.60 -1.12 -3.57
C THR A 60 10.13 0.06 -4.39
N GLY A 61 11.08 0.80 -3.82
CA GLY A 61 11.65 1.94 -4.50
C GLY A 61 10.67 3.08 -4.69
N LEU A 62 9.53 2.98 -4.03
CA LEU A 62 8.49 4.00 -4.12
C LEU A 62 8.39 4.75 -2.80
N ARG A 63 7.71 5.88 -2.82
CA ARG A 63 7.55 6.68 -1.61
C ARG A 63 6.10 6.66 -1.16
N TYR A 64 5.90 6.25 0.09
CA TYR A 64 4.57 6.32 0.68
C TYR A 64 4.49 7.51 1.62
N GLN A 65 3.31 8.10 1.71
CA GLN A 65 3.07 9.23 2.59
C GLN A 65 1.83 8.98 3.41
N ILE A 66 2.01 8.66 4.69
CA ILE A 66 0.88 8.36 5.55
C ILE A 66 0.70 9.45 6.60
N ASP A 67 -0.40 10.16 6.50
CA ASP A 67 -0.74 11.20 7.47
C ASP A 67 -2.25 11.44 7.46
N GLY A 68 -2.84 11.52 8.64
CA GLY A 68 -4.27 11.67 8.75
C GLY A 68 -4.99 10.45 8.20
N ASN A 69 -5.84 10.65 7.21
CA ASN A 69 -6.51 9.54 6.54
C ASN A 69 -5.97 9.39 5.14
N THR A 70 -4.83 9.98 4.89
CA THR A 70 -4.23 9.98 3.56
C THR A 70 -2.97 9.12 3.50
N VAL A 71 -2.97 8.16 2.59
CA VAL A 71 -1.79 7.36 2.31
C VAL A 71 -1.49 7.42 0.82
N THR A 72 -0.43 8.12 0.45
CA THR A 72 -0.10 8.33 -0.95
C THR A 72 1.11 7.50 -1.36
N VAL A 73 0.97 6.78 -2.47
CA VAL A 73 2.06 5.97 -3.00
C VAL A 73 2.50 6.53 -4.35
N THR A 74 3.65 7.19 -4.35
CA THR A 74 4.17 7.81 -5.56
C THR A 74 5.59 7.33 -5.84
N ALA A 75 5.96 7.28 -7.12
CA ALA A 75 7.29 6.86 -7.52
C ALA A 75 8.32 7.91 -7.14
N SER A 76 9.40 7.45 -6.50
CA SER A 76 10.47 8.33 -6.07
C SER A 76 11.12 9.04 -7.25
N ALA A 77 11.31 8.30 -8.34
CA ALA A 77 11.87 8.85 -9.57
C ALA A 77 11.73 7.85 -10.70
N ALA A 78 10.63 7.96 -11.44
CA ALA A 78 10.38 7.06 -12.57
C ALA A 78 10.86 7.69 -13.88
N ALA A 79 11.92 8.49 -13.78
CA ALA A 79 12.49 9.15 -14.94
C ALA A 79 13.51 8.24 -15.62
N LYS A 80 14.11 8.74 -16.70
CA LYS A 80 15.12 8.01 -17.47
C LYS A 80 14.46 6.90 -18.29
N ASP A 81 13.95 5.89 -17.60
CA ASP A 81 13.26 4.78 -18.25
C ASP A 81 11.76 4.96 -18.21
N GLY A 82 11.32 6.21 -18.21
CA GLY A 82 9.90 6.50 -18.17
C GLY A 82 9.62 7.92 -18.64
N SER A 1 -1.66 -0.94 20.48
CA SER A 1 -2.21 -0.47 19.21
C SER A 1 -3.28 -1.44 18.71
N GLN A 2 -4.37 -0.91 18.19
CA GLN A 2 -5.45 -1.73 17.66
C GLN A 2 -5.00 -2.43 16.38
N GLU A 3 -5.23 -3.73 16.33
CA GLU A 3 -4.82 -4.54 15.19
C GLU A 3 -6.04 -4.97 14.39
N TRP A 4 -5.83 -5.21 13.11
CA TRP A 4 -6.91 -5.57 12.22
C TRP A 4 -6.58 -6.84 11.47
N THR A 5 -7.61 -7.59 11.12
CA THR A 5 -7.45 -8.78 10.31
C THR A 5 -7.71 -8.42 8.85
N LEU A 6 -6.64 -8.18 8.12
CA LEU A 6 -6.74 -7.67 6.77
C LEU A 6 -6.64 -8.82 5.78
N ASP A 7 -7.65 -8.97 4.93
CA ASP A 7 -7.58 -9.92 3.84
C ASP A 7 -7.04 -9.23 2.60
N ILE A 8 -5.77 -9.45 2.31
CA ILE A 8 -5.10 -8.76 1.22
C ILE A 8 -4.80 -9.73 0.07
N PRO A 9 -5.26 -9.39 -1.13
CA PRO A 9 -5.03 -10.17 -2.36
C PRO A 9 -3.55 -10.17 -2.79
N ALA A 10 -3.22 -11.08 -3.70
CA ALA A 10 -1.85 -11.20 -4.20
C ALA A 10 -1.78 -10.95 -5.71
N GLN A 11 -2.78 -10.25 -6.21
CA GLN A 11 -2.81 -9.87 -7.61
C GLN A 11 -2.41 -8.41 -7.77
N SER A 12 -2.81 -7.79 -8.87
CA SER A 12 -2.50 -6.38 -9.13
C SER A 12 -2.90 -5.49 -7.95
N MET A 13 -2.02 -4.52 -7.66
CA MET A 13 -2.21 -3.56 -6.57
C MET A 13 -3.60 -2.98 -6.57
N ASN A 14 -4.20 -2.84 -7.74
CA ASN A 14 -5.53 -2.26 -7.87
C ASN A 14 -6.50 -2.92 -6.90
N SER A 15 -6.42 -4.25 -6.80
CA SER A 15 -7.31 -5.00 -5.93
C SER A 15 -6.84 -4.89 -4.48
N ALA A 16 -5.54 -5.10 -4.27
CA ALA A 16 -4.98 -5.14 -2.92
C ALA A 16 -5.11 -3.79 -2.21
N LEU A 17 -4.81 -2.72 -2.94
CA LEU A 17 -4.85 -1.40 -2.38
C LEU A 17 -6.27 -1.00 -2.01
N GLN A 18 -7.21 -1.19 -2.94
CA GLN A 18 -8.62 -0.90 -2.65
C GLN A 18 -9.14 -1.78 -1.52
N ALA A 19 -8.62 -2.99 -1.42
CA ALA A 19 -8.98 -3.90 -0.34
C ALA A 19 -8.47 -3.38 0.99
N LEU A 20 -7.24 -2.90 1.01
CA LEU A 20 -6.62 -2.39 2.23
C LEU A 20 -7.31 -1.11 2.68
N ALA A 21 -7.69 -0.29 1.69
CA ALA A 21 -8.32 0.99 1.94
C ALA A 21 -9.61 0.80 2.73
N LYS A 22 -10.57 0.12 2.12
CA LYS A 22 -11.87 -0.11 2.75
C LYS A 22 -11.75 -0.97 4.01
N GLN A 23 -10.66 -1.72 4.12
CA GLN A 23 -10.42 -2.55 5.30
C GLN A 23 -10.20 -1.67 6.53
N THR A 24 -9.62 -0.50 6.31
CA THR A 24 -9.36 0.42 7.40
C THR A 24 -10.13 1.74 7.19
N ASP A 25 -11.04 1.72 6.21
CA ASP A 25 -11.82 2.89 5.82
C ASP A 25 -10.92 4.09 5.53
N THR A 26 -9.81 3.82 4.85
CA THR A 26 -8.85 4.85 4.52
C THR A 26 -8.94 5.25 3.05
N GLN A 27 -8.06 6.16 2.64
CA GLN A 27 -8.04 6.64 1.27
C GLN A 27 -6.65 6.45 0.68
N LEU A 28 -6.59 5.85 -0.49
CA LEU A 28 -5.31 5.61 -1.13
C LEU A 28 -5.21 6.38 -2.44
N LEU A 29 -4.15 7.13 -2.61
CA LEU A 29 -3.92 7.90 -3.81
C LEU A 29 -2.77 7.28 -4.59
N TYR A 30 -3.08 6.73 -5.75
CA TYR A 30 -2.08 6.03 -6.55
C TYR A 30 -2.47 6.08 -8.02
N SER A 31 -1.48 6.02 -8.88
CA SER A 31 -1.70 6.01 -10.32
C SER A 31 -1.45 4.61 -10.86
N PRO A 32 -2.52 3.94 -11.34
CA PRO A 32 -2.45 2.56 -11.84
C PRO A 32 -1.38 2.33 -12.90
N GLU A 33 -1.15 3.35 -13.74
CA GLU A 33 -0.14 3.26 -14.78
C GLU A 33 1.27 3.41 -14.19
N ASP A 34 1.36 4.09 -13.06
CA ASP A 34 2.65 4.45 -12.48
C ASP A 34 3.10 3.40 -11.46
N ILE A 35 2.18 2.52 -11.09
CA ILE A 35 2.50 1.42 -10.19
C ILE A 35 2.82 0.17 -10.99
N GLY A 36 2.88 0.33 -12.31
CA GLY A 36 3.31 -0.74 -13.20
C GLY A 36 2.43 -1.98 -13.15
N GLY A 37 1.24 -1.85 -12.58
CA GLY A 37 0.36 -3.00 -12.43
C GLY A 37 1.04 -4.15 -11.70
N LEU A 38 1.76 -3.82 -10.64
CA LEU A 38 2.52 -4.79 -9.89
C LEU A 38 1.60 -5.62 -8.99
N ARG A 39 1.97 -6.87 -8.76
CA ARG A 39 1.22 -7.71 -7.85
C ARG A 39 1.66 -7.47 -6.42
N SER A 40 0.73 -7.53 -5.51
CA SER A 40 1.01 -7.36 -4.11
C SER A 40 1.45 -8.66 -3.49
N SER A 41 2.20 -8.55 -2.40
CA SER A 41 2.58 -9.72 -1.64
C SER A 41 1.48 -10.04 -0.64
N ALA A 42 1.00 -11.27 -0.68
CA ALA A 42 -0.11 -11.69 0.16
C ALA A 42 0.20 -11.47 1.63
N LEU A 43 -0.26 -10.35 2.15
CA LEU A 43 -0.09 -10.06 3.56
C LEU A 43 -1.44 -9.96 4.22
N LYS A 44 -2.00 -11.10 4.56
CA LYS A 44 -3.28 -11.12 5.19
C LYS A 44 -3.18 -11.76 6.57
N GLY A 45 -3.53 -11.00 7.58
CA GLY A 45 -3.37 -11.42 8.95
C GLY A 45 -3.70 -10.32 9.92
N ARG A 46 -3.25 -10.46 11.14
CA ARG A 46 -3.54 -9.49 12.20
C ARG A 46 -2.37 -8.52 12.34
N HIS A 47 -2.55 -7.29 11.87
CA HIS A 47 -1.48 -6.29 11.87
C HIS A 47 -2.03 -4.92 12.22
N ASP A 48 -1.15 -4.02 12.63
CA ASP A 48 -1.53 -2.62 12.85
C ASP A 48 -1.41 -1.86 11.55
N LEU A 49 -1.97 -0.65 11.50
CA LEU A 49 -2.04 0.13 10.27
C LEU A 49 -0.65 0.38 9.69
N GLN A 50 0.23 0.97 10.50
CA GLN A 50 1.56 1.35 10.05
C GLN A 50 2.35 0.16 9.55
N SER A 51 2.33 -0.93 10.31
CA SER A 51 3.05 -2.13 9.94
C SER A 51 2.55 -2.67 8.60
N SER A 52 1.25 -2.65 8.42
CA SER A 52 0.64 -3.13 7.18
C SER A 52 1.11 -2.31 5.99
N LEU A 53 1.05 -0.98 6.11
CA LEU A 53 1.47 -0.10 5.04
C LEU A 53 2.96 -0.25 4.76
N ARG A 54 3.75 -0.28 5.83
CA ARG A 54 5.19 -0.38 5.73
C ARG A 54 5.62 -1.67 5.05
N ILE A 55 5.06 -2.79 5.49
CA ILE A 55 5.46 -4.10 4.96
C ILE A 55 4.95 -4.32 3.54
N LEU A 56 3.76 -3.81 3.25
CA LEU A 56 3.14 -4.03 1.94
C LEU A 56 3.93 -3.32 0.84
N LEU A 57 4.28 -2.05 1.08
CA LEU A 57 5.03 -1.27 0.09
C LEU A 57 6.52 -1.63 0.12
N GLN A 58 6.98 -2.14 1.25
CA GLN A 58 8.34 -2.62 1.39
C GLN A 58 8.69 -3.63 0.29
N GLY A 59 9.55 -3.22 -0.63
CA GLY A 59 9.97 -4.11 -1.70
C GLY A 59 9.09 -4.00 -2.91
N THR A 60 9.10 -2.82 -3.53
CA THR A 60 8.24 -2.55 -4.68
C THR A 60 8.95 -1.63 -5.68
N GLY A 61 9.72 -0.68 -5.15
CA GLY A 61 10.31 0.33 -6.00
C GLY A 61 9.52 1.63 -5.91
N LEU A 62 8.56 1.66 -4.99
CA LEU A 62 7.70 2.82 -4.82
C LEU A 62 7.89 3.42 -3.43
N ARG A 63 7.48 4.67 -3.27
CA ARG A 63 7.56 5.37 -1.99
C ARG A 63 6.16 5.67 -1.46
N TYR A 64 5.90 5.25 -0.24
CA TYR A 64 4.60 5.46 0.37
C TYR A 64 4.62 6.65 1.33
N GLN A 65 3.51 7.36 1.39
CA GLN A 65 3.37 8.51 2.27
C GLN A 65 2.04 8.43 3.01
N ILE A 66 2.09 8.52 4.33
CA ILE A 66 0.87 8.48 5.12
C ILE A 66 0.48 9.88 5.59
N ASP A 67 -0.73 10.28 5.25
CA ASP A 67 -1.26 11.58 5.64
C ASP A 67 -2.62 11.42 6.31
N GLY A 68 -2.60 11.28 7.63
CA GLY A 68 -3.84 11.09 8.38
C GLY A 68 -4.49 9.76 8.07
N ASN A 69 -5.50 9.80 7.20
CA ASN A 69 -6.20 8.59 6.78
C ASN A 69 -6.05 8.41 5.27
N THR A 70 -5.19 9.24 4.69
CA THR A 70 -4.90 9.16 3.26
C THR A 70 -3.47 8.69 3.06
N VAL A 71 -3.27 7.80 2.10
CA VAL A 71 -1.94 7.27 1.82
C VAL A 71 -1.61 7.47 0.35
N THR A 72 -0.40 7.91 0.09
CA THR A 72 0.02 8.22 -1.28
C THR A 72 1.08 7.23 -1.73
N VAL A 73 0.89 6.66 -2.92
CA VAL A 73 1.84 5.72 -3.49
C VAL A 73 2.41 6.27 -4.79
N THR A 74 3.69 6.63 -4.77
CA THR A 74 4.35 7.18 -5.94
C THR A 74 5.66 6.43 -6.19
N ALA A 75 6.09 6.39 -7.45
CA ALA A 75 7.30 5.69 -7.82
C ALA A 75 8.55 6.45 -7.36
N SER A 76 9.54 5.71 -6.90
CA SER A 76 10.80 6.31 -6.47
C SER A 76 11.56 6.88 -7.66
N ALA A 77 11.40 8.17 -7.89
CA ALA A 77 12.08 8.84 -8.99
C ALA A 77 12.66 10.17 -8.53
N ALA A 78 13.10 10.21 -7.27
CA ALA A 78 13.62 11.43 -6.69
C ALA A 78 14.83 11.11 -5.81
N ALA A 79 16.00 11.03 -6.41
CA ALA A 79 17.21 10.67 -5.69
C ALA A 79 18.19 11.84 -5.68
N LYS A 80 17.68 13.04 -5.86
CA LYS A 80 18.52 14.23 -5.81
C LYS A 80 18.38 14.92 -4.46
N ASP A 81 17.26 15.60 -4.26
CA ASP A 81 17.02 16.30 -3.01
C ASP A 81 16.24 15.40 -2.06
N GLY A 82 16.90 14.35 -1.60
CA GLY A 82 16.28 13.42 -0.68
C GLY A 82 17.25 12.33 -0.30
#